data_4RS8
# 
_entry.id   4RS8 
# 
_audit_conform.dict_name       mmcif_pdbx.dic 
_audit_conform.dict_version    5.387 
_audit_conform.dict_location   http://mmcif.pdb.org/dictionaries/ascii/mmcif_pdbx.dic 
# 
loop_
_database_2.database_id 
_database_2.database_code 
_database_2.pdbx_database_accession 
_database_2.pdbx_DOI 
PDB   4RS8         pdb_00004rs8 10.2210/pdb4rs8/pdb 
RCSB  RCSB087733   ?            ?                   
WWPDB D_1000087733 ?            ?                   
# 
loop_
_pdbx_audit_revision_history.ordinal 
_pdbx_audit_revision_history.data_content_type 
_pdbx_audit_revision_history.major_revision 
_pdbx_audit_revision_history.minor_revision 
_pdbx_audit_revision_history.revision_date 
1 'Structure model' 1 0 2015-09-16 
2 'Structure model' 1 1 2024-02-28 
# 
_pdbx_audit_revision_details.ordinal             1 
_pdbx_audit_revision_details.revision_ordinal    1 
_pdbx_audit_revision_details.data_content_type   'Structure model' 
_pdbx_audit_revision_details.provider            repository 
_pdbx_audit_revision_details.type                'Initial release' 
_pdbx_audit_revision_details.description         ? 
_pdbx_audit_revision_details.details             ? 
# 
loop_
_pdbx_audit_revision_group.ordinal 
_pdbx_audit_revision_group.revision_ordinal 
_pdbx_audit_revision_group.data_content_type 
_pdbx_audit_revision_group.group 
1 2 'Structure model' 'Data collection'     
2 2 'Structure model' 'Database references' 
# 
loop_
_pdbx_audit_revision_category.ordinal 
_pdbx_audit_revision_category.revision_ordinal 
_pdbx_audit_revision_category.data_content_type 
_pdbx_audit_revision_category.category 
1 2 'Structure model' chem_comp_atom     
2 2 'Structure model' chem_comp_bond     
3 2 'Structure model' database_2         
4 2 'Structure model' struct_ref_seq_dif 
# 
loop_
_pdbx_audit_revision_item.ordinal 
_pdbx_audit_revision_item.revision_ordinal 
_pdbx_audit_revision_item.data_content_type 
_pdbx_audit_revision_item.item 
1 2 'Structure model' '_database_2.pdbx_DOI'                
2 2 'Structure model' '_database_2.pdbx_database_accession' 
3 2 'Structure model' '_struct_ref_seq_dif.details'         
# 
_pdbx_database_status.entry_id                        4RS8 
_pdbx_database_status.deposit_site                    RCSB 
_pdbx_database_status.process_site                    RCSB 
_pdbx_database_status.recvd_initial_deposition_date   2014-11-07 
_pdbx_database_status.status_code                     REL 
_pdbx_database_status.status_code_sf                  REL 
_pdbx_database_status.status_code_mr                  ? 
_pdbx_database_status.SG_entry                        ? 
_pdbx_database_status.status_code_cs                  ? 
_pdbx_database_status.methods_development_category    ? 
_pdbx_database_status.pdb_format_compatible           Y 
_pdbx_database_status.status_code_nmr_data            ? 
# 
loop_
_pdbx_database_related.db_name 
_pdbx_database_related.db_id 
_pdbx_database_related.details 
_pdbx_database_related.content_type 
PDB 4RS7 . unspecified 
PDB 4RSB . unspecified 
PDB 4RSF . unspecified 
# 
loop_
_audit_author.name 
_audit_author.pdbx_ordinal 
'Schumacher, M.A.' 1 
'Lee, J.'          2 
'Chinnam, N.B.'    3 
'Barilla, D.'      4 
# 
_citation.id                        primary 
_citation.title                     'Structures of archaeal DNA segregation machinery reveal bacterial and eukaryotic linkages.' 
_citation.journal_abbrev            Science 
_citation.journal_volume            349 
_citation.page_first                1120 
_citation.page_last                 1124 
_citation.year                      2015 
_citation.journal_id_ASTM           SCIEAS 
_citation.country                   US 
_citation.journal_id_ISSN           0036-8075 
_citation.journal_id_CSD            0038 
_citation.book_publisher            ? 
_citation.pdbx_database_id_PubMed   26339031 
_citation.pdbx_database_id_DOI      10.1126/science.aaa9046 
# 
loop_
_citation_author.citation_id 
_citation_author.name 
_citation_author.ordinal 
_citation_author.identifier_ORCID 
primary 'Schumacher, M.A.'          1  ? 
primary 'Tonthat, N.K.'             2  ? 
primary 'Lee, J.'                   3  ? 
primary 'Rodriguez-Castaneda, F.A.' 4  ? 
primary 'Chinnam, N.B.'             5  ? 
primary 'Kalliomaa-Sanford, A.K.'   6  ? 
primary 'Ng, I.W.'                  7  ? 
primary 'Barge, M.T.'               8  ? 
primary 'Shaw, P.L.'                9  ? 
primary 'Barilla, D.'               10 ? 
# 
loop_
_entity.id 
_entity.type 
_entity.src_method 
_entity.pdbx_description 
_entity.formula_weight 
_entity.pdbx_number_of_molecules 
_entity.pdbx_ec 
_entity.pdbx_mutation 
_entity.pdbx_fragment 
_entity.details 
1 polymer man AspA  9754.432 2   ? ? 'UNP residues 9-92' ? 
2 water   nat water 18.015   100 ? ? ?                   ? 
# 
_entity_poly.entity_id                      1 
_entity_poly.type                           'polypeptide(L)' 
_entity_poly.nstd_linkage                   no 
_entity_poly.nstd_monomer                   no 
_entity_poly.pdbx_seq_one_letter_code       
;YIFLTPRAYIIVHLLKVGKAKASEISENTQIPYQTVIQNIRWLLAEGYVVKEQKGEEIYYKLTDKGKQMATAELEKIRKL
VEVV
;
_entity_poly.pdbx_seq_one_letter_code_can   
;YIFLTPRAYIIVHLLKVGKAKASEISENTQIPYQTVIQNIRWLLAEGYVVKEQKGEEIYYKLTDKGKQMATAELEKIRKL
VEVV
;
_entity_poly.pdbx_strand_id                 A,B 
_entity_poly.pdbx_target_identifier         ? 
# 
_pdbx_entity_nonpoly.entity_id   2 
_pdbx_entity_nonpoly.name        water 
_pdbx_entity_nonpoly.comp_id     HOH 
# 
loop_
_entity_poly_seq.entity_id 
_entity_poly_seq.num 
_entity_poly_seq.mon_id 
_entity_poly_seq.hetero 
1 1  TYR n 
1 2  ILE n 
1 3  PHE n 
1 4  LEU n 
1 5  THR n 
1 6  PRO n 
1 7  ARG n 
1 8  ALA n 
1 9  TYR n 
1 10 ILE n 
1 11 ILE n 
1 12 VAL n 
1 13 HIS n 
1 14 LEU n 
1 15 LEU n 
1 16 LYS n 
1 17 VAL n 
1 18 GLY n 
1 19 LYS n 
1 20 ALA n 
1 21 LYS n 
1 22 ALA n 
1 23 SER n 
1 24 GLU n 
1 25 ILE n 
1 26 SER n 
1 27 GLU n 
1 28 ASN n 
1 29 THR n 
1 30 GLN n 
1 31 ILE n 
1 32 PRO n 
1 33 TYR n 
1 34 GLN n 
1 35 THR n 
1 36 VAL n 
1 37 ILE n 
1 38 GLN n 
1 39 ASN n 
1 40 ILE n 
1 41 ARG n 
1 42 TRP n 
1 43 LEU n 
1 44 LEU n 
1 45 ALA n 
1 46 GLU n 
1 47 GLY n 
1 48 TYR n 
1 49 VAL n 
1 50 VAL n 
1 51 LYS n 
1 52 GLU n 
1 53 GLN n 
1 54 LYS n 
1 55 GLY n 
1 56 GLU n 
1 57 GLU n 
1 58 ILE n 
1 59 TYR n 
1 60 TYR n 
1 61 LYS n 
1 62 LEU n 
1 63 THR n 
1 64 ASP n 
1 65 LYS n 
1 66 GLY n 
1 67 LYS n 
1 68 GLN n 
1 69 MET n 
1 70 ALA n 
1 71 THR n 
1 72 ALA n 
1 73 GLU n 
1 74 LEU n 
1 75 GLU n 
1 76 LYS n 
1 77 ILE n 
1 78 ARG n 
1 79 LYS n 
1 80 LEU n 
1 81 VAL n 
1 82 GLU n 
1 83 VAL n 
1 84 VAL n 
# 
_entity_src_gen.entity_id                          1 
_entity_src_gen.pdbx_src_id                        1 
_entity_src_gen.pdbx_alt_source_flag               sample 
_entity_src_gen.pdbx_seq_type                      ? 
_entity_src_gen.pdbx_beg_seq_num                   ? 
_entity_src_gen.pdbx_end_seq_num                   ? 
_entity_src_gen.gene_src_common_name               ? 
_entity_src_gen.gene_src_genus                     ? 
_entity_src_gen.pdbx_gene_src_gene                 ? 
_entity_src_gen.gene_src_species                   ? 
_entity_src_gen.gene_src_strain                    ? 
_entity_src_gen.gene_src_tissue                    ? 
_entity_src_gen.gene_src_tissue_fraction           ? 
_entity_src_gen.gene_src_details                   ? 
_entity_src_gen.pdbx_gene_src_fragment             ? 
_entity_src_gen.pdbx_gene_src_scientific_name      'Sulfolobus sp. NOB8H2' 
_entity_src_gen.pdbx_gene_src_ncbi_taxonomy_id     84600 
_entity_src_gen.pdbx_gene_src_variant              ? 
_entity_src_gen.pdbx_gene_src_cell_line            ? 
_entity_src_gen.pdbx_gene_src_atcc                 ? 
_entity_src_gen.pdbx_gene_src_organ                ? 
_entity_src_gen.pdbx_gene_src_organelle            ? 
_entity_src_gen.pdbx_gene_src_cell                 ? 
_entity_src_gen.pdbx_gene_src_cellular_location    ? 
_entity_src_gen.host_org_common_name               ? 
_entity_src_gen.pdbx_host_org_scientific_name      'Escherichia coli' 
_entity_src_gen.pdbx_host_org_ncbi_taxonomy_id     562 
_entity_src_gen.host_org_genus                     ? 
_entity_src_gen.pdbx_host_org_gene                 ? 
_entity_src_gen.pdbx_host_org_organ                ? 
_entity_src_gen.host_org_species                   ? 
_entity_src_gen.pdbx_host_org_tissue               ? 
_entity_src_gen.pdbx_host_org_tissue_fraction      ? 
_entity_src_gen.pdbx_host_org_strain               ? 
_entity_src_gen.pdbx_host_org_variant              ? 
_entity_src_gen.pdbx_host_org_cell_line            ? 
_entity_src_gen.pdbx_host_org_atcc                 ? 
_entity_src_gen.pdbx_host_org_culture_collection   ? 
_entity_src_gen.pdbx_host_org_cell                 ? 
_entity_src_gen.pdbx_host_org_organelle            ? 
_entity_src_gen.pdbx_host_org_cellular_location    ? 
_entity_src_gen.pdbx_host_org_vector_type          ? 
_entity_src_gen.pdbx_host_org_vector               ? 
_entity_src_gen.host_org_details                   ? 
_entity_src_gen.expression_system_id               ? 
_entity_src_gen.plasmid_name                       ? 
_entity_src_gen.plasmid_details                    ? 
_entity_src_gen.pdbx_description                   ? 
# 
loop_
_chem_comp.id 
_chem_comp.type 
_chem_comp.mon_nstd_flag 
_chem_comp.name 
_chem_comp.pdbx_synonyms 
_chem_comp.formula 
_chem_comp.formula_weight 
ALA 'L-peptide linking' y ALANINE         ? 'C3 H7 N O2'     89.093  
ARG 'L-peptide linking' y ARGININE        ? 'C6 H15 N4 O2 1' 175.209 
ASN 'L-peptide linking' y ASPARAGINE      ? 'C4 H8 N2 O3'    132.118 
ASP 'L-peptide linking' y 'ASPARTIC ACID' ? 'C4 H7 N O4'     133.103 
GLN 'L-peptide linking' y GLUTAMINE       ? 'C5 H10 N2 O3'   146.144 
GLU 'L-peptide linking' y 'GLUTAMIC ACID' ? 'C5 H9 N O4'     147.129 
GLY 'peptide linking'   y GLYCINE         ? 'C2 H5 N O2'     75.067  
HIS 'L-peptide linking' y HISTIDINE       ? 'C6 H10 N3 O2 1' 156.162 
HOH non-polymer         . WATER           ? 'H2 O'           18.015  
ILE 'L-peptide linking' y ISOLEUCINE      ? 'C6 H13 N O2'    131.173 
LEU 'L-peptide linking' y LEUCINE         ? 'C6 H13 N O2'    131.173 
LYS 'L-peptide linking' y LYSINE          ? 'C6 H15 N2 O2 1' 147.195 
MET 'L-peptide linking' y METHIONINE      ? 'C5 H11 N O2 S'  149.211 
PHE 'L-peptide linking' y PHENYLALANINE   ? 'C9 H11 N O2'    165.189 
PRO 'L-peptide linking' y PROLINE         ? 'C5 H9 N O2'     115.130 
SER 'L-peptide linking' y SERINE          ? 'C3 H7 N O3'     105.093 
THR 'L-peptide linking' y THREONINE       ? 'C4 H9 N O3'     119.119 
TRP 'L-peptide linking' y TRYPTOPHAN      ? 'C11 H12 N2 O2'  204.225 
TYR 'L-peptide linking' y TYROSINE        ? 'C9 H11 N O3'    181.189 
VAL 'L-peptide linking' y VALINE          ? 'C5 H11 N O2'    117.146 
# 
loop_
_pdbx_poly_seq_scheme.asym_id 
_pdbx_poly_seq_scheme.entity_id 
_pdbx_poly_seq_scheme.seq_id 
_pdbx_poly_seq_scheme.mon_id 
_pdbx_poly_seq_scheme.ndb_seq_num 
_pdbx_poly_seq_scheme.pdb_seq_num 
_pdbx_poly_seq_scheme.auth_seq_num 
_pdbx_poly_seq_scheme.pdb_mon_id 
_pdbx_poly_seq_scheme.auth_mon_id 
_pdbx_poly_seq_scheme.pdb_strand_id 
_pdbx_poly_seq_scheme.pdb_ins_code 
_pdbx_poly_seq_scheme.hetero 
A 1 1  TYR 1  9  9  TYR TYR A . n 
A 1 2  ILE 2  10 10 ILE ILE A . n 
A 1 3  PHE 3  11 11 PHE PHE A . n 
A 1 4  LEU 4  12 12 LEU LEU A . n 
A 1 5  THR 5  13 13 THR THR A . n 
A 1 6  PRO 6  14 14 PRO PRO A . n 
A 1 7  ARG 7  15 15 ARG ARG A . n 
A 1 8  ALA 8  16 16 ALA ALA A . n 
A 1 9  TYR 9  17 17 TYR TYR A . n 
A 1 10 ILE 10 18 18 ILE ILE A . n 
A 1 11 ILE 11 19 19 ILE ILE A . n 
A 1 12 VAL 12 20 20 VAL VAL A . n 
A 1 13 HIS 13 21 21 HIS HIS A . n 
A 1 14 LEU 14 22 22 LEU LEU A . n 
A 1 15 LEU 15 23 23 LEU LEU A . n 
A 1 16 LYS 16 24 24 LYS LYS A . n 
A 1 17 VAL 17 25 25 VAL VAL A . n 
A 1 18 GLY 18 26 26 GLY GLY A . n 
A 1 19 LYS 19 27 27 LYS LYS A . n 
A 1 20 ALA 20 28 28 ALA ALA A . n 
A 1 21 LYS 21 29 29 LYS LYS A . n 
A 1 22 ALA 22 30 30 ALA ALA A . n 
A 1 23 SER 23 31 31 SER SER A . n 
A 1 24 GLU 24 32 32 GLU GLU A . n 
A 1 25 ILE 25 33 33 ILE ILE A . n 
A 1 26 SER 26 34 34 SER SER A . n 
A 1 27 GLU 27 35 35 GLU GLU A . n 
A 1 28 ASN 28 36 36 ASN ASN A . n 
A 1 29 THR 29 37 37 THR THR A . n 
A 1 30 GLN 30 38 38 GLN GLN A . n 
A 1 31 ILE 31 39 39 ILE ILE A . n 
A 1 32 PRO 32 40 40 PRO PRO A . n 
A 1 33 TYR 33 41 41 TYR TYR A . n 
A 1 34 GLN 34 42 42 GLN GLN A . n 
A 1 35 THR 35 43 43 THR THR A . n 
A 1 36 VAL 36 44 44 VAL VAL A . n 
A 1 37 ILE 37 45 45 ILE ILE A . n 
A 1 38 GLN 38 46 46 GLN GLN A . n 
A 1 39 ASN 39 47 47 ASN ASN A . n 
A 1 40 ILE 40 48 48 ILE ILE A . n 
A 1 41 ARG 41 49 49 ARG ARG A . n 
A 1 42 TRP 42 50 50 TRP TRP A . n 
A 1 43 LEU 43 51 51 LEU LEU A . n 
A 1 44 LEU 44 52 52 LEU LEU A . n 
A 1 45 ALA 45 53 53 ALA ALA A . n 
A 1 46 GLU 46 54 54 GLU GLU A . n 
A 1 47 GLY 47 55 55 GLY GLY A . n 
A 1 48 TYR 48 56 56 TYR TYR A . n 
A 1 49 VAL 49 57 57 VAL VAL A . n 
A 1 50 VAL 50 58 58 VAL VAL A . n 
A 1 51 LYS 51 59 59 LYS LYS A . n 
A 1 52 GLU 52 60 60 GLU GLU A . n 
A 1 53 GLN 53 61 61 GLN GLN A . n 
A 1 54 LYS 54 62 62 LYS LYS A . n 
A 1 55 GLY 55 63 63 GLY GLY A . n 
A 1 56 GLU 56 64 64 GLU GLU A . n 
A 1 57 GLU 57 65 65 GLU GLU A . n 
A 1 58 ILE 58 66 66 ILE ILE A . n 
A 1 59 TYR 59 67 67 TYR TYR A . n 
A 1 60 TYR 60 68 68 TYR TYR A . n 
A 1 61 LYS 61 69 69 LYS LYS A . n 
A 1 62 LEU 62 70 70 LEU LEU A . n 
A 1 63 THR 63 71 71 THR THR A . n 
A 1 64 ASP 64 72 72 ASP ASP A . n 
A 1 65 LYS 65 73 73 LYS LYS A . n 
A 1 66 GLY 66 74 74 GLY GLY A . n 
A 1 67 LYS 67 75 75 LYS LYS A . n 
A 1 68 GLN 68 76 76 GLN GLN A . n 
A 1 69 MET 69 77 77 MET MET A . n 
A 1 70 ALA 70 78 78 ALA ALA A . n 
A 1 71 THR 71 79 79 THR THR A . n 
A 1 72 ALA 72 80 80 ALA ALA A . n 
A 1 73 GLU 73 81 81 GLU GLU A . n 
A 1 74 LEU 74 82 82 LEU LEU A . n 
A 1 75 GLU 75 83 83 GLU GLU A . n 
A 1 76 LYS 76 84 84 LYS LYS A . n 
A 1 77 ILE 77 85 85 ILE ILE A . n 
A 1 78 ARG 78 86 86 ARG ARG A . n 
A 1 79 LYS 79 87 87 LYS LYS A . n 
A 1 80 LEU 80 88 88 LEU LEU A . n 
A 1 81 VAL 81 89 89 VAL VAL A . n 
A 1 82 GLU 82 90 90 GLU GLU A . n 
A 1 83 VAL 83 91 91 VAL VAL A . n 
A 1 84 VAL 84 92 92 VAL VAL A . n 
B 1 1  TYR 1  9  9  TYR TYR B . n 
B 1 2  ILE 2  10 10 ILE ILE B . n 
B 1 3  PHE 3  11 11 PHE PHE B . n 
B 1 4  LEU 4  12 12 LEU LEU B . n 
B 1 5  THR 5  13 13 THR THR B . n 
B 1 6  PRO 6  14 14 PRO PRO B . n 
B 1 7  ARG 7  15 15 ARG ARG B . n 
B 1 8  ALA 8  16 16 ALA ALA B . n 
B 1 9  TYR 9  17 17 TYR TYR B . n 
B 1 10 ILE 10 18 18 ILE ILE B . n 
B 1 11 ILE 11 19 19 ILE ILE B . n 
B 1 12 VAL 12 20 20 VAL VAL B . n 
B 1 13 HIS 13 21 21 HIS HIS B . n 
B 1 14 LEU 14 22 22 LEU LEU B . n 
B 1 15 LEU 15 23 23 LEU LEU B . n 
B 1 16 LYS 16 24 24 LYS LYS B . n 
B 1 17 VAL 17 25 25 VAL VAL B . n 
B 1 18 GLY 18 26 26 GLY GLY B . n 
B 1 19 LYS 19 27 27 LYS LYS B . n 
B 1 20 ALA 20 28 28 ALA ALA B . n 
B 1 21 LYS 21 29 29 LYS LYS B . n 
B 1 22 ALA 22 30 30 ALA ALA B . n 
B 1 23 SER 23 31 31 SER SER B . n 
B 1 24 GLU 24 32 32 GLU GLU B . n 
B 1 25 ILE 25 33 33 ILE ILE B . n 
B 1 26 SER 26 34 34 SER SER B . n 
B 1 27 GLU 27 35 35 GLU GLU B . n 
B 1 28 ASN 28 36 36 ASN ASN B . n 
B 1 29 THR 29 37 37 THR THR B . n 
B 1 30 GLN 30 38 38 GLN GLN B . n 
B 1 31 ILE 31 39 39 ILE ILE B . n 
B 1 32 PRO 32 40 40 PRO PRO B . n 
B 1 33 TYR 33 41 41 TYR TYR B . n 
B 1 34 GLN 34 42 42 GLN GLN B . n 
B 1 35 THR 35 43 43 THR THR B . n 
B 1 36 VAL 36 44 44 VAL VAL B . n 
B 1 37 ILE 37 45 45 ILE ILE B . n 
B 1 38 GLN 38 46 46 GLN GLN B . n 
B 1 39 ASN 39 47 47 ASN ASN B . n 
B 1 40 ILE 40 48 48 ILE ILE B . n 
B 1 41 ARG 41 49 49 ARG ARG B . n 
B 1 42 TRP 42 50 50 TRP TRP B . n 
B 1 43 LEU 43 51 51 LEU LEU B . n 
B 1 44 LEU 44 52 52 LEU LEU B . n 
B 1 45 ALA 45 53 53 ALA ALA B . n 
B 1 46 GLU 46 54 54 GLU GLU B . n 
B 1 47 GLY 47 55 55 GLY GLY B . n 
B 1 48 TYR 48 56 56 TYR TYR B . n 
B 1 49 VAL 49 57 57 VAL VAL B . n 
B 1 50 VAL 50 58 58 VAL VAL B . n 
B 1 51 LYS 51 59 59 LYS LYS B . n 
B 1 52 GLU 52 60 60 GLU GLU B . n 
B 1 53 GLN 53 61 61 GLN GLN B . n 
B 1 54 LYS 54 62 62 LYS LYS B . n 
B 1 55 GLY 55 63 63 GLY GLY B . n 
B 1 56 GLU 56 64 64 GLU GLU B . n 
B 1 57 GLU 57 65 65 GLU GLU B . n 
B 1 58 ILE 58 66 66 ILE ILE B . n 
B 1 59 TYR 59 67 67 TYR TYR B . n 
B 1 60 TYR 60 68 68 TYR TYR B . n 
B 1 61 LYS 61 69 69 LYS LYS B . n 
B 1 62 LEU 62 70 70 LEU LEU B . n 
B 1 63 THR 63 71 71 THR THR B . n 
B 1 64 ASP 64 72 72 ASP ASP B . n 
B 1 65 LYS 65 73 73 LYS LYS B . n 
B 1 66 GLY 66 74 74 GLY GLY B . n 
B 1 67 LYS 67 75 75 LYS LYS B . n 
B 1 68 GLN 68 76 76 GLN GLN B . n 
B 1 69 MET 69 77 77 MET MET B . n 
B 1 70 ALA 70 78 78 ALA ALA B . n 
B 1 71 THR 71 79 79 THR THR B . n 
B 1 72 ALA 72 80 80 ALA ALA B . n 
B 1 73 GLU 73 81 81 GLU GLU B . n 
B 1 74 LEU 74 82 82 LEU LEU B . n 
B 1 75 GLU 75 83 83 GLU GLU B . n 
B 1 76 LYS 76 84 84 LYS LYS B . n 
B 1 77 ILE 77 85 85 ILE ILE B . n 
B 1 78 ARG 78 86 86 ARG ARG B . n 
B 1 79 LYS 79 87 87 LYS LYS B . n 
B 1 80 LEU 80 88 88 LEU LEU B . n 
B 1 81 VAL 81 89 89 VAL VAL B . n 
B 1 82 GLU 82 90 90 GLU GLU B . n 
B 1 83 VAL 83 91 ?  ?   ?   B . n 
B 1 84 VAL 84 92 ?  ?   ?   B . n 
# 
loop_
_pdbx_nonpoly_scheme.asym_id 
_pdbx_nonpoly_scheme.entity_id 
_pdbx_nonpoly_scheme.mon_id 
_pdbx_nonpoly_scheme.ndb_seq_num 
_pdbx_nonpoly_scheme.pdb_seq_num 
_pdbx_nonpoly_scheme.auth_seq_num 
_pdbx_nonpoly_scheme.pdb_mon_id 
_pdbx_nonpoly_scheme.auth_mon_id 
_pdbx_nonpoly_scheme.pdb_strand_id 
_pdbx_nonpoly_scheme.pdb_ins_code 
C 2 HOH 1  101 2   HOH TIP A . 
C 2 HOH 2  102 3   HOH TIP A . 
C 2 HOH 3  103 5   HOH TIP A . 
C 2 HOH 4  104 6   HOH TIP A . 
C 2 HOH 5  105 7   HOH TIP A . 
C 2 HOH 6  106 12  HOH TIP A . 
C 2 HOH 7  107 14  HOH TIP A . 
C 2 HOH 8  108 16  HOH TIP A . 
C 2 HOH 9  109 17  HOH TIP A . 
C 2 HOH 10 110 18  HOH TIP A . 
C 2 HOH 11 111 19  HOH TIP A . 
C 2 HOH 12 112 21  HOH TIP A . 
C 2 HOH 13 113 23  HOH TIP A . 
C 2 HOH 14 114 24  HOH TIP A . 
C 2 HOH 15 115 25  HOH TIP A . 
C 2 HOH 16 116 28  HOH TIP A . 
C 2 HOH 17 117 30  HOH TIP A . 
C 2 HOH 18 118 32  HOH TIP A . 
C 2 HOH 19 119 33  HOH TIP A . 
C 2 HOH 20 120 35  HOH TIP A . 
C 2 HOH 21 121 37  HOH TIP A . 
C 2 HOH 22 122 39  HOH TIP A . 
C 2 HOH 23 123 41  HOH TIP A . 
C 2 HOH 24 124 43  HOH TIP A . 
C 2 HOH 25 125 48  HOH TIP A . 
C 2 HOH 26 126 52  HOH TIP A . 
C 2 HOH 27 127 53  HOH TIP A . 
C 2 HOH 28 128 55  HOH TIP A . 
C 2 HOH 29 129 56  HOH TIP A . 
C 2 HOH 30 130 57  HOH TIP A . 
C 2 HOH 31 131 59  HOH TIP A . 
C 2 HOH 32 132 61  HOH TIP A . 
C 2 HOH 33 133 62  HOH TIP A . 
C 2 HOH 34 134 63  HOH TIP A . 
C 2 HOH 35 135 66  HOH TIP A . 
C 2 HOH 36 136 67  HOH TIP A . 
C 2 HOH 37 137 72  HOH TIP A . 
C 2 HOH 38 138 73  HOH TIP A . 
C 2 HOH 39 139 76  HOH TIP A . 
C 2 HOH 40 140 77  HOH TIP A . 
C 2 HOH 41 141 78  HOH TIP A . 
C 2 HOH 42 142 81  HOH TIP A . 
C 2 HOH 43 143 82  HOH TIP A . 
C 2 HOH 44 144 83  HOH TIP A . 
C 2 HOH 45 145 85  HOH TIP A . 
C 2 HOH 46 146 87  HOH TIP A . 
C 2 HOH 47 147 98  HOH TIP A . 
C 2 HOH 48 148 101 HOH TIP A . 
C 2 HOH 49 149 102 HOH TIP A . 
C 2 HOH 50 150 103 HOH TIP A . 
D 2 HOH 1  101 1   HOH TIP B . 
D 2 HOH 2  102 4   HOH TIP B . 
D 2 HOH 3  103 10  HOH TIP B . 
D 2 HOH 4  104 11  HOH TIP B . 
D 2 HOH 5  105 13  HOH TIP B . 
D 2 HOH 6  106 15  HOH TIP B . 
D 2 HOH 7  107 20  HOH TIP B . 
D 2 HOH 8  108 22  HOH TIP B . 
D 2 HOH 9  109 26  HOH TIP B . 
D 2 HOH 10 110 27  HOH TIP B . 
D 2 HOH 11 111 29  HOH TIP B . 
D 2 HOH 12 112 31  HOH TIP B . 
D 2 HOH 13 113 34  HOH TIP B . 
D 2 HOH 14 114 36  HOH TIP B . 
D 2 HOH 15 115 38  HOH TIP B . 
D 2 HOH 16 116 40  HOH TIP B . 
D 2 HOH 17 117 42  HOH TIP B . 
D 2 HOH 18 118 44  HOH TIP B . 
D 2 HOH 19 119 45  HOH TIP B . 
D 2 HOH 20 120 46  HOH TIP B . 
D 2 HOH 21 121 47  HOH TIP B . 
D 2 HOH 22 122 49  HOH TIP B . 
D 2 HOH 23 123 50  HOH TIP B . 
D 2 HOH 24 124 51  HOH TIP B . 
D 2 HOH 25 125 54  HOH TIP B . 
D 2 HOH 26 126 58  HOH TIP B . 
D 2 HOH 27 127 60  HOH TIP B . 
D 2 HOH 28 128 65  HOH TIP B . 
D 2 HOH 29 129 68  HOH TIP B . 
D 2 HOH 30 130 69  HOH TIP B . 
D 2 HOH 31 131 70  HOH TIP B . 
D 2 HOH 32 132 71  HOH TIP B . 
D 2 HOH 33 133 74  HOH TIP B . 
D 2 HOH 34 134 75  HOH TIP B . 
D 2 HOH 35 135 79  HOH TIP B . 
D 2 HOH 36 136 80  HOH TIP B . 
D 2 HOH 37 137 84  HOH TIP B . 
D 2 HOH 38 138 86  HOH TIP B . 
D 2 HOH 39 139 88  HOH TIP B . 
D 2 HOH 40 140 89  HOH TIP B . 
D 2 HOH 41 141 90  HOH TIP B . 
D 2 HOH 42 142 91  HOH TIP B . 
D 2 HOH 43 143 92  HOH TIP B . 
D 2 HOH 44 144 93  HOH TIP B . 
D 2 HOH 45 145 94  HOH TIP B . 
D 2 HOH 46 146 95  HOH TIP B . 
D 2 HOH 47 147 96  HOH TIP B . 
D 2 HOH 48 148 97  HOH TIP B . 
D 2 HOH 49 149 99  HOH TIP B . 
D 2 HOH 50 150 100 HOH TIP B . 
# 
loop_
_software.pdbx_ordinal 
_software.name 
_software.version 
_software.date 
_software.type 
_software.contact_author 
_software.contact_author_email 
_software.classification 
_software.location 
_software.language 
_software.citation_id 
1 MOSFLM      .       ?                package 'Andrew G.W. Leslie' andrew@mrc-lmb.cam.ac.uk 'data reduction'  
http://www.mrc-lmb.cam.ac.uk/harry/mosflm/ ?   ? 
2 PHENIX      .       ?                package 'Paul D. Adams'      PDAdams@lbl.gov          refinement        
http://www.phenix-online.org/              C++ ? 
3 PDB_EXTRACT 3.15    'July. 29, 2014' package PDB                  deposit@deposit.rcsb.org 'data extraction' 
http://sw-tools.pdb.org/apps/PDB_EXTRACT/  C++ ? 
4 ADSC        Quantum ?                ?       ?                    ?                        'data collection' ? ?   ? 
5 SCALA       .       ?                ?       ?                    ?                        'data scaling'    ? ?   ? 
6 SOLVE       .       ?                ?       ?                    ?                        phasing           ? ?   ? 
# 
_cell.length_a           34.300 
_cell.length_b           63.600 
_cell.length_c           86.200 
_cell.angle_alpha        90.000 
_cell.angle_beta         90.000 
_cell.angle_gamma        90.000 
_cell.entry_id           4RS8 
_cell.pdbx_unique_axis   ? 
_cell.Z_PDB              8 
_cell.length_a_esd       ? 
_cell.length_b_esd       ? 
_cell.length_c_esd       ? 
_cell.angle_alpha_esd    ? 
_cell.angle_beta_esd     ? 
_cell.angle_gamma_esd    ? 
# 
_symmetry.space_group_name_H-M             'P 21 21 21' 
_symmetry.entry_id                         4RS8 
_symmetry.pdbx_full_space_group_name_H-M   ? 
_symmetry.Int_Tables_number                19 
_symmetry.cell_setting                     ? 
_symmetry.space_group_name_Hall            ? 
# 
_exptl.crystals_number   1 
_exptl.entry_id          4RS8 
_exptl.method            'X-RAY DIFFRACTION' 
# 
_exptl_crystal.id                    1 
_exptl_crystal.density_Matthews      2.41 
_exptl_crystal.density_meas          ? 
_exptl_crystal.density_percent_sol   48.96 
_exptl_crystal.description           ? 
_exptl_crystal.F_000                 ? 
_exptl_crystal.preparation           ? 
# 
_exptl_crystal_grow.crystal_id      1 
_exptl_crystal_grow.method          'VAPOR DIFFUSION, HANGING DROP' 
_exptl_crystal_grow.pH              7.0 
_exptl_crystal_grow.temp            298 
_exptl_crystal_grow.temp_details    ? 
_exptl_crystal_grow.pdbx_details    '30% PEG1500, phosphate, pH 7.0, VAPOR DIFFUSION, HANGING DROP, temperature 298K' 
_exptl_crystal_grow.pdbx_pH_range   ? 
# 
_diffrn.id                     1 
_diffrn.ambient_temp           100 
_diffrn.ambient_temp_details   ? 
_diffrn.crystal_id             1 
# 
_diffrn_detector.diffrn_id              1 
_diffrn_detector.detector               CCD 
_diffrn_detector.type                   'ADSC QUANTUM 315r' 
_diffrn_detector.pdbx_collection_date   2013-05-23 
_diffrn_detector.details                ? 
# 
_diffrn_radiation.diffrn_id                        1 
_diffrn_radiation.wavelength_id                    1 
_diffrn_radiation.pdbx_diffrn_protocol             MAD 
_diffrn_radiation.monochromator                    'double flat crystal Si(111)' 
_diffrn_radiation.pdbx_monochromatic_or_laue_m_l   M 
_diffrn_radiation.pdbx_scattering_type             x-ray 
# 
loop_
_diffrn_radiation_wavelength.id 
_diffrn_radiation_wavelength.wavelength 
_diffrn_radiation_wavelength.wt 
1 0.979 1.0 
2 0.980 1.0 
3 0.965 1.0 
# 
_diffrn_source.diffrn_id                   1 
_diffrn_source.source                      SYNCHROTRON 
_diffrn_source.type                        'ALS BEAMLINE 8.3.1' 
_diffrn_source.pdbx_wavelength             ? 
_diffrn_source.pdbx_wavelength_list        '0.979, 0.980, 0.965' 
_diffrn_source.pdbx_synchrotron_site       ALS 
_diffrn_source.pdbx_synchrotron_beamline   8.3.1 
# 
_reflns.entry_id                     4RS8 
_reflns.observed_criterion_sigma_F   0 
_reflns.observed_criterion_sigma_I   0 
_reflns.d_resolution_high            2.29 
_reflns.d_resolution_low             51.15 
_reflns.number_all                   16462 
_reflns.number_obs                   15804 
_reflns.percent_possible_obs         96.4 
_reflns.pdbx_Rmerge_I_obs            ? 
_reflns.pdbx_Rsym_value              ? 
_reflns.pdbx_netI_over_sigmaI        ? 
_reflns.B_iso_Wilson_estimate        ? 
_reflns.pdbx_redundancy              ? 
_reflns.R_free_details               ? 
_reflns.limit_h_max                  ? 
_reflns.limit_h_min                  ? 
_reflns.limit_k_max                  ? 
_reflns.limit_k_min                  ? 
_reflns.limit_l_max                  ? 
_reflns.limit_l_min                  ? 
_reflns.observed_criterion_F_max     ? 
_reflns.observed_criterion_F_min     ? 
_reflns.pdbx_chi_squared             ? 
_reflns.pdbx_scaling_rejects         ? 
_reflns.pdbx_ordinal                 1 
_reflns.pdbx_diffrn_id               1 
# 
_reflns_shell.d_res_high             2.29 
_reflns_shell.d_res_low              ? 
_reflns_shell.percent_possible_obs   ? 
_reflns_shell.percent_possible_all   ? 
_reflns_shell.Rmerge_I_obs           ? 
_reflns_shell.meanI_over_sigI_obs    ? 
_reflns_shell.pdbx_Rsym_value        ? 
_reflns_shell.pdbx_redundancy        ? 
_reflns_shell.number_unique_all      ? 
_reflns_shell.number_measured_all    ? 
_reflns_shell.number_measured_obs    ? 
_reflns_shell.number_unique_obs      ? 
_reflns_shell.pdbx_chi_squared       ? 
_reflns_shell.pdbx_ordinal           1 
_reflns_shell.pdbx_diffrn_id         1 
# 
_refine.entry_id                                 4RS8 
_refine.ls_d_res_high                            2.290 
_refine.ls_d_res_low                             51.15 
_refine.pdbx_ls_sigma_F                          0.0 
_refine.pdbx_data_cutoff_high_absF               ? 
_refine.pdbx_data_cutoff_low_absF                ? 
_refine.ls_percent_reflns_obs                    96.4 
_refine.ls_number_reflns_obs                     15804 
_refine.ls_number_reflns_all                     16462 
_refine.pdbx_ls_cross_valid_method               ? 
_refine.pdbx_R_Free_selection_details            RANDOM 
_refine.details                                  ? 
_refine.ls_R_factor_all                          ? 
_refine.ls_R_factor_obs                          0.2144 
_refine.ls_R_factor_R_work                       0.2144 
_refine.ls_wR_factor_R_work                      ? 
_refine.ls_R_factor_R_free                       0.2584 
_refine.ls_wR_factor_R_free                      ? 
_refine.ls_percent_reflns_R_free                 7.4000 
_refine.ls_number_reflns_R_free                  1220 
_refine.ls_R_factor_R_free_error                 ? 
_refine.B_iso_mean                               26.9819 
_refine.solvent_model_param_bsol                 44.0591 
_refine.solvent_model_param_ksol                 ? 
_refine.pdbx_isotropic_thermal_model             ? 
_refine.aniso_B[1][1]                            1.3280 
_refine.aniso_B[2][2]                            -4.3330 
_refine.aniso_B[3][3]                            3.0050 
_refine.aniso_B[1][2]                            0.0000 
_refine.aniso_B[1][3]                            0.0000 
_refine.aniso_B[2][3]                            0.0000 
_refine.correlation_coeff_Fo_to_Fc               ? 
_refine.correlation_coeff_Fo_to_Fc_free          ? 
_refine.overall_SU_R_Cruickshank_DPI             ? 
_refine.overall_SU_R_free                        ? 
_refine.pdbx_overall_ESU_R                       ? 
_refine.pdbx_overall_ESU_R_Free                  ? 
_refine.overall_SU_ML                            ? 
_refine.overall_SU_B                             ? 
_refine.solvent_model_details                    ? 
_refine.pdbx_solvent_vdw_probe_radii             ? 
_refine.pdbx_solvent_ion_probe_radii             ? 
_refine.pdbx_solvent_shrinkage_radii             ? 
_refine.ls_number_parameters                     ? 
_refine.ls_number_restraints                     ? 
_refine.pdbx_starting_model                      ? 
_refine.pdbx_method_to_determine_struct          MAD 
_refine.pdbx_stereochemistry_target_values       'Engh & Huber' 
_refine.pdbx_stereochem_target_val_spec_case     ? 
_refine.overall_FOM_work_R_set                   ? 
_refine.B_iso_max                                85.140 
_refine.B_iso_min                                7.980 
_refine.pdbx_overall_phase_error                 ? 
_refine.occupancy_max                            ? 
_refine.occupancy_min                            ? 
_refine.pdbx_ls_sigma_I                          ? 
_refine.ls_redundancy_reflns_obs                 ? 
_refine.ls_R_factor_R_free_error_details         ? 
_refine.pdbx_data_cutoff_high_rms_absF           ? 
_refine.overall_FOM_free_R_set                   ? 
_refine.pdbx_diffrn_id                           1 
_refine.pdbx_refine_id                           'X-RAY DIFFRACTION' 
_refine.pdbx_TLS_residual_ADP_flag               ? 
_refine.pdbx_overall_SU_R_free_Cruickshank_DPI   ? 
_refine.pdbx_overall_SU_R_Blow_DPI               ? 
_refine.pdbx_overall_SU_R_free_Blow_DPI          ? 
# 
_refine_hist.pdbx_refine_id                   'X-RAY DIFFRACTION' 
_refine_hist.cycle_id                         LAST 
_refine_hist.pdbx_number_atoms_protein        1361 
_refine_hist.pdbx_number_atoms_nucleic_acid   0 
_refine_hist.pdbx_number_atoms_ligand         0 
_refine_hist.number_atoms_solvent             100 
_refine_hist.number_atoms_total               1461 
_refine_hist.d_res_high                       2.290 
_refine_hist.d_res_low                        51.15 
# 
loop_
_refine_ls_restr.type 
_refine_ls_restr.number 
_refine_ls_restr.dev_ideal 
_refine_ls_restr.dev_ideal_target 
_refine_ls_restr.weight 
_refine_ls_restr.pdbx_restraint_function 
_refine_ls_restr.pdbx_refine_id 
f_bond_d     ? 0.007 ?     ? ? 'X-RAY DIFFRACTION' 
f_angle_d    ? 0.995 ?     ? ? 'X-RAY DIFFRACTION' 
f_mcbond_it  ? 2.069 1.500 ? ? 'X-RAY DIFFRACTION' 
f_scbond_it  ? 3.458 2.000 ? ? 'X-RAY DIFFRACTION' 
f_mcangle_it ? 3.122 2.000 ? ? 'X-RAY DIFFRACTION' 
f_scangle_it ? 5.048 2.500 ? ? 'X-RAY DIFFRACTION' 
# 
loop_
_pdbx_xplor_file.serial_no 
_pdbx_xplor_file.param_file 
_pdbx_xplor_file.topol_file 
_pdbx_xplor_file.pdbx_refine_id 
1 CNS_TOPPAR:protein_rep.param CNS_TOPPAR:protein.top 'X-RAY DIFFRACTION' 
2 CNS_TOPPAR:dna-rna_rep.param CNS_TOPPAR:dna-rna.top 'X-RAY DIFFRACTION' 
3 CNS_TOPPAR:water_rep.param   CNS_TOPPAR:water.top   'X-RAY DIFFRACTION' 
4 CNS_TOPPAR:ion.param         CNS_TOPPAR:ion.top     'X-RAY DIFFRACTION' 
# 
_struct.entry_id                  4RS8 
_struct.title                     'Apo structure of novel pNOB8 plasmid centromere binding protein' 
_struct.pdbx_model_details        ? 
_struct.pdbx_CASP_flag            ? 
_struct.pdbx_model_type_details   ? 
# 
_struct_keywords.entry_id        4RS8 
_struct_keywords.pdbx_keywords   'DNA BINDING PROTEIN' 
_struct_keywords.text            'PadR family, DNA segregation, centromere DNA binding, pNOB8 ParB, DNA BINDING PROTEIN' 
# 
loop_
_struct_asym.id 
_struct_asym.pdbx_blank_PDB_chainid_flag 
_struct_asym.pdbx_modified 
_struct_asym.entity_id 
_struct_asym.details 
A N N 1 ? 
B N N 1 ? 
C N N 2 ? 
D N N 2 ? 
# 
_struct_ref.id                         1 
_struct_ref.db_name                    UNP 
_struct_ref.db_code                    O93706_9CREN 
_struct_ref.pdbx_db_accession          O93706 
_struct_ref.entity_id                  1 
_struct_ref.pdbx_seq_one_letter_code   
;YIFLTPRAYIIVHLLKVGKAKASEISENTQIPYQTVIQNIRWLLAEGYVVKEQKGEEIYYKLTDKGKQLATAELEKIRKL
VEVV
;
_struct_ref.pdbx_align_begin           9 
_struct_ref.pdbx_db_isoform            ? 
# 
loop_
_struct_ref_seq.align_id 
_struct_ref_seq.ref_id 
_struct_ref_seq.pdbx_PDB_id_code 
_struct_ref_seq.pdbx_strand_id 
_struct_ref_seq.seq_align_beg 
_struct_ref_seq.pdbx_seq_align_beg_ins_code 
_struct_ref_seq.seq_align_end 
_struct_ref_seq.pdbx_seq_align_end_ins_code 
_struct_ref_seq.pdbx_db_accession 
_struct_ref_seq.db_align_beg 
_struct_ref_seq.pdbx_db_align_beg_ins_code 
_struct_ref_seq.db_align_end 
_struct_ref_seq.pdbx_db_align_end_ins_code 
_struct_ref_seq.pdbx_auth_seq_align_beg 
_struct_ref_seq.pdbx_auth_seq_align_end 
1 1 4RS8 A 1 ? 84 ? O93706 9 ? 92 ? 9 92 
2 1 4RS8 B 1 ? 84 ? O93706 9 ? 92 ? 9 92 
# 
loop_
_struct_ref_seq_dif.align_id 
_struct_ref_seq_dif.pdbx_pdb_id_code 
_struct_ref_seq_dif.mon_id 
_struct_ref_seq_dif.pdbx_pdb_strand_id 
_struct_ref_seq_dif.seq_num 
_struct_ref_seq_dif.pdbx_pdb_ins_code 
_struct_ref_seq_dif.pdbx_seq_db_name 
_struct_ref_seq_dif.pdbx_seq_db_accession_code 
_struct_ref_seq_dif.db_mon_id 
_struct_ref_seq_dif.pdbx_seq_db_seq_num 
_struct_ref_seq_dif.details 
_struct_ref_seq_dif.pdbx_auth_seq_num 
_struct_ref_seq_dif.pdbx_ordinal 
1 4RS8 MET A 69 ? UNP O93706 LEU 77 conflict 77 1 
2 4RS8 MET B 69 ? UNP O93706 LEU 77 conflict 77 2 
# 
_pdbx_struct_assembly.id                   1 
_pdbx_struct_assembly.details              author_and_software_defined_assembly 
_pdbx_struct_assembly.method_details       PISA 
_pdbx_struct_assembly.oligomeric_details   dimeric 
_pdbx_struct_assembly.oligomeric_count     2 
# 
loop_
_pdbx_struct_assembly_prop.biol_id 
_pdbx_struct_assembly_prop.type 
_pdbx_struct_assembly_prop.value 
_pdbx_struct_assembly_prop.details 
1 'ABSA (A^2)' 2340 ? 
1 MORE         -24  ? 
1 'SSA (A^2)'  9370 ? 
# 
_pdbx_struct_assembly_gen.assembly_id       1 
_pdbx_struct_assembly_gen.oper_expression   1 
_pdbx_struct_assembly_gen.asym_id_list      A,B,C,D 
# 
_pdbx_struct_oper_list.id                   1 
_pdbx_struct_oper_list.type                 'identity operation' 
_pdbx_struct_oper_list.name                 1_555 
_pdbx_struct_oper_list.symmetry_operation   x,y,z 
_pdbx_struct_oper_list.matrix[1][1]         1.0000000000 
_pdbx_struct_oper_list.matrix[1][2]         0.0000000000 
_pdbx_struct_oper_list.matrix[1][3]         0.0000000000 
_pdbx_struct_oper_list.vector[1]            0.0000000000 
_pdbx_struct_oper_list.matrix[2][1]         0.0000000000 
_pdbx_struct_oper_list.matrix[2][2]         1.0000000000 
_pdbx_struct_oper_list.matrix[2][3]         0.0000000000 
_pdbx_struct_oper_list.vector[2]            0.0000000000 
_pdbx_struct_oper_list.matrix[3][1]         0.0000000000 
_pdbx_struct_oper_list.matrix[3][2]         0.0000000000 
_pdbx_struct_oper_list.matrix[3][3]         1.0000000000 
_pdbx_struct_oper_list.vector[3]            0.0000000000 
# 
_struct_biol.id        1 
_struct_biol.details   ? 
# 
loop_
_struct_conf.conf_type_id 
_struct_conf.id 
_struct_conf.pdbx_PDB_helix_id 
_struct_conf.beg_label_comp_id 
_struct_conf.beg_label_asym_id 
_struct_conf.beg_label_seq_id 
_struct_conf.pdbx_beg_PDB_ins_code 
_struct_conf.end_label_comp_id 
_struct_conf.end_label_asym_id 
_struct_conf.end_label_seq_id 
_struct_conf.pdbx_end_PDB_ins_code 
_struct_conf.beg_auth_comp_id 
_struct_conf.beg_auth_asym_id 
_struct_conf.beg_auth_seq_id 
_struct_conf.end_auth_comp_id 
_struct_conf.end_auth_asym_id 
_struct_conf.end_auth_seq_id 
_struct_conf.pdbx_PDB_helix_class 
_struct_conf.details 
_struct_conf.pdbx_PDB_helix_length 
HELX_P HELX_P1 1 THR A 5  ? GLY A 18 ? THR A 13 GLY A 26 1 ? 14 
HELX_P HELX_P2 2 ALA A 22 ? GLN A 30 ? ALA A 30 GLN A 38 1 ? 9  
HELX_P HELX_P3 3 PRO A 32 ? GLU A 46 ? PRO A 40 GLU A 54 1 ? 15 
HELX_P HELX_P4 4 THR A 63 ? VAL A 84 ? THR A 71 VAL A 92 1 ? 22 
HELX_P HELX_P5 5 THR B 5  ? GLY B 18 ? THR B 13 GLY B 26 1 ? 14 
HELX_P HELX_P6 6 ALA B 22 ? GLN B 30 ? ALA B 30 GLN B 38 1 ? 9  
HELX_P HELX_P7 7 PRO B 32 ? GLU B 46 ? PRO B 40 GLU B 54 1 ? 15 
HELX_P HELX_P8 8 THR B 63 ? GLU B 82 ? THR B 71 GLU B 90 1 ? 20 
# 
_struct_conf_type.id          HELX_P 
_struct_conf_type.criteria    ? 
_struct_conf_type.reference   ? 
# 
loop_
_struct_sheet.id 
_struct_sheet.type 
_struct_sheet.number_strands 
_struct_sheet.details 
A ? 3 ? 
B ? 3 ? 
# 
loop_
_struct_sheet_order.sheet_id 
_struct_sheet_order.range_id_1 
_struct_sheet_order.range_id_2 
_struct_sheet_order.offset 
_struct_sheet_order.sense 
A 1 2 ? anti-parallel 
A 2 3 ? anti-parallel 
B 1 2 ? anti-parallel 
B 2 3 ? anti-parallel 
# 
loop_
_struct_sheet_range.sheet_id 
_struct_sheet_range.id 
_struct_sheet_range.beg_label_comp_id 
_struct_sheet_range.beg_label_asym_id 
_struct_sheet_range.beg_label_seq_id 
_struct_sheet_range.pdbx_beg_PDB_ins_code 
_struct_sheet_range.end_label_comp_id 
_struct_sheet_range.end_label_asym_id 
_struct_sheet_range.end_label_seq_id 
_struct_sheet_range.pdbx_end_PDB_ins_code 
_struct_sheet_range.beg_auth_comp_id 
_struct_sheet_range.beg_auth_asym_id 
_struct_sheet_range.beg_auth_seq_id 
_struct_sheet_range.end_auth_comp_id 
_struct_sheet_range.end_auth_asym_id 
_struct_sheet_range.end_auth_seq_id 
A 1 LYS A 19 ? LYS A 21 ? LYS A 27 LYS A 29 
A 2 GLU A 57 ? LEU A 62 ? GLU A 65 LEU A 70 
A 3 VAL A 49 ? LYS A 54 ? VAL A 57 LYS A 62 
B 1 LYS B 19 ? LYS B 21 ? LYS B 27 LYS B 29 
B 2 ILE B 58 ? LEU B 62 ? ILE B 66 LEU B 70 
B 3 VAL B 49 ? GLN B 53 ? VAL B 57 GLN B 61 
# 
loop_
_pdbx_struct_sheet_hbond.sheet_id 
_pdbx_struct_sheet_hbond.range_id_1 
_pdbx_struct_sheet_hbond.range_id_2 
_pdbx_struct_sheet_hbond.range_1_label_atom_id 
_pdbx_struct_sheet_hbond.range_1_label_comp_id 
_pdbx_struct_sheet_hbond.range_1_label_asym_id 
_pdbx_struct_sheet_hbond.range_1_label_seq_id 
_pdbx_struct_sheet_hbond.range_1_PDB_ins_code 
_pdbx_struct_sheet_hbond.range_1_auth_atom_id 
_pdbx_struct_sheet_hbond.range_1_auth_comp_id 
_pdbx_struct_sheet_hbond.range_1_auth_asym_id 
_pdbx_struct_sheet_hbond.range_1_auth_seq_id 
_pdbx_struct_sheet_hbond.range_2_label_atom_id 
_pdbx_struct_sheet_hbond.range_2_label_comp_id 
_pdbx_struct_sheet_hbond.range_2_label_asym_id 
_pdbx_struct_sheet_hbond.range_2_label_seq_id 
_pdbx_struct_sheet_hbond.range_2_PDB_ins_code 
_pdbx_struct_sheet_hbond.range_2_auth_atom_id 
_pdbx_struct_sheet_hbond.range_2_auth_comp_id 
_pdbx_struct_sheet_hbond.range_2_auth_asym_id 
_pdbx_struct_sheet_hbond.range_2_auth_seq_id 
A 1 2 N ALA A 20 ? N ALA A 28 O TYR A 60 ? O TYR A 68 
A 2 3 O TYR A 59 ? O TYR A 67 N GLU A 52 ? N GLU A 60 
B 1 2 N ALA B 20 ? N ALA B 28 O TYR B 60 ? O TYR B 68 
B 2 3 O TYR B 59 ? O TYR B 67 N GLU B 52 ? N GLU B 60 
# 
loop_
_pdbx_unobs_or_zero_occ_residues.id 
_pdbx_unobs_or_zero_occ_residues.PDB_model_num 
_pdbx_unobs_or_zero_occ_residues.polymer_flag 
_pdbx_unobs_or_zero_occ_residues.occupancy_flag 
_pdbx_unobs_or_zero_occ_residues.auth_asym_id 
_pdbx_unobs_or_zero_occ_residues.auth_comp_id 
_pdbx_unobs_or_zero_occ_residues.auth_seq_id 
_pdbx_unobs_or_zero_occ_residues.PDB_ins_code 
_pdbx_unobs_or_zero_occ_residues.label_asym_id 
_pdbx_unobs_or_zero_occ_residues.label_comp_id 
_pdbx_unobs_or_zero_occ_residues.label_seq_id 
1 1 Y 1 B VAL 91 ? B VAL 83 
2 1 Y 1 B VAL 92 ? B VAL 84 
# 
loop_
_chem_comp_atom.comp_id 
_chem_comp_atom.atom_id 
_chem_comp_atom.type_symbol 
_chem_comp_atom.pdbx_aromatic_flag 
_chem_comp_atom.pdbx_stereo_config 
_chem_comp_atom.pdbx_ordinal 
ALA N    N N N 1   
ALA CA   C N S 2   
ALA C    C N N 3   
ALA O    O N N 4   
ALA CB   C N N 5   
ALA OXT  O N N 6   
ALA H    H N N 7   
ALA H2   H N N 8   
ALA HA   H N N 9   
ALA HB1  H N N 10  
ALA HB2  H N N 11  
ALA HB3  H N N 12  
ALA HXT  H N N 13  
ARG N    N N N 14  
ARG CA   C N S 15  
ARG C    C N N 16  
ARG O    O N N 17  
ARG CB   C N N 18  
ARG CG   C N N 19  
ARG CD   C N N 20  
ARG NE   N N N 21  
ARG CZ   C N N 22  
ARG NH1  N N N 23  
ARG NH2  N N N 24  
ARG OXT  O N N 25  
ARG H    H N N 26  
ARG H2   H N N 27  
ARG HA   H N N 28  
ARG HB2  H N N 29  
ARG HB3  H N N 30  
ARG HG2  H N N 31  
ARG HG3  H N N 32  
ARG HD2  H N N 33  
ARG HD3  H N N 34  
ARG HE   H N N 35  
ARG HH11 H N N 36  
ARG HH12 H N N 37  
ARG HH21 H N N 38  
ARG HH22 H N N 39  
ARG HXT  H N N 40  
ASN N    N N N 41  
ASN CA   C N S 42  
ASN C    C N N 43  
ASN O    O N N 44  
ASN CB   C N N 45  
ASN CG   C N N 46  
ASN OD1  O N N 47  
ASN ND2  N N N 48  
ASN OXT  O N N 49  
ASN H    H N N 50  
ASN H2   H N N 51  
ASN HA   H N N 52  
ASN HB2  H N N 53  
ASN HB3  H N N 54  
ASN HD21 H N N 55  
ASN HD22 H N N 56  
ASN HXT  H N N 57  
ASP N    N N N 58  
ASP CA   C N S 59  
ASP C    C N N 60  
ASP O    O N N 61  
ASP CB   C N N 62  
ASP CG   C N N 63  
ASP OD1  O N N 64  
ASP OD2  O N N 65  
ASP OXT  O N N 66  
ASP H    H N N 67  
ASP H2   H N N 68  
ASP HA   H N N 69  
ASP HB2  H N N 70  
ASP HB3  H N N 71  
ASP HD2  H N N 72  
ASP HXT  H N N 73  
GLN N    N N N 74  
GLN CA   C N S 75  
GLN C    C N N 76  
GLN O    O N N 77  
GLN CB   C N N 78  
GLN CG   C N N 79  
GLN CD   C N N 80  
GLN OE1  O N N 81  
GLN NE2  N N N 82  
GLN OXT  O N N 83  
GLN H    H N N 84  
GLN H2   H N N 85  
GLN HA   H N N 86  
GLN HB2  H N N 87  
GLN HB3  H N N 88  
GLN HG2  H N N 89  
GLN HG3  H N N 90  
GLN HE21 H N N 91  
GLN HE22 H N N 92  
GLN HXT  H N N 93  
GLU N    N N N 94  
GLU CA   C N S 95  
GLU C    C N N 96  
GLU O    O N N 97  
GLU CB   C N N 98  
GLU CG   C N N 99  
GLU CD   C N N 100 
GLU OE1  O N N 101 
GLU OE2  O N N 102 
GLU OXT  O N N 103 
GLU H    H N N 104 
GLU H2   H N N 105 
GLU HA   H N N 106 
GLU HB2  H N N 107 
GLU HB3  H N N 108 
GLU HG2  H N N 109 
GLU HG3  H N N 110 
GLU HE2  H N N 111 
GLU HXT  H N N 112 
GLY N    N N N 113 
GLY CA   C N N 114 
GLY C    C N N 115 
GLY O    O N N 116 
GLY OXT  O N N 117 
GLY H    H N N 118 
GLY H2   H N N 119 
GLY HA2  H N N 120 
GLY HA3  H N N 121 
GLY HXT  H N N 122 
HIS N    N N N 123 
HIS CA   C N S 124 
HIS C    C N N 125 
HIS O    O N N 126 
HIS CB   C N N 127 
HIS CG   C Y N 128 
HIS ND1  N Y N 129 
HIS CD2  C Y N 130 
HIS CE1  C Y N 131 
HIS NE2  N Y N 132 
HIS OXT  O N N 133 
HIS H    H N N 134 
HIS H2   H N N 135 
HIS HA   H N N 136 
HIS HB2  H N N 137 
HIS HB3  H N N 138 
HIS HD1  H N N 139 
HIS HD2  H N N 140 
HIS HE1  H N N 141 
HIS HE2  H N N 142 
HIS HXT  H N N 143 
HOH O    O N N 144 
HOH H1   H N N 145 
HOH H2   H N N 146 
ILE N    N N N 147 
ILE CA   C N S 148 
ILE C    C N N 149 
ILE O    O N N 150 
ILE CB   C N S 151 
ILE CG1  C N N 152 
ILE CG2  C N N 153 
ILE CD1  C N N 154 
ILE OXT  O N N 155 
ILE H    H N N 156 
ILE H2   H N N 157 
ILE HA   H N N 158 
ILE HB   H N N 159 
ILE HG12 H N N 160 
ILE HG13 H N N 161 
ILE HG21 H N N 162 
ILE HG22 H N N 163 
ILE HG23 H N N 164 
ILE HD11 H N N 165 
ILE HD12 H N N 166 
ILE HD13 H N N 167 
ILE HXT  H N N 168 
LEU N    N N N 169 
LEU CA   C N S 170 
LEU C    C N N 171 
LEU O    O N N 172 
LEU CB   C N N 173 
LEU CG   C N N 174 
LEU CD1  C N N 175 
LEU CD2  C N N 176 
LEU OXT  O N N 177 
LEU H    H N N 178 
LEU H2   H N N 179 
LEU HA   H N N 180 
LEU HB2  H N N 181 
LEU HB3  H N N 182 
LEU HG   H N N 183 
LEU HD11 H N N 184 
LEU HD12 H N N 185 
LEU HD13 H N N 186 
LEU HD21 H N N 187 
LEU HD22 H N N 188 
LEU HD23 H N N 189 
LEU HXT  H N N 190 
LYS N    N N N 191 
LYS CA   C N S 192 
LYS C    C N N 193 
LYS O    O N N 194 
LYS CB   C N N 195 
LYS CG   C N N 196 
LYS CD   C N N 197 
LYS CE   C N N 198 
LYS NZ   N N N 199 
LYS OXT  O N N 200 
LYS H    H N N 201 
LYS H2   H N N 202 
LYS HA   H N N 203 
LYS HB2  H N N 204 
LYS HB3  H N N 205 
LYS HG2  H N N 206 
LYS HG3  H N N 207 
LYS HD2  H N N 208 
LYS HD3  H N N 209 
LYS HE2  H N N 210 
LYS HE3  H N N 211 
LYS HZ1  H N N 212 
LYS HZ2  H N N 213 
LYS HZ3  H N N 214 
LYS HXT  H N N 215 
MET N    N N N 216 
MET CA   C N S 217 
MET C    C N N 218 
MET O    O N N 219 
MET CB   C N N 220 
MET CG   C N N 221 
MET SD   S N N 222 
MET CE   C N N 223 
MET OXT  O N N 224 
MET H    H N N 225 
MET H2   H N N 226 
MET HA   H N N 227 
MET HB2  H N N 228 
MET HB3  H N N 229 
MET HG2  H N N 230 
MET HG3  H N N 231 
MET HE1  H N N 232 
MET HE2  H N N 233 
MET HE3  H N N 234 
MET HXT  H N N 235 
PHE N    N N N 236 
PHE CA   C N S 237 
PHE C    C N N 238 
PHE O    O N N 239 
PHE CB   C N N 240 
PHE CG   C Y N 241 
PHE CD1  C Y N 242 
PHE CD2  C Y N 243 
PHE CE1  C Y N 244 
PHE CE2  C Y N 245 
PHE CZ   C Y N 246 
PHE OXT  O N N 247 
PHE H    H N N 248 
PHE H2   H N N 249 
PHE HA   H N N 250 
PHE HB2  H N N 251 
PHE HB3  H N N 252 
PHE HD1  H N N 253 
PHE HD2  H N N 254 
PHE HE1  H N N 255 
PHE HE2  H N N 256 
PHE HZ   H N N 257 
PHE HXT  H N N 258 
PRO N    N N N 259 
PRO CA   C N S 260 
PRO C    C N N 261 
PRO O    O N N 262 
PRO CB   C N N 263 
PRO CG   C N N 264 
PRO CD   C N N 265 
PRO OXT  O N N 266 
PRO H    H N N 267 
PRO HA   H N N 268 
PRO HB2  H N N 269 
PRO HB3  H N N 270 
PRO HG2  H N N 271 
PRO HG3  H N N 272 
PRO HD2  H N N 273 
PRO HD3  H N N 274 
PRO HXT  H N N 275 
SER N    N N N 276 
SER CA   C N S 277 
SER C    C N N 278 
SER O    O N N 279 
SER CB   C N N 280 
SER OG   O N N 281 
SER OXT  O N N 282 
SER H    H N N 283 
SER H2   H N N 284 
SER HA   H N N 285 
SER HB2  H N N 286 
SER HB3  H N N 287 
SER HG   H N N 288 
SER HXT  H N N 289 
THR N    N N N 290 
THR CA   C N S 291 
THR C    C N N 292 
THR O    O N N 293 
THR CB   C N R 294 
THR OG1  O N N 295 
THR CG2  C N N 296 
THR OXT  O N N 297 
THR H    H N N 298 
THR H2   H N N 299 
THR HA   H N N 300 
THR HB   H N N 301 
THR HG1  H N N 302 
THR HG21 H N N 303 
THR HG22 H N N 304 
THR HG23 H N N 305 
THR HXT  H N N 306 
TRP N    N N N 307 
TRP CA   C N S 308 
TRP C    C N N 309 
TRP O    O N N 310 
TRP CB   C N N 311 
TRP CG   C Y N 312 
TRP CD1  C Y N 313 
TRP CD2  C Y N 314 
TRP NE1  N Y N 315 
TRP CE2  C Y N 316 
TRP CE3  C Y N 317 
TRP CZ2  C Y N 318 
TRP CZ3  C Y N 319 
TRP CH2  C Y N 320 
TRP OXT  O N N 321 
TRP H    H N N 322 
TRP H2   H N N 323 
TRP HA   H N N 324 
TRP HB2  H N N 325 
TRP HB3  H N N 326 
TRP HD1  H N N 327 
TRP HE1  H N N 328 
TRP HE3  H N N 329 
TRP HZ2  H N N 330 
TRP HZ3  H N N 331 
TRP HH2  H N N 332 
TRP HXT  H N N 333 
TYR N    N N N 334 
TYR CA   C N S 335 
TYR C    C N N 336 
TYR O    O N N 337 
TYR CB   C N N 338 
TYR CG   C Y N 339 
TYR CD1  C Y N 340 
TYR CD2  C Y N 341 
TYR CE1  C Y N 342 
TYR CE2  C Y N 343 
TYR CZ   C Y N 344 
TYR OH   O N N 345 
TYR OXT  O N N 346 
TYR H    H N N 347 
TYR H2   H N N 348 
TYR HA   H N N 349 
TYR HB2  H N N 350 
TYR HB3  H N N 351 
TYR HD1  H N N 352 
TYR HD2  H N N 353 
TYR HE1  H N N 354 
TYR HE2  H N N 355 
TYR HH   H N N 356 
TYR HXT  H N N 357 
VAL N    N N N 358 
VAL CA   C N S 359 
VAL C    C N N 360 
VAL O    O N N 361 
VAL CB   C N N 362 
VAL CG1  C N N 363 
VAL CG2  C N N 364 
VAL OXT  O N N 365 
VAL H    H N N 366 
VAL H2   H N N 367 
VAL HA   H N N 368 
VAL HB   H N N 369 
VAL HG11 H N N 370 
VAL HG12 H N N 371 
VAL HG13 H N N 372 
VAL HG21 H N N 373 
VAL HG22 H N N 374 
VAL HG23 H N N 375 
VAL HXT  H N N 376 
# 
loop_
_chem_comp_bond.comp_id 
_chem_comp_bond.atom_id_1 
_chem_comp_bond.atom_id_2 
_chem_comp_bond.value_order 
_chem_comp_bond.pdbx_aromatic_flag 
_chem_comp_bond.pdbx_stereo_config 
_chem_comp_bond.pdbx_ordinal 
ALA N   CA   sing N N 1   
ALA N   H    sing N N 2   
ALA N   H2   sing N N 3   
ALA CA  C    sing N N 4   
ALA CA  CB   sing N N 5   
ALA CA  HA   sing N N 6   
ALA C   O    doub N N 7   
ALA C   OXT  sing N N 8   
ALA CB  HB1  sing N N 9   
ALA CB  HB2  sing N N 10  
ALA CB  HB3  sing N N 11  
ALA OXT HXT  sing N N 12  
ARG N   CA   sing N N 13  
ARG N   H    sing N N 14  
ARG N   H2   sing N N 15  
ARG CA  C    sing N N 16  
ARG CA  CB   sing N N 17  
ARG CA  HA   sing N N 18  
ARG C   O    doub N N 19  
ARG C   OXT  sing N N 20  
ARG CB  CG   sing N N 21  
ARG CB  HB2  sing N N 22  
ARG CB  HB3  sing N N 23  
ARG CG  CD   sing N N 24  
ARG CG  HG2  sing N N 25  
ARG CG  HG3  sing N N 26  
ARG CD  NE   sing N N 27  
ARG CD  HD2  sing N N 28  
ARG CD  HD3  sing N N 29  
ARG NE  CZ   sing N N 30  
ARG NE  HE   sing N N 31  
ARG CZ  NH1  sing N N 32  
ARG CZ  NH2  doub N N 33  
ARG NH1 HH11 sing N N 34  
ARG NH1 HH12 sing N N 35  
ARG NH2 HH21 sing N N 36  
ARG NH2 HH22 sing N N 37  
ARG OXT HXT  sing N N 38  
ASN N   CA   sing N N 39  
ASN N   H    sing N N 40  
ASN N   H2   sing N N 41  
ASN CA  C    sing N N 42  
ASN CA  CB   sing N N 43  
ASN CA  HA   sing N N 44  
ASN C   O    doub N N 45  
ASN C   OXT  sing N N 46  
ASN CB  CG   sing N N 47  
ASN CB  HB2  sing N N 48  
ASN CB  HB3  sing N N 49  
ASN CG  OD1  doub N N 50  
ASN CG  ND2  sing N N 51  
ASN ND2 HD21 sing N N 52  
ASN ND2 HD22 sing N N 53  
ASN OXT HXT  sing N N 54  
ASP N   CA   sing N N 55  
ASP N   H    sing N N 56  
ASP N   H2   sing N N 57  
ASP CA  C    sing N N 58  
ASP CA  CB   sing N N 59  
ASP CA  HA   sing N N 60  
ASP C   O    doub N N 61  
ASP C   OXT  sing N N 62  
ASP CB  CG   sing N N 63  
ASP CB  HB2  sing N N 64  
ASP CB  HB3  sing N N 65  
ASP CG  OD1  doub N N 66  
ASP CG  OD2  sing N N 67  
ASP OD2 HD2  sing N N 68  
ASP OXT HXT  sing N N 69  
GLN N   CA   sing N N 70  
GLN N   H    sing N N 71  
GLN N   H2   sing N N 72  
GLN CA  C    sing N N 73  
GLN CA  CB   sing N N 74  
GLN CA  HA   sing N N 75  
GLN C   O    doub N N 76  
GLN C   OXT  sing N N 77  
GLN CB  CG   sing N N 78  
GLN CB  HB2  sing N N 79  
GLN CB  HB3  sing N N 80  
GLN CG  CD   sing N N 81  
GLN CG  HG2  sing N N 82  
GLN CG  HG3  sing N N 83  
GLN CD  OE1  doub N N 84  
GLN CD  NE2  sing N N 85  
GLN NE2 HE21 sing N N 86  
GLN NE2 HE22 sing N N 87  
GLN OXT HXT  sing N N 88  
GLU N   CA   sing N N 89  
GLU N   H    sing N N 90  
GLU N   H2   sing N N 91  
GLU CA  C    sing N N 92  
GLU CA  CB   sing N N 93  
GLU CA  HA   sing N N 94  
GLU C   O    doub N N 95  
GLU C   OXT  sing N N 96  
GLU CB  CG   sing N N 97  
GLU CB  HB2  sing N N 98  
GLU CB  HB3  sing N N 99  
GLU CG  CD   sing N N 100 
GLU CG  HG2  sing N N 101 
GLU CG  HG3  sing N N 102 
GLU CD  OE1  doub N N 103 
GLU CD  OE2  sing N N 104 
GLU OE2 HE2  sing N N 105 
GLU OXT HXT  sing N N 106 
GLY N   CA   sing N N 107 
GLY N   H    sing N N 108 
GLY N   H2   sing N N 109 
GLY CA  C    sing N N 110 
GLY CA  HA2  sing N N 111 
GLY CA  HA3  sing N N 112 
GLY C   O    doub N N 113 
GLY C   OXT  sing N N 114 
GLY OXT HXT  sing N N 115 
HIS N   CA   sing N N 116 
HIS N   H    sing N N 117 
HIS N   H2   sing N N 118 
HIS CA  C    sing N N 119 
HIS CA  CB   sing N N 120 
HIS CA  HA   sing N N 121 
HIS C   O    doub N N 122 
HIS C   OXT  sing N N 123 
HIS CB  CG   sing N N 124 
HIS CB  HB2  sing N N 125 
HIS CB  HB3  sing N N 126 
HIS CG  ND1  sing Y N 127 
HIS CG  CD2  doub Y N 128 
HIS ND1 CE1  doub Y N 129 
HIS ND1 HD1  sing N N 130 
HIS CD2 NE2  sing Y N 131 
HIS CD2 HD2  sing N N 132 
HIS CE1 NE2  sing Y N 133 
HIS CE1 HE1  sing N N 134 
HIS NE2 HE2  sing N N 135 
HIS OXT HXT  sing N N 136 
HOH O   H1   sing N N 137 
HOH O   H2   sing N N 138 
ILE N   CA   sing N N 139 
ILE N   H    sing N N 140 
ILE N   H2   sing N N 141 
ILE CA  C    sing N N 142 
ILE CA  CB   sing N N 143 
ILE CA  HA   sing N N 144 
ILE C   O    doub N N 145 
ILE C   OXT  sing N N 146 
ILE CB  CG1  sing N N 147 
ILE CB  CG2  sing N N 148 
ILE CB  HB   sing N N 149 
ILE CG1 CD1  sing N N 150 
ILE CG1 HG12 sing N N 151 
ILE CG1 HG13 sing N N 152 
ILE CG2 HG21 sing N N 153 
ILE CG2 HG22 sing N N 154 
ILE CG2 HG23 sing N N 155 
ILE CD1 HD11 sing N N 156 
ILE CD1 HD12 sing N N 157 
ILE CD1 HD13 sing N N 158 
ILE OXT HXT  sing N N 159 
LEU N   CA   sing N N 160 
LEU N   H    sing N N 161 
LEU N   H2   sing N N 162 
LEU CA  C    sing N N 163 
LEU CA  CB   sing N N 164 
LEU CA  HA   sing N N 165 
LEU C   O    doub N N 166 
LEU C   OXT  sing N N 167 
LEU CB  CG   sing N N 168 
LEU CB  HB2  sing N N 169 
LEU CB  HB3  sing N N 170 
LEU CG  CD1  sing N N 171 
LEU CG  CD2  sing N N 172 
LEU CG  HG   sing N N 173 
LEU CD1 HD11 sing N N 174 
LEU CD1 HD12 sing N N 175 
LEU CD1 HD13 sing N N 176 
LEU CD2 HD21 sing N N 177 
LEU CD2 HD22 sing N N 178 
LEU CD2 HD23 sing N N 179 
LEU OXT HXT  sing N N 180 
LYS N   CA   sing N N 181 
LYS N   H    sing N N 182 
LYS N   H2   sing N N 183 
LYS CA  C    sing N N 184 
LYS CA  CB   sing N N 185 
LYS CA  HA   sing N N 186 
LYS C   O    doub N N 187 
LYS C   OXT  sing N N 188 
LYS CB  CG   sing N N 189 
LYS CB  HB2  sing N N 190 
LYS CB  HB3  sing N N 191 
LYS CG  CD   sing N N 192 
LYS CG  HG2  sing N N 193 
LYS CG  HG3  sing N N 194 
LYS CD  CE   sing N N 195 
LYS CD  HD2  sing N N 196 
LYS CD  HD3  sing N N 197 
LYS CE  NZ   sing N N 198 
LYS CE  HE2  sing N N 199 
LYS CE  HE3  sing N N 200 
LYS NZ  HZ1  sing N N 201 
LYS NZ  HZ2  sing N N 202 
LYS NZ  HZ3  sing N N 203 
LYS OXT HXT  sing N N 204 
MET N   CA   sing N N 205 
MET N   H    sing N N 206 
MET N   H2   sing N N 207 
MET CA  C    sing N N 208 
MET CA  CB   sing N N 209 
MET CA  HA   sing N N 210 
MET C   O    doub N N 211 
MET C   OXT  sing N N 212 
MET CB  CG   sing N N 213 
MET CB  HB2  sing N N 214 
MET CB  HB3  sing N N 215 
MET CG  SD   sing N N 216 
MET CG  HG2  sing N N 217 
MET CG  HG3  sing N N 218 
MET SD  CE   sing N N 219 
MET CE  HE1  sing N N 220 
MET CE  HE2  sing N N 221 
MET CE  HE3  sing N N 222 
MET OXT HXT  sing N N 223 
PHE N   CA   sing N N 224 
PHE N   H    sing N N 225 
PHE N   H2   sing N N 226 
PHE CA  C    sing N N 227 
PHE CA  CB   sing N N 228 
PHE CA  HA   sing N N 229 
PHE C   O    doub N N 230 
PHE C   OXT  sing N N 231 
PHE CB  CG   sing N N 232 
PHE CB  HB2  sing N N 233 
PHE CB  HB3  sing N N 234 
PHE CG  CD1  doub Y N 235 
PHE CG  CD2  sing Y N 236 
PHE CD1 CE1  sing Y N 237 
PHE CD1 HD1  sing N N 238 
PHE CD2 CE2  doub Y N 239 
PHE CD2 HD2  sing N N 240 
PHE CE1 CZ   doub Y N 241 
PHE CE1 HE1  sing N N 242 
PHE CE2 CZ   sing Y N 243 
PHE CE2 HE2  sing N N 244 
PHE CZ  HZ   sing N N 245 
PHE OXT HXT  sing N N 246 
PRO N   CA   sing N N 247 
PRO N   CD   sing N N 248 
PRO N   H    sing N N 249 
PRO CA  C    sing N N 250 
PRO CA  CB   sing N N 251 
PRO CA  HA   sing N N 252 
PRO C   O    doub N N 253 
PRO C   OXT  sing N N 254 
PRO CB  CG   sing N N 255 
PRO CB  HB2  sing N N 256 
PRO CB  HB3  sing N N 257 
PRO CG  CD   sing N N 258 
PRO CG  HG2  sing N N 259 
PRO CG  HG3  sing N N 260 
PRO CD  HD2  sing N N 261 
PRO CD  HD3  sing N N 262 
PRO OXT HXT  sing N N 263 
SER N   CA   sing N N 264 
SER N   H    sing N N 265 
SER N   H2   sing N N 266 
SER CA  C    sing N N 267 
SER CA  CB   sing N N 268 
SER CA  HA   sing N N 269 
SER C   O    doub N N 270 
SER C   OXT  sing N N 271 
SER CB  OG   sing N N 272 
SER CB  HB2  sing N N 273 
SER CB  HB3  sing N N 274 
SER OG  HG   sing N N 275 
SER OXT HXT  sing N N 276 
THR N   CA   sing N N 277 
THR N   H    sing N N 278 
THR N   H2   sing N N 279 
THR CA  C    sing N N 280 
THR CA  CB   sing N N 281 
THR CA  HA   sing N N 282 
THR C   O    doub N N 283 
THR C   OXT  sing N N 284 
THR CB  OG1  sing N N 285 
THR CB  CG2  sing N N 286 
THR CB  HB   sing N N 287 
THR OG1 HG1  sing N N 288 
THR CG2 HG21 sing N N 289 
THR CG2 HG22 sing N N 290 
THR CG2 HG23 sing N N 291 
THR OXT HXT  sing N N 292 
TRP N   CA   sing N N 293 
TRP N   H    sing N N 294 
TRP N   H2   sing N N 295 
TRP CA  C    sing N N 296 
TRP CA  CB   sing N N 297 
TRP CA  HA   sing N N 298 
TRP C   O    doub N N 299 
TRP C   OXT  sing N N 300 
TRP CB  CG   sing N N 301 
TRP CB  HB2  sing N N 302 
TRP CB  HB3  sing N N 303 
TRP CG  CD1  doub Y N 304 
TRP CG  CD2  sing Y N 305 
TRP CD1 NE1  sing Y N 306 
TRP CD1 HD1  sing N N 307 
TRP CD2 CE2  doub Y N 308 
TRP CD2 CE3  sing Y N 309 
TRP NE1 CE2  sing Y N 310 
TRP NE1 HE1  sing N N 311 
TRP CE2 CZ2  sing Y N 312 
TRP CE3 CZ3  doub Y N 313 
TRP CE3 HE3  sing N N 314 
TRP CZ2 CH2  doub Y N 315 
TRP CZ2 HZ2  sing N N 316 
TRP CZ3 CH2  sing Y N 317 
TRP CZ3 HZ3  sing N N 318 
TRP CH2 HH2  sing N N 319 
TRP OXT HXT  sing N N 320 
TYR N   CA   sing N N 321 
TYR N   H    sing N N 322 
TYR N   H2   sing N N 323 
TYR CA  C    sing N N 324 
TYR CA  CB   sing N N 325 
TYR CA  HA   sing N N 326 
TYR C   O    doub N N 327 
TYR C   OXT  sing N N 328 
TYR CB  CG   sing N N 329 
TYR CB  HB2  sing N N 330 
TYR CB  HB3  sing N N 331 
TYR CG  CD1  doub Y N 332 
TYR CG  CD2  sing Y N 333 
TYR CD1 CE1  sing Y N 334 
TYR CD1 HD1  sing N N 335 
TYR CD2 CE2  doub Y N 336 
TYR CD2 HD2  sing N N 337 
TYR CE1 CZ   doub Y N 338 
TYR CE1 HE1  sing N N 339 
TYR CE2 CZ   sing Y N 340 
TYR CE2 HE2  sing N N 341 
TYR CZ  OH   sing N N 342 
TYR OH  HH   sing N N 343 
TYR OXT HXT  sing N N 344 
VAL N   CA   sing N N 345 
VAL N   H    sing N N 346 
VAL N   H2   sing N N 347 
VAL CA  C    sing N N 348 
VAL CA  CB   sing N N 349 
VAL CA  HA   sing N N 350 
VAL C   O    doub N N 351 
VAL C   OXT  sing N N 352 
VAL CB  CG1  sing N N 353 
VAL CB  CG2  sing N N 354 
VAL CB  HB   sing N N 355 
VAL CG1 HG11 sing N N 356 
VAL CG1 HG12 sing N N 357 
VAL CG1 HG13 sing N N 358 
VAL CG2 HG21 sing N N 359 
VAL CG2 HG22 sing N N 360 
VAL CG2 HG23 sing N N 361 
VAL OXT HXT  sing N N 362 
# 
_atom_sites.entry_id                    4RS8 
_atom_sites.fract_transf_matrix[1][1]   -0.00178188 
_atom_sites.fract_transf_matrix[1][2]   -0.02870116 
_atom_sites.fract_transf_matrix[1][3]   0.00480443 
_atom_sites.fract_transf_matrix[2][1]   0.01431909 
_atom_sites.fract_transf_matrix[2][2]   0.00019763 
_atom_sites.fract_transf_matrix[2][3]   0.00649132 
_atom_sites.fract_transf_matrix[3][1]   -0.00473901 
_atom_sites.fract_transf_matrix[3][2]   0.00203375 
_atom_sites.fract_transf_matrix[3][3]   0.01039177 
_atom_sites.fract_transf_vector[1]      0.898957 
_atom_sites.fract_transf_vector[2]      0.643673 
_atom_sites.fract_transf_vector[3]      0.310741 
# 
loop_
_atom_type.symbol 
C 
N 
O 
S 
# 
loop_
_atom_site.group_PDB 
_atom_site.id 
_atom_site.type_symbol 
_atom_site.label_atom_id 
_atom_site.label_alt_id 
_atom_site.label_comp_id 
_atom_site.label_asym_id 
_atom_site.label_entity_id 
_atom_site.label_seq_id 
_atom_site.pdbx_PDB_ins_code 
_atom_site.Cartn_x 
_atom_site.Cartn_y 
_atom_site.Cartn_z 
_atom_site.occupancy 
_atom_site.B_iso_or_equiv 
_atom_site.pdbx_formal_charge 
_atom_site.auth_seq_id 
_atom_site.auth_comp_id 
_atom_site.auth_asym_id 
_atom_site.auth_atom_id 
_atom_site.pdbx_PDB_model_num 
ATOM   1    N N   . TYR A 1 1  ? 5.292   -1.704  6.117   1.00 31.84 ? 9   TYR A N   1 
ATOM   2    C CA  . TYR A 1 1  ? 4.581   -1.029  4.992   1.00 34.06 ? 9   TYR A CA  1 
ATOM   3    C C   . TYR A 1 1  ? 4.935   -1.610  3.621   1.00 34.34 ? 9   TYR A C   1 
ATOM   4    O O   . TYR A 1 1  ? 5.086   -0.858  2.647   1.00 37.07 ? 9   TYR A O   1 
ATOM   5    C CB  . TYR A 1 1  ? 4.902   0.467   4.982   1.00 34.75 ? 9   TYR A CB  1 
ATOM   6    C CG  . TYR A 1 1  ? 4.665   1.161   6.300   1.00 37.54 ? 9   TYR A CG  1 
ATOM   7    C CD1 . TYR A 1 1  ? 5.665   1.213   7.266   1.00 36.95 ? 9   TYR A CD1 1 
ATOM   8    C CD2 . TYR A 1 1  ? 3.433   1.750   6.590   1.00 37.68 ? 9   TYR A CD2 1 
ATOM   9    C CE1 . TYR A 1 1  ? 5.452   1.830   8.489   1.00 41.23 ? 9   TYR A CE1 1 
ATOM   10   C CE2 . TYR A 1 1  ? 3.204   2.373   7.818   1.00 40.71 ? 9   TYR A CE2 1 
ATOM   11   C CZ  . TYR A 1 1  ? 4.221   2.405   8.764   1.00 42.37 ? 9   TYR A CZ  1 
ATOM   12   O OH  . TYR A 1 1  ? 4.011   2.979   9.997   1.00 46.00 ? 9   TYR A OH  1 
ATOM   13   N N   . ILE A 1 2  ? 5.054   -2.936  3.539   1.00 27.43 ? 10  ILE A N   1 
ATOM   14   C CA  . ILE A 1 2  ? 5.390   -3.591  2.278   1.00 23.79 ? 10  ILE A CA  1 
ATOM   15   C C   . ILE A 1 2  ? 4.314   -3.390  1.203   1.00 21.65 ? 10  ILE A C   1 
ATOM   16   O O   . ILE A 1 2  ? 4.601   -2.891  0.114   1.00 21.28 ? 10  ILE A O   1 
ATOM   17   C CB  . ILE A 1 2  ? 5.620   -5.107  2.492   1.00 21.41 ? 10  ILE A CB  1 
ATOM   18   C CG1 . ILE A 1 2  ? 6.720   -5.311  3.540   1.00 24.41 ? 10  ILE A CG1 1 
ATOM   19   C CG2 . ILE A 1 2  ? 6.051   -5.760  1.186   1.00 18.93 ? 10  ILE A CG2 1 
ATOM   20   C CD1 . ILE A 1 2  ? 6.991   -6.759  3.903   1.00 22.61 ? 10  ILE A CD1 1 
ATOM   21   N N   . PHE A 1 3  ? 3.081   -3.794  1.510   1.00 22.07 ? 11  PHE A N   1 
ATOM   22   C CA  . PHE A 1 3  ? 1.946   -3.676  0.591   1.00 19.67 ? 11  PHE A CA  1 
ATOM   23   C C   . PHE A 1 3  ? 1.228   -2.343  0.745   1.00 19.78 ? 11  PHE A C   1 
ATOM   24   O O   . PHE A 1 3  ? 0.809   -1.727  -0.235  1.00 19.33 ? 11  PHE A O   1 
ATOM   25   C CB  . PHE A 1 3  ? 0.919   -4.792  0.864   1.00 23.84 ? 11  PHE A CB  1 
ATOM   26   C CG  . PHE A 1 3  ? 1.085   -6.025  -0.002  1.00 25.01 ? 11  PHE A CG  1 
ATOM   27   C CD1 . PHE A 1 3  ? 2.311   -6.679  -0.098  1.00 23.99 ? 11  PHE A CD1 1 
ATOM   28   C CD2 . PHE A 1 3  ? -0.007  -6.544  -0.694  1.00 27.84 ? 11  PHE A CD2 1 
ATOM   29   C CE1 . PHE A 1 3  ? 2.444   -7.834  -0.873  1.00 25.90 ? 11  PHE A CE1 1 
ATOM   30   C CE2 . PHE A 1 3  ? 0.119   -7.705  -1.474  1.00 28.30 ? 11  PHE A CE2 1 
ATOM   31   C CZ  . PHE A 1 3  ? 1.347   -8.347  -1.562  1.00 25.82 ? 11  PHE A CZ  1 
ATOM   32   N N   . LEU A 1 4  ? 1.079   -1.909  1.988   1.00 19.48 ? 12  LEU A N   1 
ATOM   33   C CA  . LEU A 1 4  ? 0.368   -0.678  2.292   1.00 18.58 ? 12  LEU A CA  1 
ATOM   34   C C   . LEU A 1 4  ? 1.262   0.489   2.658   1.00 19.28 ? 12  LEU A C   1 
ATOM   35   O O   . LEU A 1 4  ? 2.397   0.315   3.102   1.00 22.01 ? 12  LEU A O   1 
ATOM   36   C CB  . LEU A 1 4  ? -0.620  -0.923  3.436   1.00 16.94 ? 12  LEU A CB  1 
ATOM   37   C CG  . LEU A 1 4  ? -1.658  -2.006  3.163   1.00 19.24 ? 12  LEU A CG  1 
ATOM   38   C CD1 . LEU A 1 4  ? -2.185  -2.527  4.491   1.00 21.24 ? 12  LEU A CD1 1 
ATOM   39   C CD2 . LEU A 1 4  ? -2.772  -1.457  2.277   1.00 18.66 ? 12  LEU A CD2 1 
ATOM   40   N N   . THR A 1 5  ? 0.733   1.688   2.473   1.00 15.75 ? 13  THR A N   1 
ATOM   41   C CA  . THR A 1 5  ? 1.459   2.897   2.792   1.00 17.59 ? 13  THR A CA  1 
ATOM   42   C C   . THR A 1 5  ? 0.860   3.434   4.074   1.00 17.33 ? 13  THR A C   1 
ATOM   43   O O   . THR A 1 5  ? -0.201  2.980   4.506   1.00 18.07 ? 13  THR A O   1 
ATOM   44   C CB  . THR A 1 5  ? 1.261   3.950   1.710   1.00 18.03 ? 13  THR A CB  1 
ATOM   45   O OG1 . THR A 1 5  ? -0.145  4.230   1.589   1.00 19.62 ? 13  THR A OG1 1 
ATOM   46   C CG2 . THR A 1 5  ? 1.789   3.453   0.367   1.00 17.97 ? 13  THR A CG2 1 
ATOM   47   N N   . PRO A 1 6  ? 1.533   4.404   4.710   1.00 19.78 ? 14  PRO A N   1 
ATOM   48   C CA  . PRO A 1 6  ? 0.961   4.943   5.949   1.00 19.93 ? 14  PRO A CA  1 
ATOM   49   C C   . PRO A 1 6  ? -0.339  5.719   5.681   1.00 21.00 ? 14  PRO A C   1 
ATOM   50   O O   . PRO A 1 6  ? -1.191  5.831   6.563   1.00 18.48 ? 14  PRO A O   1 
ATOM   51   C CB  . PRO A 1 6  ? 2.093   5.808   6.520   1.00 19.94 ? 14  PRO A CB  1 
ATOM   52   C CG  . PRO A 1 6  ? 2.935   6.136   5.323   1.00 25.07 ? 14  PRO A CG  1 
ATOM   53   C CD  . PRO A 1 6  ? 2.919   4.862   4.516   1.00 17.86 ? 14  PRO A CD  1 
ATOM   54   N N   . ARG A 1 7  ? -0.501  6.235   4.463   1.00 21.73 ? 15  ARG A N   1 
ATOM   55   C CA  . ARG A 1 7  ? -1.726  6.954   4.112   1.00 21.58 ? 15  ARG A CA  1 
ATOM   56   C C   . ARG A 1 7  ? -2.939  6.028   4.172   1.00 18.02 ? 15  ARG A C   1 
ATOM   57   O O   . ARG A 1 7  ? -4.015  6.445   4.582   1.00 17.46 ? 15  ARG A O   1 
ATOM   58   C CB  . ARG A 1 7  ? -1.636  7.552   2.710   1.00 23.68 ? 15  ARG A CB  1 
ATOM   59   C CG  . ARG A 1 7  ? -0.885  8.851   2.637   1.00 28.45 ? 15  ARG A CG  1 
ATOM   60   C CD  . ARG A 1 7  ? -0.765  9.288   1.196   1.00 32.13 ? 15  ARG A CD  1 
ATOM   61   N NE  . ARG A 1 7  ? -0.214  8.207   0.389   1.00 34.03 ? 15  ARG A NE  1 
ATOM   62   C CZ  . ARG A 1 7  ? 0.296   8.369   -0.821  1.00 36.60 ? 15  ARG A CZ  1 
ATOM   63   N NH1 . ARG A 1 7  ? 0.323   9.575   -1.371  1.00 39.10 ? 15  ARG A NH1 1 
ATOM   64   N NH2 . ARG A 1 7  ? 0.787   7.325   -1.477  1.00 36.93 ? 15  ARG A NH2 1 
ATOM   65   N N   . ALA A 1 8  ? -2.764  4.772   3.767   1.00 15.97 ? 16  ALA A N   1 
ATOM   66   C CA  . ALA A 1 8  ? -3.874  3.821   3.798   1.00 15.67 ? 16  ALA A CA  1 
ATOM   67   C C   . ALA A 1 8  ? -4.414  3.685   5.223   1.00 16.06 ? 16  ALA A C   1 
ATOM   68   O O   . ALA A 1 8  ? -5.626  3.692   5.430   1.00 21.58 ? 16  ALA A O   1 
ATOM   69   C CB  . ALA A 1 8  ? -3.426  2.461   3.267   1.00 11.40 ? 16  ALA A CB  1 
ATOM   70   N N   . TYR A 1 9  ? -3.515  3.567   6.196   1.00 15.10 ? 17  TYR A N   1 
ATOM   71   C CA  . TYR A 1 9  ? -3.910  3.448   7.596   1.00 18.51 ? 17  TYR A CA  1 
ATOM   72   C C   . TYR A 1 9  ? -4.552  4.744   8.114   1.00 15.64 ? 17  TYR A C   1 
ATOM   73   O O   . TYR A 1 9  ? -5.518  4.702   8.860   1.00 13.54 ? 17  TYR A O   1 
ATOM   74   C CB  . TYR A 1 9  ? -2.697  3.116   8.484   1.00 20.44 ? 17  TYR A CB  1 
ATOM   75   C CG  . TYR A 1 9  ? -2.110  1.746   8.268   1.00 22.84 ? 17  TYR A CG  1 
ATOM   76   C CD1 . TYR A 1 9  ? -0.853  1.591   7.678   1.00 26.74 ? 17  TYR A CD1 1 
ATOM   77   C CD2 . TYR A 1 9  ? -2.806  0.604   8.650   1.00 25.16 ? 17  TYR A CD2 1 
ATOM   78   C CE1 . TYR A 1 9  ? -0.302  0.333   7.479   1.00 27.78 ? 17  TYR A CE1 1 
ATOM   79   C CE2 . TYR A 1 9  ? -2.262  -0.675  8.451   1.00 29.04 ? 17  TYR A CE2 1 
ATOM   80   C CZ  . TYR A 1 9  ? -1.009  -0.794  7.863   1.00 28.75 ? 17  TYR A CZ  1 
ATOM   81   O OH  . TYR A 1 9  ? -0.469  -2.040  7.655   1.00 31.30 ? 17  TYR A OH  1 
ATOM   82   N N   . ILE A 1 10 ? -3.996  5.890   7.725   1.00 15.43 ? 18  ILE A N   1 
ATOM   83   C CA  . ILE A 1 10 ? -4.520  7.179   8.155   1.00 12.18 ? 18  ILE A CA  1 
ATOM   84   C C   . ILE A 1 10 ? -5.945  7.384   7.636   1.00 14.83 ? 18  ILE A C   1 
ATOM   85   O O   . ILE A 1 10 ? -6.844  7.738   8.399   1.00 11.82 ? 18  ILE A O   1 
ATOM   86   C CB  . ILE A 1 10 ? -3.590  8.313   7.670   1.00 13.43 ? 18  ILE A CB  1 
ATOM   87   C CG1 . ILE A 1 10 ? -2.255  8.212   8.427   1.00 13.25 ? 18  ILE A CG1 1 
ATOM   88   C CG2 . ILE A 1 10 ? -4.263  9.684   7.865   1.00 8.10  ? 18  ILE A CG2 1 
ATOM   89   C CD1 . ILE A 1 10 ? -1.126  9.041   7.856   1.00 16.06 ? 18  ILE A CD1 1 
ATOM   90   N N   . ILE A 1 11 ? -6.135  7.136   6.342   1.00 12.89 ? 19  ILE A N   1 
ATOM   91   C CA  . ILE A 1 11 ? -7.440  7.278   5.700   1.00 16.13 ? 19  ILE A CA  1 
ATOM   92   C C   . ILE A 1 11 ? -8.484  6.304   6.266   1.00 18.02 ? 19  ILE A C   1 
ATOM   93   O O   . ILE A 1 11 ? -9.625  6.686   6.541   1.00 17.11 ? 19  ILE A O   1 
ATOM   94   C CB  . ILE A 1 11 ? -7.330  7.029   4.175   1.00 13.18 ? 19  ILE A CB  1 
ATOM   95   C CG1 . ILE A 1 11 ? -6.489  8.128   3.514   1.00 17.84 ? 19  ILE A CG1 1 
ATOM   96   C CG2 . ILE A 1 11 ? -8.715  6.951   3.573   1.00 14.26 ? 19  ILE A CG2 1 
ATOM   97   C CD1 . ILE A 1 11 ? -5.947  7.757   2.125   1.00 13.47 ? 19  ILE A CD1 1 
ATOM   98   N N   . VAL A 1 12 ? -8.096  5.041   6.427   1.00 16.30 ? 20  VAL A N   1 
ATOM   99   C CA  . VAL A 1 12 ? -9.020  4.044   6.952   1.00 15.65 ? 20  VAL A CA  1 
ATOM   100  C C   . VAL A 1 12 ? -9.419  4.336   8.390   1.00 17.90 ? 20  VAL A C   1 
ATOM   101  O O   . VAL A 1 12 ? -10.531 4.012   8.809   1.00 15.99 ? 20  VAL A O   1 
ATOM   102  C CB  . VAL A 1 12 ? -8.429  2.620   6.857   1.00 16.37 ? 20  VAL A CB  1 
ATOM   103  C CG1 . VAL A 1 12 ? -9.318  1.627   7.583   1.00 14.87 ? 20  VAL A CG1 1 
ATOM   104  C CG2 . VAL A 1 12 ? -8.306  2.218   5.386   1.00 15.20 ? 20  VAL A CG2 1 
ATOM   105  N N   . HIS A 1 13 ? -8.524  4.960   9.151   1.00 17.83 ? 21  HIS A N   1 
ATOM   106  C CA  . HIS A 1 13 ? -8.851  5.290   10.533  1.00 19.18 ? 21  HIS A CA  1 
ATOM   107  C C   . HIS A 1 13 ? -9.933  6.382   10.559  1.00 19.92 ? 21  HIS A C   1 
ATOM   108  O O   . HIS A 1 13 ? -10.862 6.336   11.370  1.00 20.78 ? 21  HIS A O   1 
ATOM   109  C CB  . HIS A 1 13 ? -7.603  5.761   11.276  1.00 15.06 ? 21  HIS A CB  1 
ATOM   110  C CG  . HIS A 1 13 ? -7.852  6.123   12.706  1.00 17.80 ? 21  HIS A CG  1 
ATOM   111  N ND1 . HIS A 1 13 ? -8.085  5.179   13.684  1.00 18.83 ? 21  HIS A ND1 1 
ATOM   112  C CD2 . HIS A 1 13 ? -7.963  7.330   13.314  1.00 17.29 ? 21  HIS A CD2 1 
ATOM   113  C CE1 . HIS A 1 13 ? -8.335  5.788   14.832  1.00 16.91 ? 21  HIS A CE1 1 
ATOM   114  N NE2 . HIS A 1 13 ? -8.269  7.095   14.634  1.00 18.95 ? 21  HIS A NE2 1 
ATOM   115  N N   . LEU A 1 14 ? -9.815  7.359   9.665   1.00 16.05 ? 22  LEU A N   1 
ATOM   116  C CA  . LEU A 1 14 ? -10.782 8.451   9.602   1.00 18.42 ? 22  LEU A CA  1 
ATOM   117  C C   . LEU A 1 14 ? -12.165 7.989   9.137   1.00 21.28 ? 22  LEU A C   1 
ATOM   118  O O   . LEU A 1 14 ? -13.175 8.630   9.444   1.00 20.04 ? 22  LEU A O   1 
ATOM   119  C CB  . LEU A 1 14 ? -10.266 9.557   8.677   1.00 12.97 ? 22  LEU A CB  1 
ATOM   120  C CG  . LEU A 1 14 ? -9.088  10.350  9.245   1.00 13.95 ? 22  LEU A CG  1 
ATOM   121  C CD1 . LEU A 1 14 ? -8.724  11.446  8.251   1.00 14.06 ? 22  LEU A CD1 1 
ATOM   122  C CD2 . LEU A 1 14 ? -9.452  10.959  10.594  1.00 7.98  ? 22  LEU A CD2 1 
ATOM   123  N N   . LEU A 1 15 ? -12.194 6.881   8.401   1.00 23.76 ? 23  LEU A N   1 
ATOM   124  C CA  . LEU A 1 15 ? -13.439 6.308   7.902   1.00 26.30 ? 23  LEU A CA  1 
ATOM   125  C C   . LEU A 1 15 ? -14.340 5.844   9.016   1.00 29.10 ? 23  LEU A C   1 
ATOM   126  O O   . LEU A 1 15 ? -15.511 6.209   9.066   1.00 33.55 ? 23  LEU A O   1 
ATOM   127  C CB  . LEU A 1 15 ? -13.168 5.104   7.007   1.00 28.10 ? 23  LEU A CB  1 
ATOM   128  C CG  . LEU A 1 15 ? -13.131 5.344   5.504   1.00 30.81 ? 23  LEU A CG  1 
ATOM   129  C CD1 . LEU A 1 15 ? -12.847 4.017   4.836   1.00 29.11 ? 23  LEU A CD1 1 
ATOM   130  C CD2 . LEU A 1 15 ? -14.456 5.939   5.005   1.00 29.43 ? 23  LEU A CD2 1 
ATOM   131  N N   . LYS A 1 16 ? -13.800 5.023   9.906   1.00 31.01 ? 24  LYS A N   1 
ATOM   132  C CA  . LYS A 1 16 ? -14.612 4.505   10.989  1.00 32.89 ? 24  LYS A CA  1 
ATOM   133  C C   . LYS A 1 16 ? -14.784 5.463   12.152  1.00 32.39 ? 24  LYS A C   1 
ATOM   134  O O   . LYS A 1 16 ? -15.815 5.442   12.831  1.00 35.88 ? 24  LYS A O   1 
ATOM   135  C CB  . LYS A 1 16 ? -14.032 3.184   11.490  1.00 36.95 ? 24  LYS A CB  1 
ATOM   136  C CG  . LYS A 1 16 ? -12.613 3.268   11.982  1.00 33.93 ? 24  LYS A CG  1 
ATOM   137  C CD  . LYS A 1 16 ? -12.193 1.929   12.551  1.00 35.33 ? 24  LYS A CD  1 
ATOM   138  C CE  . LYS A 1 16 ? -10.836 2.036   13.210  1.00 38.77 ? 24  LYS A CE  1 
ATOM   139  N NZ  . LYS A 1 16 ? -10.408 0.761   13.847  1.00 36.33 ? 24  LYS A NZ  1 
ATOM   140  N N   . VAL A 1 17 ? -13.786 6.312   12.375  1.00 30.32 ? 25  VAL A N   1 
ATOM   141  C CA  . VAL A 1 17 ? -13.831 7.272   13.471  1.00 27.39 ? 25  VAL A CA  1 
ATOM   142  C C   . VAL A 1 17 ? -14.527 8.587   13.119  1.00 26.47 ? 25  VAL A C   1 
ATOM   143  O O   . VAL A 1 17 ? -15.127 9.219   13.981  1.00 28.60 ? 25  VAL A O   1 
ATOM   144  C CB  . VAL A 1 17 ? -12.408 7.556   13.983  1.00 31.26 ? 25  VAL A CB  1 
ATOM   145  C CG1 . VAL A 1 17 ? -12.431 8.617   15.063  1.00 35.44 ? 25  VAL A CG1 1 
ATOM   146  C CG2 . VAL A 1 17 ? -11.806 6.267   14.523  1.00 28.10 ? 25  VAL A CG2 1 
ATOM   147  N N   . GLY A 1 18 ? -14.451 9.002   11.858  1.00 24.87 ? 26  GLY A N   1 
ATOM   148  C CA  . GLY A 1 18 ? -15.099 10.239  11.454  1.00 24.97 ? 26  GLY A CA  1 
ATOM   149  C C   . GLY A 1 18 ? -14.182 11.445  11.526  1.00 26.18 ? 26  GLY A C   1 
ATOM   150  O O   . GLY A 1 18 ? -13.818 12.011  10.496  1.00 25.98 ? 26  GLY A O   1 
ATOM   151  N N   . LYS A 1 19 ? -13.819 11.840  12.745  1.00 26.90 ? 27  LYS A N   1 
ATOM   152  C CA  . LYS A 1 19 ? -12.919 12.970  12.981  1.00 26.21 ? 27  LYS A CA  1 
ATOM   153  C C   . LYS A 1 19 ? -11.865 12.554  14.001  1.00 23.30 ? 27  LYS A C   1 
ATOM   154  O O   . LYS A 1 19 ? -12.172 11.823  14.945  1.00 22.10 ? 27  LYS A O   1 
ATOM   155  C CB  . LYS A 1 19 ? -13.698 14.169  13.521  1.00 31.11 ? 27  LYS A CB  1 
ATOM   156  C CG  . LYS A 1 19 ? -14.758 14.683  12.573  1.00 39.75 ? 27  LYS A CG  1 
ATOM   157  C CD  . LYS A 1 19 ? -15.606 15.780  13.210  1.00 42.72 ? 27  LYS A CD  1 
ATOM   158  C CE  . LYS A 1 19 ? -16.777 16.146  12.298  1.00 44.24 ? 27  LYS A CE  1 
ATOM   159  N NZ  . LYS A 1 19 ? -17.705 17.127  12.933  1.00 50.02 ? 27  LYS A NZ  1 
ATOM   160  N N   . ALA A 1 20 ? -10.628 13.011  13.819  1.00 18.89 ? 28  ALA A N   1 
ATOM   161  C CA  . ALA A 1 20 ? -9.561  12.663  14.749  1.00 16.66 ? 28  ALA A CA  1 
ATOM   162  C C   . ALA A 1 20 ? -8.384  13.630  14.673  1.00 17.72 ? 28  ALA A C   1 
ATOM   163  O O   . ALA A 1 20 ? -8.122  14.226  13.627  1.00 15.93 ? 28  ALA A O   1 
ATOM   164  C CB  . ALA A 1 20 ? -9.085  11.227  14.476  1.00 11.64 ? 28  ALA A CB  1 
ATOM   165  N N   . LYS A 1 21 ? -7.673  13.780  15.790  1.00 16.04 ? 29  LYS A N   1 
ATOM   166  C CA  . LYS A 1 21 ? -6.518  14.668  15.839  1.00 13.98 ? 29  LYS A CA  1 
ATOM   167  C C   . LYS A 1 21 ? -5.293  13.922  15.353  1.00 13.60 ? 29  LYS A C   1 
ATOM   168  O O   . LYS A 1 21 ? -5.280  12.689  15.312  1.00 13.13 ? 29  LYS A O   1 
ATOM   169  C CB  . LYS A 1 21 ? -6.264  15.153  17.275  1.00 12.41 ? 29  LYS A CB  1 
ATOM   170  C CG  . LYS A 1 21 ? -7.282  16.160  17.780  1.00 18.91 ? 29  LYS A CG  1 
ATOM   171  C CD  . LYS A 1 21 ? -6.963  16.593  19.197  1.00 21.10 ? 29  LYS A CD  1 
ATOM   172  C CE  . LYS A 1 21 ? -7.277  15.489  20.194  1.00 23.84 ? 29  LYS A CE  1 
ATOM   173  N NZ  . LYS A 1 21 ? -6.823  15.885  21.549  1.00 32.16 ? 29  LYS A NZ  1 
ATOM   174  N N   . ALA A 1 22 ? -4.258  14.673  14.995  1.00 10.33 ? 30  ALA A N   1 
ATOM   175  C CA  . ALA A 1 22 ? -3.025  14.078  14.532  1.00 11.12 ? 30  ALA A CA  1 
ATOM   176  C C   . ALA A 1 22 ? -2.499  13.108  15.598  1.00 14.85 ? 30  ALA A C   1 
ATOM   177  O O   . ALA A 1 22 ? -2.140  11.972  15.280  1.00 15.05 ? 30  ALA A O   1 
ATOM   178  C CB  . ALA A 1 22 ? -2.001  15.163  14.242  1.00 9.41  ? 30  ALA A CB  1 
ATOM   179  N N   . SER A 1 23 ? -2.466  13.544  16.861  1.00 15.20 ? 31  SER A N   1 
ATOM   180  C CA  . SER A 1 23 ? -1.986  12.685  17.938  1.00 16.70 ? 31  SER A CA  1 
ATOM   181  C C   . SER A 1 23 ? -2.803  11.403  18.018  1.00 19.15 ? 31  SER A C   1 
ATOM   182  O O   . SER A 1 23 ? -2.245  10.317  18.141  1.00 22.43 ? 31  SER A O   1 
ATOM   183  C CB  . SER A 1 23 ? -2.039  13.410  19.293  1.00 16.17 ? 31  SER A CB  1 
ATOM   184  O OG  . SER A 1 23 ? -3.361  13.774  19.653  1.00 19.77 ? 31  SER A OG  1 
ATOM   185  N N   . GLU A 1 24 ? -4.122  11.529  17.933  1.00 20.31 ? 32  GLU A N   1 
ATOM   186  C CA  . GLU A 1 24 ? -4.999  10.366  18.010  1.00 20.48 ? 32  GLU A CA  1 
ATOM   187  C C   . GLU A 1 24 ? -4.756  9.366   16.892  1.00 20.94 ? 32  GLU A C   1 
ATOM   188  O O   . GLU A 1 24 ? -4.690  8.158   17.133  1.00 22.59 ? 32  GLU A O   1 
ATOM   189  C CB  . GLU A 1 24 ? -6.453  10.818  17.988  1.00 19.68 ? 32  GLU A CB  1 
ATOM   190  C CG  . GLU A 1 24 ? -6.855  11.600  19.215  1.00 23.96 ? 32  GLU A CG  1 
ATOM   191  C CD  . GLU A 1 24 ? -8.232  12.191  19.077  1.00 26.14 ? 32  GLU A CD  1 
ATOM   192  O OE1 . GLU A 1 24 ? -8.850  12.504  20.112  1.00 30.94 ? 32  GLU A OE1 1 
ATOM   193  O OE2 . GLU A 1 24 ? -8.693  12.348  17.926  1.00 30.06 ? 32  GLU A OE2 1 
ATOM   194  N N   . ILE A 1 25 ? -4.654  9.871   15.665  1.00 18.67 ? 33  ILE A N   1 
ATOM   195  C CA  . ILE A 1 25 ? -4.399  9.034   14.501  1.00 16.27 ? 33  ILE A CA  1 
ATOM   196  C C   . ILE A 1 25 ? -3.091  8.271   14.708  1.00 16.91 ? 33  ILE A C   1 
ATOM   197  O O   . ILE A 1 25 ? -3.014  7.055   14.503  1.00 14.75 ? 33  ILE A O   1 
ATOM   198  C CB  . ILE A 1 25 ? -4.253  9.885   13.232  1.00 14.97 ? 33  ILE A CB  1 
ATOM   199  C CG1 . ILE A 1 25 ? -5.579  10.578  12.913  1.00 12.38 ? 33  ILE A CG1 1 
ATOM   200  C CG2 . ILE A 1 25 ? -3.751  9.021   12.092  1.00 10.47 ? 33  ILE A CG2 1 
ATOM   201  C CD1 . ILE A 1 25 ? -5.500  11.552  11.731  1.00 12.92 ? 33  ILE A CD1 1 
ATOM   202  N N   . SER A 1 26 ? -2.069  9.015   15.112  1.00 13.34 ? 34  SER A N   1 
ATOM   203  C CA  . SER A 1 26 ? -0.750  8.460   15.358  1.00 15.34 ? 34  SER A CA  1 
ATOM   204  C C   . SER A 1 26 ? -0.780  7.285   16.345  1.00 16.47 ? 34  SER A C   1 
ATOM   205  O O   . SER A 1 26 ? -0.201  6.227   16.089  1.00 15.43 ? 34  SER A O   1 
ATOM   206  C CB  . SER A 1 26 ? 0.159   9.583   15.881  1.00 11.83 ? 34  SER A CB  1 
ATOM   207  O OG  . SER A 1 26 ? 1.449   9.114   16.215  1.00 11.98 ? 34  SER A OG  1 
ATOM   208  N N   . GLU A 1 27 ? -1.469  7.471   17.467  1.00 17.44 ? 35  GLU A N   1 
ATOM   209  C CA  . GLU A 1 27 ? -1.558  6.442   18.494  1.00 19.28 ? 35  GLU A CA  1 
ATOM   210  C C   . GLU A 1 27 ? -2.332  5.199   18.064  1.00 22.12 ? 35  GLU A C   1 
ATOM   211  O O   . GLU A 1 27 ? -1.919  4.073   18.352  1.00 21.31 ? 35  GLU A O   1 
ATOM   212  C CB  . GLU A 1 27 ? -2.198  7.019   19.764  1.00 21.42 ? 35  GLU A CB  1 
ATOM   213  C CG  . GLU A 1 27 ? -1.904  6.205   21.030  1.00 31.29 ? 35  GLU A CG  1 
ATOM   214  C CD  . GLU A 1 27 ? -2.364  6.896   22.307  1.00 36.21 ? 35  GLU A CD  1 
ATOM   215  O OE1 . GLU A 1 27 ? -2.020  8.080   22.516  1.00 44.04 ? 35  GLU A OE1 1 
ATOM   216  O OE2 . GLU A 1 27 ? -3.069  6.255   23.108  1.00 38.82 ? 35  GLU A OE2 1 
ATOM   217  N N   . ASN A 1 28 ? -3.456  5.398   17.382  1.00 21.24 ? 36  ASN A N   1 
ATOM   218  C CA  . ASN A 1 28 ? -4.276  4.274   16.944  1.00 21.34 ? 36  ASN A CA  1 
ATOM   219  C C   . ASN A 1 28 ? -3.689  3.508   15.770  1.00 20.95 ? 36  ASN A C   1 
ATOM   220  O O   . ASN A 1 28 ? -3.964  2.323   15.592  1.00 20.44 ? 36  ASN A O   1 
ATOM   221  C CB  . ASN A 1 28 ? -5.682  4.746   16.583  1.00 22.88 ? 36  ASN A CB  1 
ATOM   222  C CG  . ASN A 1 28 ? -6.522  5.071   17.805  1.00 29.21 ? 36  ASN A CG  1 
ATOM   223  O OD1 . ASN A 1 28 ? -6.771  4.207   18.647  1.00 31.21 ? 36  ASN A OD1 1 
ATOM   224  N ND2 . ASN A 1 28 ? -6.964  6.322   17.909  1.00 29.93 ? 36  ASN A ND2 1 
ATOM   225  N N   . THR A 1 29 ? -2.882  4.177   14.963  1.00 16.78 ? 37  THR A N   1 
ATOM   226  C CA  . THR A 1 29 ? -2.291  3.503   13.818  1.00 18.36 ? 37  THR A CA  1 
ATOM   227  C C   . THR A 1 29 ? -0.834  3.163   14.090  1.00 19.92 ? 37  THR A C   1 
ATOM   228  O O   . THR A 1 29 ? -0.188  2.496   13.284  1.00 24.04 ? 37  THR A O   1 
ATOM   229  C CB  . THR A 1 29 ? -2.329  4.384   12.567  1.00 18.75 ? 37  THR A CB  1 
ATOM   230  O OG1 . THR A 1 29 ? -1.559  5.567   12.811  1.00 13.15 ? 37  THR A OG1 1 
ATOM   231  C CG2 . THR A 1 29 ? -3.773  4.777   12.219  1.00 16.88 ? 37  THR A CG2 1 
ATOM   232  N N   . GLN A 1 30 ? -0.314  3.631   15.222  1.00 18.50 ? 38  GLN A N   1 
ATOM   233  C CA  . GLN A 1 30 ? 1.080   3.397   15.578  1.00 20.39 ? 38  GLN A CA  1 
ATOM   234  C C   . GLN A 1 30 ? 2.039   3.924   14.500  1.00 19.60 ? 38  GLN A C   1 
ATOM   235  O O   . GLN A 1 30 ? 3.026   3.285   14.143  1.00 18.06 ? 38  GLN A O   1 
ATOM   236  C CB  . GLN A 1 30 ? 1.311   1.900   15.851  1.00 19.24 ? 38  GLN A CB  1 
ATOM   237  C CG  . GLN A 1 30 ? 0.744   1.475   17.198  1.00 13.99 ? 38  GLN A CG  1 
ATOM   238  C CD  . GLN A 1 30 ? 1.423   2.213   18.343  1.00 16.92 ? 38  GLN A CD  1 
ATOM   239  O OE1 . GLN A 1 30 ? 2.588   1.964   18.647  1.00 15.87 ? 38  GLN A OE1 1 
ATOM   240  N NE2 . GLN A 1 30 ? 0.702   3.130   18.974  1.00 12.77 ? 38  GLN A NE2 1 
ATOM   241  N N   . ILE A 1 31 ? 1.714   5.099   13.976  1.00 18.11 ? 39  ILE A N   1 
ATOM   242  C CA  . ILE A 1 31 ? 2.545   5.747   12.975  1.00 16.70 ? 39  ILE A CA  1 
ATOM   243  C C   . ILE A 1 31 ? 3.100   6.973   13.669  1.00 17.21 ? 39  ILE A C   1 
ATOM   244  O O   . ILE A 1 31 ? 2.346   7.746   14.268  1.00 18.17 ? 39  ILE A O   1 
ATOM   245  C CB  . ILE A 1 31 ? 1.725   6.178   11.744  1.00 18.20 ? 39  ILE A CB  1 
ATOM   246  C CG1 . ILE A 1 31 ? 1.173   4.936   11.039  1.00 15.82 ? 39  ILE A CG1 1 
ATOM   247  C CG2 . ILE A 1 31 ? 2.593   7.017   10.798  1.00 12.68 ? 39  ILE A CG2 1 
ATOM   248  C CD1 . ILE A 1 31 ? 0.252   5.246   9.878   1.00 19.21 ? 39  ILE A CD1 1 
ATOM   249  N N   . PRO A 1 32 ? 4.425   7.157   13.626  1.00 16.31 ? 40  PRO A N   1 
ATOM   250  C CA  . PRO A 1 32 ? 5.023   8.322   14.281  1.00 17.87 ? 40  PRO A CA  1 
ATOM   251  C C   . PRO A 1 32 ? 4.290   9.633   13.992  1.00 19.32 ? 40  PRO A C   1 
ATOM   252  O O   . PRO A 1 32 ? 3.740   9.835   12.906  1.00 21.12 ? 40  PRO A O   1 
ATOM   253  C CB  . PRO A 1 32 ? 6.479   8.309   13.782  1.00 16.52 ? 40  PRO A CB  1 
ATOM   254  C CG  . PRO A 1 32 ? 6.477   7.338   12.604  1.00 17.75 ? 40  PRO A CG  1 
ATOM   255  C CD  . PRO A 1 32 ? 5.447   6.330   12.956  1.00 14.18 ? 40  PRO A CD  1 
ATOM   256  N N   . TYR A 1 33 ? 4.284   10.508  14.993  1.00 19.55 ? 41  TYR A N   1 
ATOM   257  C CA  . TYR A 1 33 ? 3.638   11.808  14.934  1.00 20.40 ? 41  TYR A CA  1 
ATOM   258  C C   . TYR A 1 33 ? 3.983   12.629  13.686  1.00 18.35 ? 41  TYR A C   1 
ATOM   259  O O   . TYR A 1 33 ? 3.088   13.053  12.964  1.00 13.95 ? 41  TYR A O   1 
ATOM   260  C CB  . TYR A 1 33 ? 4.006   12.605  16.190  1.00 22.92 ? 41  TYR A CB  1 
ATOM   261  C CG  . TYR A 1 33 ? 3.090   13.778  16.478  1.00 26.89 ? 41  TYR A CG  1 
ATOM   262  C CD1 . TYR A 1 33 ? 3.597   15.072  16.622  1.00 26.18 ? 41  TYR A CD1 1 
ATOM   263  C CD2 . TYR A 1 33 ? 1.720   13.586  16.642  1.00 24.57 ? 41  TYR A CD2 1 
ATOM   264  C CE1 . TYR A 1 33 ? 2.758   16.145  16.928  1.00 29.96 ? 41  TYR A CE1 1 
ATOM   265  C CE2 . TYR A 1 33 ? 0.875   14.651  16.948  1.00 31.41 ? 41  TYR A CE2 1 
ATOM   266  C CZ  . TYR A 1 33 ? 1.399   15.925  17.090  1.00 32.24 ? 41  TYR A CZ  1 
ATOM   267  O OH  . TYR A 1 33 ? 0.555   16.972  17.403  1.00 38.90 ? 41  TYR A OH  1 
ATOM   268  N N   . GLN A 1 34 ? 5.272   12.866  13.446  1.00 23.07 ? 42  GLN A N   1 
ATOM   269  C CA  . GLN A 1 34 ? 5.706   13.652  12.287  1.00 22.66 ? 42  GLN A CA  1 
ATOM   270  C C   . GLN A 1 34 ? 5.260   13.031  10.972  1.00 20.97 ? 42  GLN A C   1 
ATOM   271  O O   . GLN A 1 34 ? 4.883   13.735  10.045  1.00 22.84 ? 42  GLN A O   1 
ATOM   272  C CB  . GLN A 1 34 ? 7.228   13.816  12.271  1.00 25.39 ? 42  GLN A CB  1 
ATOM   273  C CG  . GLN A 1 34 ? 7.786   14.552  13.458  1.00 31.09 ? 42  GLN A CG  1 
ATOM   274  C CD  . GLN A 1 34 ? 6.999   15.801  13.755  1.00 36.14 ? 42  GLN A CD  1 
ATOM   275  O OE1 . GLN A 1 34 ? 6.678   16.574  12.851  1.00 39.28 ? 42  GLN A OE1 1 
ATOM   276  N NE2 . GLN A 1 34 ? 6.680   16.010  15.029  1.00 39.02 ? 42  GLN A NE2 1 
ATOM   277  N N   . THR A 1 35 ? 5.317   11.708  10.890  1.00 19.74 ? 43  THR A N   1 
ATOM   278  C CA  . THR A 1 35 ? 4.902   11.016  9.684   1.00 19.81 ? 43  THR A CA  1 
ATOM   279  C C   . THR A 1 35 ? 3.414   11.270  9.399   1.00 19.17 ? 43  THR A C   1 
ATOM   280  O O   . THR A 1 35 ? 3.028   11.498  8.253   1.00 16.70 ? 43  THR A O   1 
ATOM   281  C CB  . THR A 1 35 ? 5.160   9.508   9.815   1.00 20.30 ? 43  THR A CB  1 
ATOM   282  O OG1 . THR A 1 35 ? 6.555   9.297   10.093  1.00 24.55 ? 43  THR A OG1 1 
ATOM   283  C CG2 . THR A 1 35 ? 4.780   8.782   8.523   1.00 13.66 ? 43  THR A CG2 1 
ATOM   284  N N   . VAL A 1 36 ? 2.593   11.236  10.449  1.00 18.28 ? 44  VAL A N   1 
ATOM   285  C CA  . VAL A 1 36 ? 1.151   11.474  10.324  1.00 15.68 ? 44  VAL A CA  1 
ATOM   286  C C   . VAL A 1 36 ? 0.904   12.888  9.789   1.00 15.34 ? 44  VAL A C   1 
ATOM   287  O O   . VAL A 1 36 ? 0.129   13.086  8.850   1.00 11.55 ? 44  VAL A O   1 
ATOM   288  C CB  . VAL A 1 36 ? 0.434   11.311  11.699  1.00 15.12 ? 44  VAL A CB  1 
ATOM   289  C CG1 . VAL A 1 36 ? -1.010  11.792  11.618  1.00 12.68 ? 44  VAL A CG1 1 
ATOM   290  C CG2 . VAL A 1 36 ? 0.470   9.871   12.130  1.00 16.48 ? 44  VAL A CG2 1 
ATOM   291  N N   . ILE A 1 37 ? 1.577   13.864  10.389  1.00 14.39 ? 45  ILE A N   1 
ATOM   292  C CA  . ILE A 1 37 ? 1.440   15.250  9.976   1.00 14.82 ? 45  ILE A CA  1 
ATOM   293  C C   . ILE A 1 37 ? 1.813   15.424  8.503   1.00 17.40 ? 45  ILE A C   1 
ATOM   294  O O   . ILE A 1 37 ? 1.066   16.055  7.741   1.00 17.37 ? 45  ILE A O   1 
ATOM   295  C CB  . ILE A 1 37 ? 2.302   16.159  10.882  1.00 15.43 ? 45  ILE A CB  1 
ATOM   296  C CG1 . ILE A 1 37 ? 1.685   16.194  12.282  1.00 13.28 ? 45  ILE A CG1 1 
ATOM   297  C CG2 . ILE A 1 37 ? 2.370   17.565  10.325  1.00 11.69 ? 45  ILE A CG2 1 
ATOM   298  C CD1 . ILE A 1 37 ? 2.643   16.595  13.365  1.00 15.11 ? 45  ILE A CD1 1 
ATOM   299  N N   . GLN A 1 38 ? 2.946   14.851  8.102   1.00 18.14 ? 46  GLN A N   1 
ATOM   300  C CA  . GLN A 1 38 ? 3.396   14.930  6.716   1.00 20.88 ? 46  GLN A CA  1 
ATOM   301  C C   . GLN A 1 38 ? 2.334   14.369  5.762   1.00 21.63 ? 46  GLN A C   1 
ATOM   302  O O   . GLN A 1 38 ? 1.982   15.005  4.765   1.00 22.39 ? 46  GLN A O   1 
ATOM   303  C CB  . GLN A 1 38 ? 4.708   14.154  6.541   1.00 27.25 ? 46  GLN A CB  1 
ATOM   304  C CG  . GLN A 1 38 ? 5.892   14.725  7.328   1.00 37.35 ? 46  GLN A CG  1 
ATOM   305  C CD  . GLN A 1 38 ? 7.190   13.948  7.114   1.00 43.46 ? 46  GLN A CD  1 
ATOM   306  O OE1 . GLN A 1 38 ? 7.575   13.657  5.976   1.00 47.80 ? 46  GLN A OE1 1 
ATOM   307  N NE2 . GLN A 1 38 ? 7.872   13.613  8.208   1.00 43.82 ? 46  GLN A NE2 1 
ATOM   308  N N   . ASN A 1 39 ? 1.814   13.186  6.077   1.00 17.43 ? 47  ASN A N   1 
ATOM   309  C CA  . ASN A 1 39 ? 0.802   12.552  5.238   1.00 17.33 ? 47  ASN A CA  1 
ATOM   310  C C   . ASN A 1 39 ? -0.511  13.331  5.207   1.00 17.66 ? 47  ASN A C   1 
ATOM   311  O O   . ASN A 1 39 ? -1.174  13.397  4.173   1.00 17.90 ? 47  ASN A O   1 
ATOM   312  C CB  . ASN A 1 39 ? 0.596   11.101  5.691   1.00 14.82 ? 47  ASN A CB  1 
ATOM   313  C CG  . ASN A 1 39 ? 1.727   10.194  5.219   1.00 15.97 ? 47  ASN A CG  1 
ATOM   314  O OD1 . ASN A 1 39 ? 1.739   9.745   4.072   1.00 18.94 ? 47  ASN A OD1 1 
ATOM   315  N ND2 . ASN A 1 39 ? 2.701   9.951   6.088   1.00 17.96 ? 47  ASN A ND2 1 
ATOM   316  N N   . ILE A 1 40 ? -0.870  13.935  6.339   1.00 18.40 ? 48  ILE A N   1 
ATOM   317  C CA  . ILE A 1 40 ? -2.078  14.753  6.443   1.00 18.30 ? 48  ILE A CA  1 
ATOM   318  C C   . ILE A 1 40 ? -1.984  15.951  5.484   1.00 19.96 ? 48  ILE A C   1 
ATOM   319  O O   . ILE A 1 40 ? -2.982  16.331  4.865   1.00 18.66 ? 48  ILE A O   1 
ATOM   320  C CB  . ILE A 1 40 ? -2.276  15.304  7.877   1.00 17.77 ? 48  ILE A CB  1 
ATOM   321  C CG1 . ILE A 1 40 ? -2.747  14.191  8.816   1.00 18.51 ? 48  ILE A CG1 1 
ATOM   322  C CG2 . ILE A 1 40 ? -3.279  16.461  7.860   1.00 15.24 ? 48  ILE A CG2 1 
ATOM   323  C CD1 . ILE A 1 40 ? -4.063  13.577  8.423   1.00 20.72 ? 48  ILE A CD1 1 
ATOM   324  N N   . ARG A 1 41 ? -0.792  16.541  5.367   1.00 22.02 ? 49  ARG A N   1 
ATOM   325  C CA  . ARG A 1 41 ? -0.589  17.689  4.469   1.00 22.80 ? 49  ARG A CA  1 
ATOM   326  C C   . ARG A 1 41 ? -0.940  17.304  3.027   1.00 21.92 ? 49  ARG A C   1 
ATOM   327  O O   . ARG A 1 41 ? -1.622  18.052  2.321   1.00 19.79 ? 49  ARG A O   1 
ATOM   328  C CB  . ARG A 1 41 ? 0.862   18.170  4.514   1.00 25.76 ? 49  ARG A CB  1 
ATOM   329  C CG  . ARG A 1 41 ? 1.083   19.490  3.767   1.00 32.85 ? 49  ARG A CG  1 
ATOM   330  C CD  . ARG A 1 41 ? 2.454   19.541  3.116   1.00 35.63 ? 49  ARG A CD  1 
ATOM   331  N NE  . ARG A 1 41 ? 3.521   19.247  4.064   1.00 40.79 ? 49  ARG A NE  1 
ATOM   332  C CZ  . ARG A 1 41 ? 3.778   19.969  5.147   1.00 41.21 ? 49  ARG A CZ  1 
ATOM   333  N NH1 . ARG A 1 41 ? 3.040   21.037  5.423   1.00 45.99 ? 49  ARG A NH1 1 
ATOM   334  N NH2 . ARG A 1 41 ? 4.777   19.627  5.950   1.00 42.11 ? 49  ARG A NH2 1 
ATOM   335  N N   . TRP A 1 42 ? -0.464  16.134  2.606   1.00 19.55 ? 50  TRP A N   1 
ATOM   336  C CA  . TRP A 1 42 ? -0.736  15.620  1.264   1.00 17.99 ? 50  TRP A CA  1 
ATOM   337  C C   . TRP A 1 42 ? -2.250  15.433  1.080   1.00 17.94 ? 50  TRP A C   1 
ATOM   338  O O   . TRP A 1 42 ? -2.827  15.875  0.087   1.00 16.48 ? 50  TRP A O   1 
ATOM   339  C CB  . TRP A 1 42 ? -0.023  14.275  1.064   1.00 19.72 ? 50  TRP A CB  1 
ATOM   340  C CG  . TRP A 1 42 ? -0.096  13.765  -0.339  1.00 21.13 ? 50  TRP A CG  1 
ATOM   341  C CD1 . TRP A 1 42 ? 0.702   14.130  -1.387  1.00 23.90 ? 50  TRP A CD1 1 
ATOM   342  C CD2 . TRP A 1 42 ? -1.090  12.884  -0.878  1.00 23.20 ? 50  TRP A CD2 1 
ATOM   343  N NE1 . TRP A 1 42 ? 0.263   13.538  -2.547  1.00 26.34 ? 50  TRP A NE1 1 
ATOM   344  C CE2 . TRP A 1 42 ? -0.833  12.771  -2.266  1.00 25.21 ? 50  TRP A CE2 1 
ATOM   345  C CE3 . TRP A 1 42 ? -2.171  12.186  -0.326  1.00 22.49 ? 50  TRP A CE3 1 
ATOM   346  C CZ2 . TRP A 1 42 ? -1.627  11.985  -3.110  1.00 25.07 ? 50  TRP A CZ2 1 
ATOM   347  C CZ3 . TRP A 1 42 ? -2.960  11.406  -1.167  1.00 23.30 ? 50  TRP A CZ3 1 
ATOM   348  C CH2 . TRP A 1 42 ? -2.682  11.313  -2.545  1.00 24.43 ? 50  TRP A CH2 1 
ATOM   349  N N   . LEU A 1 43 ? -2.889  14.790  2.059   1.00 19.49 ? 51  LEU A N   1 
ATOM   350  C CA  . LEU A 1 43 ? -4.336  14.545  2.021   1.00 17.78 ? 51  LEU A CA  1 
ATOM   351  C C   . LEU A 1 43 ? -5.122  15.861  1.957   1.00 17.13 ? 51  LEU A C   1 
ATOM   352  O O   . LEU A 1 43 ? -6.147  15.960  1.282   1.00 14.49 ? 51  LEU A O   1 
ATOM   353  C CB  . LEU A 1 43 ? -4.756  13.728  3.251   1.00 14.70 ? 51  LEU A CB  1 
ATOM   354  C CG  . LEU A 1 43 ? -4.247  12.279  3.310   1.00 17.13 ? 51  LEU A CG  1 
ATOM   355  C CD1 . LEU A 1 43 ? -4.536  11.631  4.664   1.00 16.43 ? 51  LEU A CD1 1 
ATOM   356  C CD2 . LEU A 1 43 ? -4.906  11.492  2.200   1.00 20.11 ? 51  LEU A CD2 1 
ATOM   357  N N   . LEU A 1 44 ? -4.632  16.875  2.666   1.00 16.13 ? 52  LEU A N   1 
ATOM   358  C CA  . LEU A 1 44 ? -5.272  18.185  2.668   1.00 14.04 ? 52  LEU A CA  1 
ATOM   359  C C   . LEU A 1 44 ? -5.085  18.808  1.279   1.00 15.47 ? 52  LEU A C   1 
ATOM   360  O O   . LEU A 1 44 ? -6.040  19.287  0.665   1.00 13.32 ? 52  LEU A O   1 
ATOM   361  C CB  . LEU A 1 44 ? -4.628  19.087  3.735   1.00 13.95 ? 52  LEU A CB  1 
ATOM   362  C CG  . LEU A 1 44 ? -4.898  18.813  5.222   1.00 13.40 ? 52  LEU A CG  1 
ATOM   363  C CD1 . LEU A 1 44 ? -3.895  19.598  6.080   1.00 16.40 ? 52  LEU A CD1 1 
ATOM   364  C CD2 . LEU A 1 44 ? -6.308  19.221  5.580   1.00 14.15 ? 52  LEU A CD2 1 
ATOM   365  N N   . ALA A 1 45 ? -3.848  18.779  0.786   1.00 16.69 ? 53  ALA A N   1 
ATOM   366  C CA  . ALA A 1 45 ? -3.520  19.351  -0.516  1.00 18.38 ? 53  ALA A CA  1 
ATOM   367  C C   . ALA A 1 45 ? -4.378  18.784  -1.643  1.00 18.56 ? 53  ALA A C   1 
ATOM   368  O O   . ALA A 1 45 ? -4.822  19.522  -2.525  1.00 18.75 ? 53  ALA A O   1 
ATOM   369  C CB  . ALA A 1 45 ? -2.041  19.137  -0.824  1.00 15.44 ? 53  ALA A CB  1 
ATOM   370  N N   . GLU A 1 46 ? -4.607  17.473  -1.603  1.00 21.15 ? 54  GLU A N   1 
ATOM   371  C CA  . GLU A 1 46 ? -5.403  16.779  -2.612  1.00 18.69 ? 54  GLU A CA  1 
ATOM   372  C C   . GLU A 1 46 ? -6.904  16.931  -2.429  1.00 18.49 ? 54  GLU A C   1 
ATOM   373  O O   . GLU A 1 46 ? -7.680  16.461  -3.269  1.00 18.24 ? 54  GLU A O   1 
ATOM   374  C CB  . GLU A 1 46 ? -5.079  15.290  -2.603  1.00 21.91 ? 54  GLU A CB  1 
ATOM   375  C CG  . GLU A 1 46 ? -3.721  14.942  -3.121  1.00 28.21 ? 54  GLU A CG  1 
ATOM   376  C CD  . GLU A 1 46 ? -3.541  15.376  -4.551  1.00 34.39 ? 54  GLU A CD  1 
ATOM   377  O OE1 . GLU A 1 46 ? -4.470  15.157  -5.357  1.00 35.39 ? 54  GLU A OE1 1 
ATOM   378  O OE2 . GLU A 1 46 ? -2.469  15.933  -4.864  1.00 40.67 ? 54  GLU A OE2 1 
ATOM   379  N N   . GLY A 1 47 ? -7.322  17.552  -1.329  1.00 17.51 ? 55  GLY A N   1 
ATOM   380  C CA  . GLY A 1 47 ? -8.743  17.731  -1.098  1.00 16.12 ? 55  GLY A CA  1 
ATOM   381  C C   . GLY A 1 47 ? -9.473  16.529  -0.509  1.00 16.25 ? 55  GLY A C   1 
ATOM   382  O O   . GLY A 1 47 ? -10.704 16.514  -0.447  1.00 15.53 ? 55  GLY A O   1 
ATOM   383  N N   . TYR A 1 48 ? -8.720  15.531  -0.065  1.00 15.07 ? 56  TYR A N   1 
ATOM   384  C CA  . TYR A 1 48 ? -9.289  14.323  0.531   1.00 17.28 ? 56  TYR A CA  1 
ATOM   385  C C   . TYR A 1 48 ? -9.670  14.494  1.997   1.00 15.87 ? 56  TYR A C   1 
ATOM   386  O O   . TYR A 1 48 ? -10.588 13.834  2.489   1.00 16.72 ? 56  TYR A O   1 
ATOM   387  C CB  . TYR A 1 48 ? -8.283  13.174  0.416   1.00 16.64 ? 56  TYR A CB  1 
ATOM   388  C CG  . TYR A 1 48 ? -8.030  12.740  -1.007  1.00 17.48 ? 56  TYR A CG  1 
ATOM   389  C CD1 . TYR A 1 48 ? -6.740  12.447  -1.446  1.00 19.22 ? 56  TYR A CD1 1 
ATOM   390  C CD2 . TYR A 1 48 ? -9.082  12.614  -1.913  1.00 14.27 ? 56  TYR A CD2 1 
ATOM   391  C CE1 . TYR A 1 48 ? -6.501  12.044  -2.750  1.00 17.96 ? 56  TYR A CE1 1 
ATOM   392  C CE2 . TYR A 1 48 ? -8.856  12.208  -3.218  1.00 17.36 ? 56  TYR A CE2 1 
ATOM   393  C CZ  . TYR A 1 48 ? -7.562  11.924  -3.633  1.00 18.82 ? 56  TYR A CZ  1 
ATOM   394  O OH  . TYR A 1 48 ? -7.321  11.514  -4.929  1.00 20.62 ? 56  TYR A OH  1 
ATOM   395  N N   . VAL A 1 49 ? -8.954  15.378  2.680   1.00 17.57 ? 57  VAL A N   1 
ATOM   396  C CA  . VAL A 1 49 ? -9.158  15.659  4.098   1.00 15.25 ? 57  VAL A CA  1 
ATOM   397  C C   . VAL A 1 49 ? -9.279  17.168  4.329   1.00 18.22 ? 57  VAL A C   1 
ATOM   398  O O   . VAL A 1 49 ? -8.726  17.958  3.563   1.00 17.25 ? 57  VAL A O   1 
ATOM   399  C CB  . VAL A 1 49 ? -7.928  15.120  4.936   1.00 16.84 ? 57  VAL A CB  1 
ATOM   400  C CG1 . VAL A 1 49 ? -7.972  15.636  6.358   1.00 11.46 ? 57  VAL A CG1 1 
ATOM   401  C CG2 . VAL A 1 49 ? -7.921  13.586  4.943   1.00 11.15 ? 57  VAL A CG2 1 
ATOM   402  N N   . VAL A 1 50 ? -10.010 17.562  5.373   1.00 18.81 ? 58  VAL A N   1 
ATOM   403  C CA  . VAL A 1 50 ? -10.145 18.977  5.744   1.00 20.67 ? 58  VAL A CA  1 
ATOM   404  C C   . VAL A 1 50 ? -10.002 19.133  7.259   1.00 22.22 ? 58  VAL A C   1 
ATOM   405  O O   . VAL A 1 50 ? -10.368 18.230  8.026   1.00 17.02 ? 58  VAL A O   1 
ATOM   406  C CB  . VAL A 1 50 ? -11.507 19.618  5.316   1.00 22.34 ? 58  VAL A CB  1 
ATOM   407  C CG1 . VAL A 1 50 ? -11.558 19.789  3.801   1.00 25.02 ? 58  VAL A CG1 1 
ATOM   408  C CG2 . VAL A 1 50 ? -12.675 18.782  5.816   1.00 19.74 ? 58  VAL A CG2 1 
ATOM   409  N N   . LYS A 1 51 ? -9.462  20.279  7.675   1.00 21.77 ? 59  LYS A N   1 
ATOM   410  C CA  . LYS A 1 51 ? -9.266  20.580  9.091   1.00 25.60 ? 59  LYS A CA  1 
ATOM   411  C C   . LYS A 1 51 ? -10.545 21.117  9.710   1.00 27.18 ? 59  LYS A C   1 
ATOM   412  O O   . LYS A 1 51 ? -11.344 21.767  9.038   1.00 23.65 ? 59  LYS A O   1 
ATOM   413  C CB  . LYS A 1 51 ? -8.168  21.633  9.281   1.00 26.23 ? 59  LYS A CB  1 
ATOM   414  C CG  . LYS A 1 51 ? -6.781  21.176  8.885   1.00 32.21 ? 59  LYS A CG  1 
ATOM   415  C CD  . LYS A 1 51 ? -5.709  22.148  9.373   1.00 38.16 ? 59  LYS A CD  1 
ATOM   416  C CE  . LYS A 1 51 ? -5.696  23.443  8.582   1.00 43.70 ? 59  LYS A CE  1 
ATOM   417  N NZ  . LYS A 1 51 ? -5.219  23.254  7.175   1.00 47.61 ? 59  LYS A NZ  1 
ATOM   418  N N   . GLU A 1 52 ? -10.725 20.848  10.997  1.00 30.13 ? 60  GLU A N   1 
ATOM   419  C CA  . GLU A 1 52 ? -11.891 21.322  11.724  1.00 34.43 ? 60  GLU A CA  1 
ATOM   420  C C   . GLU A 1 52 ? -11.431 21.694  13.134  1.00 35.68 ? 60  GLU A C   1 
ATOM   421  O O   . GLU A 1 52 ? -11.125 20.819  13.954  1.00 34.52 ? 60  GLU A O   1 
ATOM   422  C CB  . GLU A 1 52 ? -12.962 20.228  11.777  1.00 39.49 ? 60  GLU A CB  1 
ATOM   423  C CG  . GLU A 1 52 ? -14.360 20.729  12.132  1.00 45.38 ? 60  GLU A CG  1 
ATOM   424  C CD  . GLU A 1 52 ? -15.393 19.612  12.172  1.00 49.69 ? 60  GLU A CD  1 
ATOM   425  O OE1 . GLU A 1 52 ? -15.344 18.786  13.112  1.00 54.32 ? 60  GLU A OE1 1 
ATOM   426  O OE2 . GLU A 1 52 ? -16.250 19.555  11.264  1.00 50.39 ? 60  GLU A OE2 1 
ATOM   427  N N   . GLN A 1 53 ? -11.372 22.996  13.402  1.00 36.05 ? 61  GLN A N   1 
ATOM   428  C CA  . GLN A 1 53 ? -10.943 23.491  14.703  1.00 36.82 ? 61  GLN A CA  1 
ATOM   429  C C   . GLN A 1 53 ? -12.041 23.380  15.752  1.00 38.38 ? 61  GLN A C   1 
ATOM   430  O O   . GLN A 1 53 ? -13.139 23.894  15.566  1.00 40.99 ? 61  GLN A O   1 
ATOM   431  C CB  . GLN A 1 53 ? -10.501 24.951  14.598  1.00 33.76 ? 61  GLN A CB  1 
ATOM   432  C CG  . GLN A 1 53 ? -9.826  25.468  15.856  1.00 33.81 ? 61  GLN A CG  1 
ATOM   433  C CD  . GLN A 1 53 ? -9.359  26.908  15.739  1.00 31.13 ? 61  GLN A CD  1 
ATOM   434  O OE1 . GLN A 1 53 ? -8.946  27.353  14.668  1.00 32.76 ? 61  GLN A OE1 1 
ATOM   435  N NE2 . GLN A 1 53 ? -9.407  27.637  16.849  1.00 25.18 ? 61  GLN A NE2 1 
ATOM   436  N N   . LYS A 1 54 ? -11.742 22.696  16.850  1.00 40.92 ? 62  LYS A N   1 
ATOM   437  C CA  . LYS A 1 54 ? -12.693 22.533  17.946  1.00 42.30 ? 62  LYS A CA  1 
ATOM   438  C C   . LYS A 1 54 ? -12.027 23.110  19.194  1.00 42.51 ? 62  LYS A C   1 
ATOM   439  O O   . LYS A 1 54 ? -11.382 22.394  19.961  1.00 40.41 ? 62  LYS A O   1 
ATOM   440  C CB  . LYS A 1 54 ? -13.021 21.053  18.154  1.00 46.30 ? 62  LYS A CB  1 
ATOM   441  C CG  . LYS A 1 54 ? -13.612 20.362  16.924  1.00 49.29 ? 62  LYS A CG  1 
ATOM   442  C CD  . LYS A 1 54 ? -15.122 20.539  16.818  1.00 51.55 ? 62  LYS A CD  1 
ATOM   443  C CE  . LYS A 1 54 ? -15.864 19.704  17.864  1.00 50.85 ? 62  LYS A CE  1 
ATOM   444  N NZ  . LYS A 1 54 ? -17.347 19.835  17.751  1.00 48.99 ? 62  LYS A NZ  1 
ATOM   445  N N   . GLY A 1 55 ? -12.181 24.416  19.382  1.00 41.93 ? 63  GLY A N   1 
ATOM   446  C CA  . GLY A 1 55 ? -11.570 25.067  20.521  1.00 38.66 ? 63  GLY A CA  1 
ATOM   447  C C   . GLY A 1 55 ? -10.128 25.401  20.196  1.00 37.24 ? 63  GLY A C   1 
ATOM   448  O O   . GLY A 1 55 ? -9.857  26.160  19.266  1.00 36.37 ? 63  GLY A O   1 
ATOM   449  N N   . GLU A 1 56 ? -9.207  24.818  20.959  1.00 35.99 ? 64  GLU A N   1 
ATOM   450  C CA  . GLU A 1 56 ? -7.773  25.040  20.779  1.00 36.36 ? 64  GLU A CA  1 
ATOM   451  C C   . GLU A 1 56 ? -7.116  23.836  20.108  1.00 33.70 ? 64  GLU A C   1 
ATOM   452  O O   . GLU A 1 56 ? -5.884  23.718  20.080  1.00 31.82 ? 64  GLU A O   1 
ATOM   453  C CB  . GLU A 1 56 ? -7.110  25.270  22.144  1.00 40.64 ? 64  GLU A CB  1 
ATOM   454  C CG  . GLU A 1 56 ? -7.609  26.494  22.894  1.00 45.41 ? 64  GLU A CG  1 
ATOM   455  C CD  . GLU A 1 56 ? -7.122  27.779  22.267  1.00 46.81 ? 64  GLU A CD  1 
ATOM   456  O OE1 . GLU A 1 56 ? -7.435  28.010  21.080  1.00 47.67 ? 64  GLU A OE1 1 
ATOM   457  O OE2 . GLU A 1 56 ? -6.420  28.551  22.956  1.00 46.81 ? 64  GLU A OE2 1 
ATOM   458  N N   . GLU A 1 57 ? -7.940  22.942  19.575  1.00 31.75 ? 65  GLU A N   1 
ATOM   459  C CA  . GLU A 1 57 ? -7.441  21.732  18.936  1.00 29.89 ? 65  GLU A CA  1 
ATOM   460  C C   . GLU A 1 57 ? -7.779  21.645  17.462  1.00 26.06 ? 65  GLU A C   1 
ATOM   461  O O   . GLU A 1 57 ? -8.721  22.284  16.990  1.00 25.26 ? 65  GLU A O   1 
ATOM   462  C CB  . GLU A 1 57 ? -7.993  20.510  19.662  1.00 32.34 ? 65  GLU A CB  1 
ATOM   463  C CG  . GLU A 1 57 ? -7.564  20.435  21.110  1.00 38.06 ? 65  GLU A CG  1 
ATOM   464  C CD  . GLU A 1 57 ? -8.243  19.313  21.852  1.00 42.72 ? 65  GLU A CD  1 
ATOM   465  O OE1 . GLU A 1 57 ? -9.491  19.264  21.832  1.00 45.88 ? 65  GLU A OE1 1 
ATOM   466  O OE2 . GLU A 1 57 ? -7.530  18.480  22.449  1.00 48.65 ? 65  GLU A OE2 1 
ATOM   467  N N   . ILE A 1 58 ? -7.003  20.841  16.741  1.00 21.59 ? 66  ILE A N   1 
ATOM   468  C CA  . ILE A 1 58 ? -7.194  20.650  15.316  1.00 19.59 ? 66  ILE A CA  1 
ATOM   469  C C   . ILE A 1 58 ? -7.597  19.212  15.022  1.00 21.58 ? 66  ILE A C   1 
ATOM   470  O O   . ILE A 1 58 ? -6.833  18.279  15.287  1.00 24.24 ? 66  ILE A O   1 
ATOM   471  C CB  . ILE A 1 58 ? -5.895  20.972  14.538  1.00 20.31 ? 66  ILE A CB  1 
ATOM   472  C CG1 . ILE A 1 58 ? -5.396  22.370  14.929  1.00 19.36 ? 66  ILE A CG1 1 
ATOM   473  C CG2 . ILE A 1 58 ? -6.148  20.881  13.027  1.00 17.87 ? 66  ILE A CG2 1 
ATOM   474  C CD1 . ILE A 1 58 ? -4.057  22.758  14.317  1.00 20.73 ? 66  ILE A CD1 1 
ATOM   475  N N   . TYR A 1 59 ? -8.808  19.030  14.501  1.00 20.53 ? 67  TYR A N   1 
ATOM   476  C CA  . TYR A 1 59 ? -9.294  17.708  14.145  1.00 18.46 ? 67  TYR A CA  1 
ATOM   477  C C   . TYR A 1 59 ? -9.284  17.571  12.633  1.00 18.80 ? 67  TYR A C   1 
ATOM   478  O O   . TYR A 1 59 ? -9.305  18.564  11.908  1.00 14.80 ? 67  TYR A O   1 
ATOM   479  C CB  . TYR A 1 59 ? -10.716 17.470  14.654  1.00 18.84 ? 67  TYR A CB  1 
ATOM   480  C CG  . TYR A 1 59 ? -10.800 17.187  16.133  1.00 22.28 ? 67  TYR A CG  1 
ATOM   481  C CD1 . TYR A 1 59 ? -10.773 18.222  17.068  1.00 25.52 ? 67  TYR A CD1 1 
ATOM   482  C CD2 . TYR A 1 59 ? -10.872 15.877  16.601  1.00 21.36 ? 67  TYR A CD2 1 
ATOM   483  C CE1 . TYR A 1 59 ? -10.815 17.953  18.441  1.00 27.03 ? 67  TYR A CE1 1 
ATOM   484  C CE2 . TYR A 1 59 ? -10.911 15.596  17.960  1.00 24.51 ? 67  TYR A CE2 1 
ATOM   485  C CZ  . TYR A 1 59 ? -10.882 16.634  18.874  1.00 24.39 ? 67  TYR A CZ  1 
ATOM   486  O OH  . TYR A 1 59 ? -10.912 16.331  20.216  1.00 30.35 ? 67  TYR A OH  1 
ATOM   487  N N   . TYR A 1 60 ? -9.247  16.328  12.170  1.00 17.20 ? 68  TYR A N   1 
ATOM   488  C CA  . TYR A 1 60 ? -9.249  16.032  10.747  1.00 18.39 ? 68  TYR A CA  1 
ATOM   489  C C   . TYR A 1 60 ? -10.394 15.098  10.379  1.00 18.47 ? 68  TYR A C   1 
ATOM   490  O O   . TYR A 1 60 ? -10.803 14.249  11.176  1.00 16.91 ? 68  TYR A O   1 
ATOM   491  C CB  . TYR A 1 60 ? -7.915  15.386  10.328  1.00 13.95 ? 68  TYR A CB  1 
ATOM   492  C CG  . TYR A 1 60 ? -6.747  16.321  10.507  1.00 15.49 ? 68  TYR A CG  1 
ATOM   493  C CD1 . TYR A 1 60 ? -6.006  16.335  11.691  1.00 13.70 ? 68  TYR A CD1 1 
ATOM   494  C CD2 . TYR A 1 60 ? -6.437  17.259  9.526   1.00 10.36 ? 68  TYR A CD2 1 
ATOM   495  C CE1 . TYR A 1 60 ? -4.992  17.264  11.892  1.00 13.83 ? 68  TYR A CE1 1 
ATOM   496  C CE2 . TYR A 1 60 ? -5.435  18.189  9.717   1.00 13.07 ? 68  TYR A CE2 1 
ATOM   497  C CZ  . TYR A 1 60 ? -4.715  18.194  10.898  1.00 12.66 ? 68  TYR A CZ  1 
ATOM   498  O OH  . TYR A 1 60 ? -3.743  19.148  11.071  1.00 16.59 ? 68  TYR A OH  1 
ATOM   499  N N   . LYS A 1 61 ? -10.906 15.267  9.165   1.00 17.04 ? 69  LYS A N   1 
ATOM   500  C CA  . LYS A 1 61 ? -11.979 14.417  8.683   1.00 20.15 ? 69  LYS A CA  1 
ATOM   501  C C   . LYS A 1 61 ? -11.969 14.358  7.159   1.00 18.18 ? 69  LYS A C   1 
ATOM   502  O O   . LYS A 1 61 ? -11.566 15.308  6.488   1.00 18.16 ? 69  LYS A O   1 
ATOM   503  C CB  . LYS A 1 61 ? -13.335 14.932  9.173   1.00 23.86 ? 69  LYS A CB  1 
ATOM   504  C CG  . LYS A 1 61 ? -13.711 16.295  8.628   1.00 28.71 ? 69  LYS A CG  1 
ATOM   505  C CD  . LYS A 1 61 ? -15.186 16.582  8.861   1.00 37.09 ? 69  LYS A CD  1 
ATOM   506  C CE  . LYS A 1 61 ? -15.611 17.860  8.154   1.00 41.73 ? 69  LYS A CE  1 
ATOM   507  N NZ  . LYS A 1 61 ? -17.086 18.103  8.271   1.00 44.90 ? 69  LYS A NZ  1 
ATOM   508  N N   . LEU A 1 62 ? -12.418 13.232  6.623   1.00 16.59 ? 70  LEU A N   1 
ATOM   509  C CA  . LEU A 1 62 ? -12.481 13.029  5.183   1.00 16.51 ? 70  LEU A CA  1 
ATOM   510  C C   . LEU A 1 62 ? -13.545 13.918  4.550   1.00 17.71 ? 70  LEU A C   1 
ATOM   511  O O   . LEU A 1 62 ? -14.544 14.249  5.190   1.00 17.10 ? 70  LEU A O   1 
ATOM   512  C CB  . LEU A 1 62 ? -12.832 11.572  4.886   1.00 13.15 ? 70  LEU A CB  1 
ATOM   513  C CG  . LEU A 1 62 ? -11.723 10.539  4.707   1.00 17.55 ? 70  LEU A CG  1 
ATOM   514  C CD1 . LEU A 1 62 ? -10.529 10.890  5.552   1.00 21.79 ? 70  LEU A CD1 1 
ATOM   515  C CD2 . LEU A 1 62 ? -12.270 9.163   5.065   1.00 13.32 ? 70  LEU A CD2 1 
ATOM   516  N N   . THR A 1 63 ? -13.327 14.308  3.300   1.00 18.86 ? 71  THR A N   1 
ATOM   517  C CA  . THR A 1 63 ? -14.303 15.117  2.572   1.00 21.24 ? 71  THR A CA  1 
ATOM   518  C C   . THR A 1 63 ? -15.121 14.097  1.772   1.00 21.97 ? 71  THR A C   1 
ATOM   519  O O   . THR A 1 63 ? -14.837 12.904  1.840   1.00 19.69 ? 71  THR A O   1 
ATOM   520  C CB  . THR A 1 63 ? -13.615 16.073  1.579   1.00 19.17 ? 71  THR A CB  1 
ATOM   521  O OG1 . THR A 1 63 ? -12.917 15.310  0.590   1.00 16.45 ? 71  THR A OG1 1 
ATOM   522  C CG2 . THR A 1 63 ? -12.614 16.970  2.301   1.00 20.45 ? 71  THR A CG2 1 
ATOM   523  N N   . ASP A 1 64 ? -16.127 14.547  1.023   1.00 25.28 ? 72  ASP A N   1 
ATOM   524  C CA  . ASP A 1 64 ? -16.922 13.618  0.216   1.00 23.65 ? 72  ASP A CA  1 
ATOM   525  C C   . ASP A 1 64 ? -16.001 12.973  -0.816  1.00 22.08 ? 72  ASP A C   1 
ATOM   526  O O   . ASP A 1 64 ? -16.101 11.780  -1.097  1.00 22.70 ? 72  ASP A O   1 
ATOM   527  C CB  . ASP A 1 64 ? -18.070 14.344  -0.494  1.00 23.60 ? 72  ASP A CB  1 
ATOM   528  C CG  . ASP A 1 64 ? -19.172 14.765  0.459   1.00 29.84 ? 72  ASP A CG  1 
ATOM   529  O OD1 . ASP A 1 64 ? -19.530 13.961  1.342   1.00 32.91 ? 72  ASP A OD1 1 
ATOM   530  O OD2 . ASP A 1 64 ? -19.685 15.895  0.321   1.00 37.21 ? 72  ASP A OD2 1 
ATOM   531  N N   . LYS A 1 65 ? -15.099 13.772  -1.375  1.00 20.45 ? 73  LYS A N   1 
ATOM   532  C CA  . LYS A 1 65 ? -14.149 13.272  -2.357  1.00 20.35 ? 73  LYS A CA  1 
ATOM   533  C C   . LYS A 1 65 ? -13.219 12.258  -1.688  1.00 19.53 ? 73  LYS A C   1 
ATOM   534  O O   . LYS A 1 65 ? -12.808 11.274  -2.301  1.00 19.07 ? 73  LYS A O   1 
ATOM   535  C CB  . LYS A 1 65 ? -13.333 14.425  -2.933  1.00 20.45 ? 73  LYS A CB  1 
ATOM   536  C CG  . LYS A 1 65 ? -12.314 13.998  -3.969  1.00 24.57 ? 73  LYS A CG  1 
ATOM   537  C CD  . LYS A 1 65 ? -11.416 15.165  -4.353  1.00 26.86 ? 73  LYS A CD  1 
ATOM   538  C CE  . LYS A 1 65 ? -10.321 14.724  -5.305  1.00 24.21 ? 73  LYS A CE  1 
ATOM   539  N NZ  . LYS A 1 65 ? -9.355  15.829  -5.532  1.00 27.81 ? 73  LYS A NZ  1 
ATOM   540  N N   . GLY A 1 66 ? -12.904 12.511  -0.421  1.00 18.88 ? 74  GLY A N   1 
ATOM   541  C CA  . GLY A 1 66 ? -12.038 11.626  0.330   1.00 17.38 ? 74  GLY A CA  1 
ATOM   542  C C   . GLY A 1 66 ? -12.716 10.312  0.665   1.00 16.24 ? 74  GLY A C   1 
ATOM   543  O O   . GLY A 1 66 ? -12.077 9.266   0.693   1.00 15.24 ? 74  GLY A O   1 
ATOM   544  N N   . LYS A 1 67 ? -14.017 10.357  0.922   1.00 14.90 ? 75  LYS A N   1 
ATOM   545  C CA  . LYS A 1 67 ? -14.743 9.136   1.247   1.00 15.18 ? 75  LYS A CA  1 
ATOM   546  C C   . LYS A 1 67 ? -14.954 8.262   0.016   1.00 16.18 ? 75  LYS A C   1 
ATOM   547  O O   . LYS A 1 67 ? -14.943 7.036   0.114   1.00 14.43 ? 75  LYS A O   1 
ATOM   548  C CB  . LYS A 1 67 ? -16.080 9.469   1.901   1.00 16.35 ? 75  LYS A CB  1 
ATOM   549  C CG  . LYS A 1 67 ? -15.932 10.059  3.284   1.00 17.81 ? 75  LYS A CG  1 
ATOM   550  C CD  . LYS A 1 67 ? -17.246 10.610  3.813   1.00 22.15 ? 75  LYS A CD  1 
ATOM   551  C CE  . LYS A 1 67 ? -17.060 11.181  5.206   1.00 24.68 ? 75  LYS A CE  1 
ATOM   552  N NZ  . LYS A 1 67 ? -18.235 11.982  5.629   1.00 33.26 ? 75  LYS A NZ  1 
ATOM   553  N N   . GLN A 1 68 ? -15.138 8.884   -1.147  1.00 16.65 ? 76  GLN A N   1 
ATOM   554  C CA  . GLN A 1 68 ? -15.337 8.112   -2.368  1.00 19.48 ? 76  GLN A CA  1 
ATOM   555  C C   . GLN A 1 68 ? -14.005 7.470   -2.769  1.00 21.30 ? 76  GLN A C   1 
ATOM   556  O O   . GLN A 1 68 ? -13.978 6.343   -3.257  1.00 21.31 ? 76  GLN A O   1 
ATOM   557  C CB  . GLN A 1 68 ? -15.863 9.008   -3.497  1.00 16.75 ? 76  GLN A CB  1 
ATOM   558  C CG  . GLN A 1 68 ? -17.106 9.806   -3.117  1.00 22.70 ? 76  GLN A CG  1 
ATOM   559  C CD  . GLN A 1 68 ? -17.542 10.758  -4.219  1.00 26.88 ? 76  GLN A CD  1 
ATOM   560  O OE1 . GLN A 1 68 ? -16.734 11.161  -5.063  1.00 30.20 ? 76  GLN A OE1 1 
ATOM   561  N NE2 . GLN A 1 68 ? -18.819 11.127  -4.212  1.00 25.28 ? 76  GLN A NE2 1 
ATOM   562  N N   . MET A 1 69 ? -12.903 8.193   -2.546  1.00 21.16 ? 77  MET A N   1 
ATOM   563  C CA  . MET A 1 69 ? -11.571 7.687   -2.875  1.00 20.69 ? 77  MET A CA  1 
ATOM   564  C C   . MET A 1 69 ? -11.228 6.501   -1.971  1.00 18.66 ? 77  MET A C   1 
ATOM   565  O O   . MET A 1 69 ? -10.658 5.515   -2.424  1.00 18.30 ? 77  MET A O   1 
ATOM   566  C CB  . MET A 1 69 ? -10.516 8.800   -2.704  1.00 18.06 ? 77  MET A CB  1 
ATOM   567  C CG  . MET A 1 69 ? -9.052  8.355   -2.839  1.00 16.93 ? 77  MET A CG  1 
ATOM   568  S SD  . MET A 1 69 ? -8.394  7.532   -1.344  1.00 9.86  ? 77  MET A SD  1 
ATOM   569  C CE  . MET A 1 69 ? -8.354  8.930   -0.145  1.00 13.29 ? 77  MET A CE  1 
ATOM   570  N N   . ALA A 1 70 ? -11.566 6.607   -0.692  1.00 17.87 ? 78  ALA A N   1 
ATOM   571  C CA  . ALA A 1 70 ? -11.280 5.525   0.242   1.00 17.60 ? 78  ALA A CA  1 
ATOM   572  C C   . ALA A 1 70 ? -12.100 4.306   -0.155  1.00 17.44 ? 78  ALA A C   1 
ATOM   573  O O   . ALA A 1 70 ? -11.556 3.213   -0.305  1.00 19.62 ? 78  ALA A O   1 
ATOM   574  C CB  . ALA A 1 70 ? -11.613 5.955   1.669   1.00 18.75 ? 78  ALA A CB  1 
ATOM   575  N N   . THR A 1 71 ? -13.402 4.504   -0.340  1.00 16.90 ? 79  THR A N   1 
ATOM   576  C CA  . THR A 1 71 ? -14.294 3.416   -0.734  1.00 17.48 ? 79  THR A CA  1 
ATOM   577  C C   . THR A 1 71 ? -13.815 2.754   -2.034  1.00 17.81 ? 79  THR A C   1 
ATOM   578  O O   . THR A 1 71 ? -13.723 1.526   -2.113  1.00 14.21 ? 79  THR A O   1 
ATOM   579  C CB  . THR A 1 71 ? -15.748 3.927   -0.921  1.00 19.40 ? 79  THR A CB  1 
ATOM   580  O OG1 . THR A 1 71 ? -16.242 4.420   0.329   1.00 17.19 ? 79  THR A OG1 1 
ATOM   581  C CG2 . THR A 1 71 ? -16.660 2.809   -1.421  1.00 16.82 ? 79  THR A CG2 1 
ATOM   582  N N   . ALA A 1 72 ? -13.502 3.556   -3.048  1.00 16.15 ? 80  ALA A N   1 
ATOM   583  C CA  . ALA A 1 72 ? -13.033 2.988   -4.312  1.00 18.44 ? 80  ALA A CA  1 
ATOM   584  C C   . ALA A 1 72 ? -11.726 2.201   -4.105  1.00 20.53 ? 80  ALA A C   1 
ATOM   585  O O   . ALA A 1 72 ? -11.571 1.097   -4.638  1.00 18.59 ? 80  ALA A O   1 
ATOM   586  C CB  . ALA A 1 72 ? -12.843 4.093   -5.359  1.00 16.97 ? 80  ALA A CB  1 
ATOM   587  N N   . GLU A 1 73 ? -10.803 2.751   -3.316  1.00 20.88 ? 81  GLU A N   1 
ATOM   588  C CA  . GLU A 1 73 ? -9.531  2.074   -3.039  1.00 21.52 ? 81  GLU A CA  1 
ATOM   589  C C   . GLU A 1 73 ? -9.728  0.763   -2.264  1.00 19.54 ? 81  GLU A C   1 
ATOM   590  O O   . GLU A 1 73 ? -9.080  -0.238  -2.553  1.00 20.28 ? 81  GLU A O   1 
ATOM   591  C CB  . GLU A 1 73 ? -8.595  2.996   -2.245  1.00 25.50 ? 81  GLU A CB  1 
ATOM   592  C CG  . GLU A 1 73 ? -8.013  4.131   -3.065  1.00 29.81 ? 81  GLU A CG  1 
ATOM   593  C CD  . GLU A 1 73 ? -7.013  3.629   -4.088  1.00 35.54 ? 81  GLU A CD  1 
ATOM   594  O OE1 . GLU A 1 73 ? -7.004  4.158   -5.221  1.00 39.89 ? 81  GLU A OE1 1 
ATOM   595  O OE2 . GLU A 1 73 ? -6.235  2.707   -3.750  1.00 37.45 ? 81  GLU A OE2 1 
ATOM   596  N N   . LEU A 1 74 ? -10.622 0.768   -1.279  1.00 17.80 ? 82  LEU A N   1 
ATOM   597  C CA  . LEU A 1 74 ? -10.886 -0.432  -0.480  1.00 16.54 ? 82  LEU A CA  1 
ATOM   598  C C   . LEU A 1 74 ? -11.540 -1.523  -1.318  1.00 17.62 ? 82  LEU A C   1 
ATOM   599  O O   . LEU A 1 74 ? -11.339 -2.720  -1.079  1.00 15.81 ? 82  LEU A O   1 
ATOM   600  C CB  . LEU A 1 74 ? -11.777 -0.093  0.717   1.00 13.87 ? 82  LEU A CB  1 
ATOM   601  C CG  . LEU A 1 74 ? -11.136 0.740   1.833   1.00 20.70 ? 82  LEU A CG  1 
ATOM   602  C CD1 . LEU A 1 74 ? -12.202 1.182   2.839   1.00 18.08 ? 82  LEU A CD1 1 
ATOM   603  C CD2 . LEU A 1 74 ? -10.052 -0.079  2.520   1.00 17.14 ? 82  LEU A CD2 1 
ATOM   604  N N   . GLU A 1 75 ? -12.331 -1.108  -2.304  1.00 17.00 ? 83  GLU A N   1 
ATOM   605  C CA  . GLU A 1 75 ? -12.998 -2.063  -3.168  1.00 17.34 ? 83  GLU A CA  1 
ATOM   606  C C   . GLU A 1 75 ? -11.987 -2.641  -4.149  1.00 16.96 ? 83  GLU A C   1 
ATOM   607  O O   . GLU A 1 75 ? -12.082 -3.802  -4.530  1.00 17.33 ? 83  GLU A O   1 
ATOM   608  C CB  . GLU A 1 75 ? -14.170 -1.404  -3.899  1.00 19.04 ? 83  GLU A CB  1 
ATOM   609  C CG  . GLU A 1 75 ? -15.411 -1.207  -3.014  1.00 19.45 ? 83  GLU A CG  1 
ATOM   610  C CD  . GLU A 1 75 ? -15.756 -2.457  -2.194  1.00 25.11 ? 83  GLU A CD  1 
ATOM   611  O OE1 . GLU A 1 75 ? -15.609 -3.587  -2.724  1.00 24.30 ? 83  GLU A OE1 1 
ATOM   612  O OE2 . GLU A 1 75 ? -16.172 -2.307  -1.022  1.00 23.21 ? 83  GLU A OE2 1 
ATOM   613  N N   . LYS A 1 76 ? -11.001 -1.854  -4.547  1.00 15.99 ? 84  LYS A N   1 
ATOM   614  C CA  . LYS A 1 76 ? -10.009 -2.414  -5.447  1.00 20.51 ? 84  LYS A CA  1 
ATOM   615  C C   . LYS A 1 76 ? -9.136  -3.399  -4.675  1.00 21.18 ? 84  LYS A C   1 
ATOM   616  O O   . LYS A 1 76 ? -8.733  -4.427  -5.218  1.00 20.82 ? 84  LYS A O   1 
ATOM   617  C CB  . LYS A 1 76 ? -9.174  -1.316  -6.098  1.00 21.32 ? 84  LYS A CB  1 
ATOM   618  C CG  . LYS A 1 76 ? -9.929  -0.613  -7.209  1.00 26.34 ? 84  LYS A CG  1 
ATOM   619  C CD  . LYS A 1 76 ? -9.087  0.446   -7.885  1.00 35.27 ? 84  LYS A CD  1 
ATOM   620  C CE  . LYS A 1 76 ? -8.865  1.640   -6.975  1.00 37.65 ? 84  LYS A CE  1 
ATOM   621  N NZ  . LYS A 1 76 ? -8.071  2.695   -7.658  1.00 44.13 ? 84  LYS A NZ  1 
ATOM   622  N N   . ILE A 1 77 ? -8.876  -3.102  -3.401  1.00 21.71 ? 85  ILE A N   1 
ATOM   623  C CA  . ILE A 1 77 ? -8.076  -3.992  -2.558  1.00 22.44 ? 85  ILE A CA  1 
ATOM   624  C C   . ILE A 1 77 ? -8.831  -5.309  -2.374  1.00 23.85 ? 85  ILE A C   1 
ATOM   625  O O   . ILE A 1 77 ? -8.254  -6.394  -2.488  1.00 25.19 ? 85  ILE A O   1 
ATOM   626  C CB  . ILE A 1 77 ? -7.823  -3.380  -1.165  1.00 20.40 ? 85  ILE A CB  1 
ATOM   627  C CG1 . ILE A 1 77 ? -6.848  -2.213  -1.281  1.00 24.71 ? 85  ILE A CG1 1 
ATOM   628  C CG2 . ILE A 1 77 ? -7.286  -4.435  -0.220  1.00 21.95 ? 85  ILE A CG2 1 
ATOM   629  C CD1 . ILE A 1 77 ? -6.625  -1.489  0.029   1.00 28.19 ? 85  ILE A CD1 1 
ATOM   630  N N   . ARG A 1 78 ? -10.122 -5.208  -2.079  1.00 21.85 ? 86  ARG A N   1 
ATOM   631  C CA  . ARG A 1 78 ? -10.931 -6.403  -1.901  1.00 24.48 ? 86  ARG A CA  1 
ATOM   632  C C   . ARG A 1 78 ? -10.864 -7.297  -3.142  1.00 25.17 ? 86  ARG A C   1 
ATOM   633  O O   . ARG A 1 78 ? -10.862 -8.520  -3.019  1.00 25.14 ? 86  ARG A O   1 
ATOM   634  C CB  . ARG A 1 78 ? -12.382 -6.029  -1.580  1.00 23.56 ? 86  ARG A CB  1 
ATOM   635  C CG  . ARG A 1 78 ? -13.366 -7.159  -1.824  1.00 29.03 ? 86  ARG A CG  1 
ATOM   636  C CD  . ARG A 1 78 ? -14.462 -7.192  -0.788  1.00 29.56 ? 86  ARG A CD  1 
ATOM   637  N NE  . ARG A 1 78 ? -15.159 -5.920  -0.633  1.00 26.40 ? 86  ARG A NE  1 
ATOM   638  C CZ  . ARG A 1 78 ? -15.834 -5.600  0.463   1.00 27.99 ? 86  ARG A CZ  1 
ATOM   639  N NH1 . ARG A 1 78 ? -15.883 -6.468  1.465   1.00 29.76 ? 86  ARG A NH1 1 
ATOM   640  N NH2 . ARG A 1 78 ? -16.447 -4.429  0.573   1.00 28.08 ? 86  ARG A NH2 1 
ATOM   641  N N   . LYS A 1 79 ? -10.803 -6.695  -4.331  1.00 26.20 ? 87  LYS A N   1 
ATOM   642  C CA  . LYS A 1 79 ? -10.707 -7.477  -5.568  1.00 28.44 ? 87  LYS A CA  1 
ATOM   643  C C   . LYS A 1 79 ? -9.339  -8.151  -5.660  1.00 28.66 ? 87  LYS A C   1 
ATOM   644  O O   . LYS A 1 79 ? -9.212  -9.250  -6.204  1.00 28.38 ? 87  LYS A O   1 
ATOM   645  C CB  . LYS A 1 79 ? -10.888 -6.597  -6.804  1.00 29.06 ? 87  LYS A CB  1 
ATOM   646  C CG  . LYS A 1 79 ? -12.243 -5.957  -6.952  1.00 36.89 ? 87  LYS A CG  1 
ATOM   647  C CD  . LYS A 1 79 ? -12.363 -5.298  -8.325  1.00 42.67 ? 87  LYS A CD  1 
ATOM   648  C CE  . LYS A 1 79 ? -11.263 -4.254  -8.528  1.00 46.24 ? 87  LYS A CE  1 
ATOM   649  N NZ  . LYS A 1 79 ? -11.105 -3.855  -9.952  1.00 44.93 ? 87  LYS A NZ  1 
ATOM   650  N N   . LEU A 1 80 ? -8.316  -7.478  -5.141  1.00 27.73 ? 88  LEU A N   1 
ATOM   651  C CA  . LEU A 1 80 ? -6.966  -8.019  -5.158  1.00 26.92 ? 88  LEU A CA  1 
ATOM   652  C C   . LEU A 1 80 ? -6.926  -9.270  -4.280  1.00 26.81 ? 88  LEU A C   1 
ATOM   653  O O   . LEU A 1 80 ? -6.230  -10.232 -4.586  1.00 25.41 ? 88  LEU A O   1 
ATOM   654  C CB  . LEU A 1 80 ? -5.979  -6.984  -4.626  1.00 27.12 ? 88  LEU A CB  1 
ATOM   655  C CG  . LEU A 1 80 ? -4.730  -6.722  -5.466  1.00 27.85 ? 88  LEU A CG  1 
ATOM   656  C CD1 . LEU A 1 80 ? -5.120  -6.107  -6.812  1.00 28.67 ? 88  LEU A CD1 1 
ATOM   657  C CD2 . LEU A 1 80 ? -3.817  -5.786  -4.710  1.00 28.37 ? 88  LEU A CD2 1 
ATOM   658  N N   . VAL A 1 81 ? -7.676  -9.243  -3.184  1.00 28.20 ? 89  VAL A N   1 
ATOM   659  C CA  . VAL A 1 81 ? -7.739  -10.379 -2.272  1.00 30.58 ? 89  VAL A CA  1 
ATOM   660  C C   . VAL A 1 81 ? -8.451  -11.530 -2.979  1.00 32.85 ? 89  VAL A C   1 
ATOM   661  O O   . VAL A 1 81 ? -8.064  -12.686 -2.839  1.00 33.71 ? 89  VAL A O   1 
ATOM   662  C CB  . VAL A 1 81 ? -8.510  -10.023 -0.979  1.00 30.52 ? 89  VAL A CB  1 
ATOM   663  C CG1 . VAL A 1 81 ? -8.625  -11.246 -0.068  1.00 29.50 ? 89  VAL A CG1 1 
ATOM   664  C CG2 . VAL A 1 81 ? -7.796  -8.899  -0.256  1.00 32.52 ? 89  VAL A CG2 1 
ATOM   665  N N   . GLU A 1 82 ? -9.485  -11.198 -3.745  1.00 35.19 ? 90  GLU A N   1 
ATOM   666  C CA  . GLU A 1 82 ? -10.252 -12.198 -4.484  1.00 40.29 ? 90  GLU A CA  1 
ATOM   667  C C   . GLU A 1 82 ? -9.415  -12.917 -5.539  1.00 39.71 ? 90  GLU A C   1 
ATOM   668  O O   . GLU A 1 82 ? -9.376  -14.145 -5.576  1.00 37.46 ? 90  GLU A O   1 
ATOM   669  C CB  . GLU A 1 82 ? -11.450 -11.545 -5.170  1.00 43.26 ? 90  GLU A CB  1 
ATOM   670  C CG  . GLU A 1 82 ? -12.656 -11.335 -4.282  1.00 48.93 ? 90  GLU A CG  1 
ATOM   671  C CD  . GLU A 1 82 ? -13.656 -10.376 -4.904  1.00 52.76 ? 90  GLU A CD  1 
ATOM   672  O OE1 . GLU A 1 82 ? -13.834 -10.427 -6.143  1.00 51.99 ? 90  GLU A OE1 1 
ATOM   673  O OE2 . GLU A 1 82 ? -14.261 -9.577  -4.154  1.00 52.94 ? 90  GLU A OE2 1 
ATOM   674  N N   . VAL A 1 83 ? -8.756  -12.135 -6.392  1.00 41.89 ? 91  VAL A N   1 
ATOM   675  C CA  . VAL A 1 83 ? -7.916  -12.672 -7.463  1.00 43.21 ? 91  VAL A CA  1 
ATOM   676  C C   . VAL A 1 83 ? -6.752  -13.470 -6.893  1.00 45.16 ? 91  VAL A C   1 
ATOM   677  O O   . VAL A 1 83 ? -6.439  -14.556 -7.375  1.00 46.68 ? 91  VAL A O   1 
ATOM   678  C CB  . VAL A 1 83 ? -7.338  -11.537 -8.344  1.00 43.42 ? 91  VAL A CB  1 
ATOM   679  C CG1 . VAL A 1 83 ? -6.562  -12.127 -9.511  1.00 43.03 ? 91  VAL A CG1 1 
ATOM   680  C CG2 . VAL A 1 83 ? -8.455  -10.646 -8.849  1.00 45.56 ? 91  VAL A CG2 1 
ATOM   681  N N   . VAL A 1 84 ? -6.110  -12.923 -5.868  1.00 46.00 ? 92  VAL A N   1 
ATOM   682  C CA  . VAL A 1 84 ? -4.987  -13.598 -5.237  1.00 47.40 ? 92  VAL A CA  1 
ATOM   683  C C   . VAL A 1 84 ? -5.490  -14.777 -4.404  1.00 49.34 ? 92  VAL A C   1 
ATOM   684  O O   . VAL A 1 84 ? -5.180  -15.928 -4.774  1.00 49.57 ? 92  VAL A O   1 
ATOM   685  C CB  . VAL A 1 84 ? -4.198  -12.622 -4.334  1.00 46.61 ? 92  VAL A CB  1 
ATOM   686  C CG1 . VAL A 1 84 ? -3.159  -13.378 -3.523  1.00 46.98 ? 92  VAL A CG1 1 
ATOM   687  C CG2 . VAL A 1 84 ? -3.523  -11.560 -5.190  1.00 46.29 ? 92  VAL A CG2 1 
ATOM   688  O OXT . VAL A 1 84 ? -6.194  -14.538 -3.399  1.00 51.82 ? 92  VAL A OXT 1 
ATOM   689  N N   . TYR B 1 1  ? -1.311  4.848   -6.449  1.00 34.06 ? 9   TYR B N   1 
ATOM   690  C CA  . TYR B 1 1  ? -0.478  4.292   -5.349  1.00 33.84 ? 9   TYR B CA  1 
ATOM   691  C C   . TYR B 1 1  ? -0.769  4.976   -4.017  1.00 31.19 ? 9   TYR B C   1 
ATOM   692  O O   . TYR B 1 1  ? 0.128   5.145   -3.190  1.00 32.72 ? 9   TYR B O   1 
ATOM   693  C CB  . TYR B 1 1  ? 1.011   4.439   -5.692  1.00 39.00 ? 9   TYR B CB  1 
ATOM   694  C CG  . TYR B 1 1  ? 1.394   3.760   -6.986  1.00 45.86 ? 9   TYR B CG  1 
ATOM   695  C CD1 . TYR B 1 1  ? 1.067   4.331   -8.215  1.00 50.39 ? 9   TYR B CD1 1 
ATOM   696  C CD2 . TYR B 1 1  ? 2.030   2.519   -6.985  1.00 46.26 ? 9   TYR B CD2 1 
ATOM   697  C CE1 . TYR B 1 1  ? 1.358   3.679   -9.416  1.00 54.48 ? 9   TYR B CE1 1 
ATOM   698  C CE2 . TYR B 1 1  ? 2.326   1.858   -8.175  1.00 51.60 ? 9   TYR B CE2 1 
ATOM   699  C CZ  . TYR B 1 1  ? 1.986   2.443   -9.390  1.00 54.25 ? 9   TYR B CZ  1 
ATOM   700  O OH  . TYR B 1 1  ? 2.253   1.790   -10.576 1.00 55.62 ? 9   TYR B OH  1 
ATOM   701  N N   . ILE B 1 2  ? -2.023  5.367   -3.804  1.00 26.50 ? 10  ILE B N   1 
ATOM   702  C CA  . ILE B 1 2  ? -2.390  6.024   -2.556  1.00 24.61 ? 10  ILE B CA  1 
ATOM   703  C C   . ILE B 1 2  ? -2.405  5.025   -1.403  1.00 22.87 ? 10  ILE B C   1 
ATOM   704  O O   . ILE B 1 2  ? -1.797  5.264   -0.358  1.00 24.82 ? 10  ILE B O   1 
ATOM   705  C CB  . ILE B 1 2  ? -3.763  6.706   -2.668  1.00 23.35 ? 10  ILE B CB  1 
ATOM   706  C CG1 . ILE B 1 2  ? -3.728  7.739   -3.792  1.00 25.50 ? 10  ILE B CG1 1 
ATOM   707  C CG2 . ILE B 1 2  ? -4.111  7.405   -1.359  1.00 22.13 ? 10  ILE B CG2 1 
ATOM   708  C CD1 . ILE B 1 2  ? -5.079  8.298   -4.151  1.00 23.89 ? 10  ILE B CD1 1 
ATOM   709  N N   . PHE B 1 3  ? -3.095  3.905   -1.606  1.00 20.83 ? 11  PHE B N   1 
ATOM   710  C CA  . PHE B 1 3  ? -3.192  2.855   -0.594  1.00 21.05 ? 11  PHE B CA  1 
ATOM   711  C C   . PHE B 1 3  ? -2.086  1.812   -0.710  1.00 21.37 ? 11  PHE B C   1 
ATOM   712  O O   . PHE B 1 3  ? -1.406  1.506   0.265   1.00 22.36 ? 11  PHE B O   1 
ATOM   713  C CB  . PHE B 1 3  ? -4.533  2.123   -0.703  1.00 16.57 ? 11  PHE B CB  1 
ATOM   714  C CG  . PHE B 1 3  ? -5.630  2.708   0.140   1.00 18.00 ? 11  PHE B CG  1 
ATOM   715  C CD1 . PHE B 1 3  ? -6.028  4.034   -0.017  1.00 16.21 ? 11  PHE B CD1 1 
ATOM   716  C CD2 . PHE B 1 3  ? -6.296  1.916   1.071   1.00 14.23 ? 11  PHE B CD2 1 
ATOM   717  C CE1 . PHE B 1 3  ? -7.078  4.560   0.737   1.00 16.04 ? 11  PHE B CE1 1 
ATOM   718  C CE2 . PHE B 1 3  ? -7.351  2.434   1.835   1.00 17.82 ? 11  PHE B CE2 1 
ATOM   719  C CZ  . PHE B 1 3  ? -7.738  3.758   1.664   1.00 15.80 ? 11  PHE B CZ  1 
ATOM   720  N N   . LEU B 1 4  ? -1.930  1.256   -1.906  1.00 21.67 ? 12  LEU B N   1 
ATOM   721  C CA  . LEU B 1 4  ? -0.940  0.215   -2.153  1.00 23.14 ? 12  LEU B CA  1 
ATOM   722  C C   . LEU B 1 4  ? 0.360   0.723   -2.755  1.00 24.49 ? 12  LEU B C   1 
ATOM   723  O O   . LEU B 1 4  ? 0.385   1.747   -3.431  1.00 27.27 ? 12  LEU B O   1 
ATOM   724  C CB  . LEU B 1 4  ? -1.543  -0.848  -3.076  1.00 22.20 ? 12  LEU B CB  1 
ATOM   725  C CG  . LEU B 1 4  ? -2.794  -1.552  -2.542  1.00 23.12 ? 12  LEU B CG  1 
ATOM   726  C CD1 . LEU B 1 4  ? -3.461  -2.380  -3.630  1.00 26.50 ? 12  LEU B CD1 1 
ATOM   727  C CD2 . LEU B 1 4  ? -2.398  -2.419  -1.373  1.00 20.48 ? 12  LEU B CD2 1 
ATOM   728  N N   . THR B 1 5  ? 1.445   -0.009  -2.506  1.00 22.93 ? 13  THR B N   1 
ATOM   729  C CA  . THR B 1 5  ? 2.755   0.355   -3.037  1.00 19.37 ? 13  THR B CA  1 
ATOM   730  C C   . THR B 1 5  ? 3.016   -0.421  -4.318  1.00 20.42 ? 13  THR B C   1 
ATOM   731  O O   . THR B 1 5  ? 2.411   -1.466  -4.555  1.00 21.18 ? 13  THR B O   1 
ATOM   732  C CB  . THR B 1 5  ? 3.885   0.006   -2.053  1.00 21.52 ? 13  THR B CB  1 
ATOM   733  O OG1 . THR B 1 5  ? 3.963   -1.422  -1.916  1.00 17.30 ? 13  THR B OG1 1 
ATOM   734  C CG2 . THR B 1 5  ? 3.624   0.639   -0.682  1.00 20.69 ? 13  THR B CG2 1 
ATOM   735  N N   . PRO B 1 6  ? 3.927   0.078   -5.169  1.00 20.46 ? 14  PRO B N   1 
ATOM   736  C CA  . PRO B 1 6  ? 4.184   -0.672  -6.401  1.00 22.29 ? 14  PRO B CA  1 
ATOM   737  C C   . PRO B 1 6  ? 4.677   -2.071  -6.064  1.00 23.40 ? 14  PRO B C   1 
ATOM   738  O O   . PRO B 1 6  ? 4.388   -3.044  -6.760  1.00 24.11 ? 14  PRO B O   1 
ATOM   739  C CB  . PRO B 1 6  ? 5.239   0.171   -7.115  1.00 22.98 ? 14  PRO B CB  1 
ATOM   740  C CG  . PRO B 1 6  ? 5.916   0.914   -6.001  1.00 23.89 ? 14  PRO B CG  1 
ATOM   741  C CD  . PRO B 1 6  ? 4.769   1.285   -5.096  1.00 17.42 ? 14  PRO B CD  1 
ATOM   742  N N   . ARG B 1 7  ? 5.406   -2.159  -4.967  1.00 22.36 ? 15  ARG B N   1 
ATOM   743  C CA  . ARG B 1 7  ? 5.946   -3.415  -4.499  1.00 26.52 ? 15  ARG B CA  1 
ATOM   744  C C   . ARG B 1 7  ? 4.823   -4.419  -4.220  1.00 28.60 ? 15  ARG B C   1 
ATOM   745  O O   . ARG B 1 7  ? 5.042   -5.626  -4.243  1.00 26.63 ? 15  ARG B O   1 
ATOM   746  C CB  . ARG B 1 7  ? 6.761   -3.138  -3.244  1.00 31.15 ? 15  ARG B CB  1 
ATOM   747  C CG  . ARG B 1 7  ? 7.550   -4.280  -2.691  1.00 31.82 ? 15  ARG B CG  1 
ATOM   748  C CD  . ARG B 1 7  ? 8.508   -3.702  -1.685  1.00 34.74 ? 15  ARG B CD  1 
ATOM   749  N NE  . ARG B 1 7  ? 7.813   -2.748  -0.826  1.00 40.70 ? 15  ARG B NE  1 
ATOM   750  C CZ  . ARG B 1 7  ? 8.413   -1.815  -0.096  1.00 42.30 ? 15  ARG B CZ  1 
ATOM   751  N NH1 . ARG B 1 7  ? 9.737   -1.708  -0.121  1.00 45.32 ? 15  ARG B NH1 1 
ATOM   752  N NH2 . ARG B 1 7  ? 7.689   -0.982  0.647   1.00 38.62 ? 15  ARG B NH2 1 
ATOM   753  N N   . ALA B 1 8  ? 3.617   -3.903  -3.974  1.00 28.94 ? 16  ALA B N   1 
ATOM   754  C CA  . ALA B 1 8  ? 2.446   -4.731  -3.700  1.00 25.02 ? 16  ALA B CA  1 
ATOM   755  C C   . ALA B 1 8  ? 1.937   -5.381  -4.978  1.00 22.41 ? 16  ALA B C   1 
ATOM   756  O O   . ALA B 1 8  ? 1.611   -6.565  -4.993  1.00 20.68 ? 16  ALA B O   1 
ATOM   757  C CB  . ALA B 1 8  ? 1.330   -3.881  -3.071  1.00 25.56 ? 16  ALA B CB  1 
ATOM   758  N N   . TYR B 1 9  ? 1.861   -4.596  -6.046  1.00 20.90 ? 17  TYR B N   1 
ATOM   759  C CA  . TYR B 1 9  ? 1.396   -5.114  -7.326  1.00 21.29 ? 17  TYR B CA  1 
ATOM   760  C C   . TYR B 1 9  ? 2.426   -6.080  -7.915  1.00 18.88 ? 17  TYR B C   1 
ATOM   761  O O   . TYR B 1 9  ? 2.071   -7.043  -8.587  1.00 15.49 ? 17  TYR B O   1 
ATOM   762  C CB  . TYR B 1 9  ? 1.128   -3.966  -8.307  1.00 23.13 ? 17  TYR B CB  1 
ATOM   763  C CG  . TYR B 1 9  ? 0.047   -3.006  -7.848  1.00 26.06 ? 17  TYR B CG  1 
ATOM   764  C CD1 . TYR B 1 9  ? 0.359   -1.886  -7.072  1.00 27.43 ? 17  TYR B CD1 1 
ATOM   765  C CD2 . TYR B 1 9  ? -1.293  -3.223  -8.181  1.00 25.72 ? 17  TYR B CD2 1 
ATOM   766  C CE1 . TYR B 1 9  ? -0.636  -1.003  -6.645  1.00 28.48 ? 17  TYR B CE1 1 
ATOM   767  C CE2 . TYR B 1 9  ? -2.294  -2.348  -7.758  1.00 25.71 ? 17  TYR B CE2 1 
ATOM   768  C CZ  . TYR B 1 9  ? -1.957  -1.241  -6.994  1.00 29.10 ? 17  TYR B CZ  1 
ATOM   769  O OH  . TYR B 1 9  ? -2.941  -0.364  -6.596  1.00 34.49 ? 17  TYR B OH  1 
ATOM   770  N N   . ILE B 1 10 ? 3.703   -5.824  -7.652  1.00 20.88 ? 18  ILE B N   1 
ATOM   771  C CA  . ILE B 1 10 ? 4.764   -6.694  -8.156  1.00 19.30 ? 18  ILE B CA  1 
ATOM   772  C C   . ILE B 1 10 ? 4.634   -8.068  -7.508  1.00 20.13 ? 18  ILE B C   1 
ATOM   773  O O   . ILE B 1 10 ? 4.689   -9.099  -8.183  1.00 17.97 ? 18  ILE B O   1 
ATOM   774  C CB  . ILE B 1 10 ? 6.155   -6.104  -7.840  1.00 18.80 ? 18  ILE B CB  1 
ATOM   775  C CG1 . ILE B 1 10 ? 6.308   -4.754  -8.543  1.00 17.97 ? 18  ILE B CG1 1 
ATOM   776  C CG2 . ILE B 1 10 ? 7.245   -7.085  -8.263  1.00 19.11 ? 18  ILE B CG2 1 
ATOM   777  C CD1 . ILE B 1 10 ? 7.615   -4.037  -8.252  1.00 20.01 ? 18  ILE B CD1 1 
ATOM   778  N N   . ILE B 1 11 ? 4.438   -8.076  -6.193  1.00 18.18 ? 19  ILE B N   1 
ATOM   779  C CA  . ILE B 1 11 ? 4.290   -9.324  -5.461  1.00 20.04 ? 19  ILE B CA  1 
ATOM   780  C C   . ILE B 1 11 ? 3.021   -10.073 -5.884  1.00 21.71 ? 19  ILE B C   1 
ATOM   781  O O   . ILE B 1 11 ? 3.045   -11.297 -6.047  1.00 23.82 ? 19  ILE B O   1 
ATOM   782  C CB  . ILE B 1 11 ? 4.271   -9.063  -3.930  1.00 20.44 ? 19  ILE B CB  1 
ATOM   783  C CG1 . ILE B 1 11 ? 5.663   -8.597  -3.472  1.00 18.96 ? 19  ILE B CG1 1 
ATOM   784  C CG2 . ILE B 1 11 ? 3.847   -10.321 -3.193  1.00 16.14 ? 19  ILE B CG2 1 
ATOM   785  C CD1 . ILE B 1 11 ? 5.681   -7.833  -2.147  1.00 13.93 ? 19  ILE B CD1 1 
ATOM   786  N N   . VAL B 1 12 ? 1.923   -9.340  -6.076  1.00 21.70 ? 20  VAL B N   1 
ATOM   787  C CA  . VAL B 1 12 ? 0.656   -9.941  -6.488  1.00 19.16 ? 20  VAL B CA  1 
ATOM   788  C C   . VAL B 1 12 ? 0.786   -10.576 -7.866  1.00 21.64 ? 20  VAL B C   1 
ATOM   789  O O   . VAL B 1 12 ? 0.215   -11.641 -8.129  1.00 19.97 ? 20  VAL B O   1 
ATOM   790  C CB  . VAL B 1 12 ? -0.498  -8.894  -6.511  1.00 20.55 ? 20  VAL B CB  1 
ATOM   791  C CG1 . VAL B 1 12 ? -1.722  -9.462  -7.235  1.00 13.65 ? 20  VAL B CG1 1 
ATOM   792  C CG2 . VAL B 1 12 ? -0.871  -8.512  -5.087  1.00 16.66 ? 20  VAL B CG2 1 
ATOM   793  N N   . HIS B 1 13 ? 1.538   -9.927  -8.747  1.00 19.26 ? 21  HIS B N   1 
ATOM   794  C CA  . HIS B 1 13 ? 1.732   -10.466 -10.082 1.00 22.15 ? 21  HIS B CA  1 
ATOM   795  C C   . HIS B 1 13 ? 2.463   -11.813 -10.031 1.00 23.64 ? 21  HIS B C   1 
ATOM   796  O O   . HIS B 1 13 ? 2.069   -12.770 -10.706 1.00 24.84 ? 21  HIS B O   1 
ATOM   797  C CB  . HIS B 1 13 ? 2.523   -9.479  -10.936 1.00 22.69 ? 21  HIS B CB  1 
ATOM   798  C CG  . HIS B 1 13 ? 2.729   -9.938  -12.343 1.00 27.20 ? 21  HIS B CG  1 
ATOM   799  N ND1 . HIS B 1 13 ? 1.688   -10.121 -13.226 1.00 29.88 ? 21  HIS B ND1 1 
ATOM   800  C CD2 . HIS B 1 13 ? 3.858   -10.255 -13.019 1.00 27.68 ? 21  HIS B CD2 1 
ATOM   801  C CE1 . HIS B 1 13 ? 2.167   -10.528 -14.390 1.00 30.16 ? 21  HIS B CE1 1 
ATOM   802  N NE2 . HIS B 1 13 ? 3.482   -10.618 -14.290 1.00 27.59 ? 21  HIS B NE2 1 
ATOM   803  N N   . LEU B 1 14 ? 3.525   -11.895 -9.234  1.00 23.01 ? 22  LEU B N   1 
ATOM   804  C CA  . LEU B 1 14 ? 4.285   -13.135 -9.120  1.00 24.01 ? 22  LEU B CA  1 
ATOM   805  C C   . LEU B 1 14 ? 3.421   -14.234 -8.514  1.00 24.29 ? 22  LEU B C   1 
ATOM   806  O O   . LEU B 1 14 ? 3.567   -15.410 -8.849  1.00 26.13 ? 22  LEU B O   1 
ATOM   807  C CB  . LEU B 1 14 ? 5.550   -12.916 -8.279  1.00 22.66 ? 22  LEU B CB  1 
ATOM   808  C CG  . LEU B 1 14 ? 6.592   -11.984 -8.910  1.00 25.42 ? 22  LEU B CG  1 
ATOM   809  C CD1 . LEU B 1 14 ? 7.824   -11.930 -8.027  1.00 24.94 ? 22  LEU B CD1 1 
ATOM   810  C CD2 . LEU B 1 14 ? 6.963   -12.480 -10.300 1.00 25.89 ? 22  LEU B CD2 1 
ATOM   811  N N   . LEU B 1 15 ? 2.520   -13.845 -7.623  1.00 23.46 ? 23  LEU B N   1 
ATOM   812  C CA  . LEU B 1 15 ? 1.616   -14.792 -6.999  1.00 24.59 ? 23  LEU B CA  1 
ATOM   813  C C   . LEU B 1 15 ? 0.670   -15.413 -8.030  1.00 28.21 ? 23  LEU B C   1 
ATOM   814  O O   . LEU B 1 15 ? 0.232   -16.555 -7.872  1.00 28.11 ? 23  LEU B O   1 
ATOM   815  C CB  . LEU B 1 15 ? 0.794   -14.084 -5.930  1.00 24.40 ? 23  LEU B CB  1 
ATOM   816  C CG  . LEU B 1 15 ? 1.483   -13.787 -4.604  1.00 24.39 ? 23  LEU B CG  1 
ATOM   817  C CD1 . LEU B 1 15 ? 0.633   -12.826 -3.802  1.00 24.44 ? 23  LEU B CD1 1 
ATOM   818  C CD2 . LEU B 1 15 ? 1.704   -15.082 -3.848  1.00 23.06 ? 23  LEU B CD2 1 
ATOM   819  N N   . LYS B 1 16 ? 0.368   -14.656 -9.083  1.00 29.05 ? 24  LYS B N   1 
ATOM   820  C CA  . LYS B 1 16 ? -0.545  -15.096 -10.137 1.00 30.67 ? 24  LYS B CA  1 
ATOM   821  C C   . LYS B 1 16 ? 0.111   -15.819 -11.309 1.00 29.46 ? 24  LYS B C   1 
ATOM   822  O O   . LYS B 1 16 ? -0.462  -16.758 -11.868 1.00 32.11 ? 24  LYS B O   1 
ATOM   823  C CB  . LYS B 1 16 ? -1.320  -13.892 -10.685 1.00 33.69 ? 24  LYS B CB  1 
ATOM   824  C CG  . LYS B 1 16 ? -2.135  -13.142 -9.643  1.00 41.57 ? 24  LYS B CG  1 
ATOM   825  C CD  . LYS B 1 16 ? -2.860  -11.929 -10.245 1.00 48.24 ? 24  LYS B CD  1 
ATOM   826  C CE  . LYS B 1 16 ? -1.879  -10.917 -10.846 1.00 54.66 ? 24  LYS B CE  1 
ATOM   827  N NZ  . LYS B 1 16 ? -2.554  -9.727  -11.459 1.00 58.47 ? 24  LYS B NZ  1 
ATOM   828  N N   . VAL B 1 17 ? 1.300   -15.366 -11.694 1.00 28.70 ? 25  VAL B N   1 
ATOM   829  C CA  . VAL B 1 17 ? 2.011   -15.947 -12.820 1.00 25.55 ? 25  VAL B CA  1 
ATOM   830  C C   . VAL B 1 17 ? 3.146   -16.913 -12.442 1.00 25.55 ? 25  VAL B C   1 
ATOM   831  O O   . VAL B 1 17 ? 3.694   -17.589 -13.308 1.00 23.61 ? 25  VAL B O   1 
ATOM   832  C CB  . VAL B 1 17 ? 2.569   -14.826 -13.738 1.00 26.69 ? 25  VAL B CB  1 
ATOM   833  C CG1 . VAL B 1 17 ? 3.692   -14.073 -13.037 1.00 25.52 ? 25  VAL B CG1 1 
ATOM   834  C CG2 . VAL B 1 17 ? 3.069   -15.424 -15.047 1.00 34.13 ? 25  VAL B CG2 1 
ATOM   835  N N   . GLY B 1 18 ? 3.494   -16.981 -11.159 1.00 26.49 ? 26  GLY B N   1 
ATOM   836  C CA  . GLY B 1 18 ? 4.567   -17.870 -10.726 1.00 25.29 ? 26  GLY B CA  1 
ATOM   837  C C   . GLY B 1 18 ? 5.946   -17.251 -10.904 1.00 27.38 ? 26  GLY B C   1 
ATOM   838  O O   . GLY B 1 18 ? 6.663   -17.004 -9.927  1.00 23.80 ? 26  GLY B O   1 
ATOM   839  N N   . LYS B 1 19 ? 6.323   -16.997 -12.155 1.00 26.57 ? 27  LYS B N   1 
ATOM   840  C CA  . LYS B 1 19 ? 7.610   -16.385 -12.445 1.00 28.14 ? 27  LYS B CA  1 
ATOM   841  C C   . LYS B 1 19 ? 7.483   -15.460 -13.651 1.00 26.35 ? 27  LYS B C   1 
ATOM   842  O O   . LYS B 1 19 ? 6.718   -15.725 -14.578 1.00 24.40 ? 27  LYS B O   1 
ATOM   843  C CB  . LYS B 1 19 ? 8.671   -17.462 -12.702 1.00 32.46 ? 27  LYS B CB  1 
ATOM   844  C CG  . LYS B 1 19 ? 8.502   -18.220 -14.000 1.00 38.64 ? 27  LYS B CG  1 
ATOM   845  C CD  . LYS B 1 19 ? 9.501   -19.363 -14.109 1.00 44.09 ? 27  LYS B CD  1 
ATOM   846  C CE  . LYS B 1 19 ? 9.252   -20.190 -15.372 1.00 49.99 ? 27  LYS B CE  1 
ATOM   847  N NZ  . LYS B 1 19 ? 10.179  -21.352 -15.484 1.00 52.71 ? 27  LYS B NZ  1 
ATOM   848  N N   . ALA B 1 20 ? 8.238   -14.367 -13.626 1.00 24.40 ? 28  ALA B N   1 
ATOM   849  C CA  . ALA B 1 20 ? 8.206   -13.397 -14.706 1.00 18.78 ? 28  ALA B CA  1 
ATOM   850  C C   . ALA B 1 20 ? 9.488   -12.559 -14.715 1.00 20.10 ? 28  ALA B C   1 
ATOM   851  O O   . ALA B 1 20 ? 10.166  -12.427 -13.695 1.00 19.81 ? 28  ALA B O   1 
ATOM   852  C CB  . ALA B 1 20 ? 6.986   -12.497 -14.547 1.00 14.76 ? 28  ALA B CB  1 
ATOM   853  N N   . LYS B 1 21 ? 9.809   -11.996 -15.878 1.00 21.32 ? 29  LYS B N   1 
ATOM   854  C CA  . LYS B 1 21 ? 10.993  -11.164 -16.057 1.00 22.16 ? 29  LYS B CA  1 
ATOM   855  C C   . LYS B 1 21 ? 10.661  -9.745  -15.637 1.00 22.58 ? 29  LYS B C   1 
ATOM   856  O O   . LYS B 1 21 ? 9.488   -9.396  -15.518 1.00 24.94 ? 29  LYS B O   1 
ATOM   857  C CB  . LYS B 1 21 ? 11.425  -11.180 -17.529 1.00 25.47 ? 29  LYS B CB  1 
ATOM   858  C CG  . LYS B 1 21 ? 11.526  -12.590 -18.113 1.00 27.91 ? 29  LYS B CG  1 
ATOM   859  C CD  . LYS B 1 21 ? 12.205  -12.604 -19.473 1.00 32.20 ? 29  LYS B CD  1 
ATOM   860  C CE  . LYS B 1 21 ? 11.480  -11.751 -20.486 1.00 32.03 ? 29  LYS B CE  1 
ATOM   861  N NZ  . LYS B 1 21 ? 12.182  -11.813 -21.804 1.00 37.09 ? 29  LYS B NZ  1 
ATOM   862  N N   . ALA B 1 22 ? 11.686  -8.932  -15.406 1.00 22.36 ? 30  ALA B N   1 
ATOM   863  C CA  . ALA B 1 22 ? 11.474  -7.545  -14.994 1.00 24.00 ? 30  ALA B CA  1 
ATOM   864  C C   . ALA B 1 22 ? 10.580  -6.813  -15.994 1.00 25.59 ? 30  ALA B C   1 
ATOM   865  O O   . ALA B 1 22 ? 9.650   -6.104  -15.605 1.00 26.52 ? 30  ALA B O   1 
ATOM   866  C CB  . ALA B 1 22 ? 12.814  -6.823  -14.857 1.00 23.21 ? 30  ALA B CB  1 
ATOM   867  N N   . SER B 1 23 ? 10.853  -7.006  -17.283 1.00 26.58 ? 31  SER B N   1 
ATOM   868  C CA  . SER B 1 23 ? 10.080  -6.365  -18.348 1.00 26.43 ? 31  SER B CA  1 
ATOM   869  C C   . SER B 1 23 ? 8.621   -6.829  -18.337 1.00 24.97 ? 31  SER B C   1 
ATOM   870  O O   . SER B 1 23 ? 7.707   -6.022  -18.512 1.00 23.78 ? 31  SER B O   1 
ATOM   871  C CB  . SER B 1 23 ? 10.707  -6.651  -19.721 1.00 26.29 ? 31  SER B CB  1 
ATOM   872  O OG  . SER B 1 23 ? 10.634  -8.028  -20.051 1.00 29.20 ? 31  SER B OG  1 
ATOM   873  N N   . GLU B 1 24 ? 8.395   -8.123  -18.130 1.00 24.43 ? 32  GLU B N   1 
ATOM   874  C CA  . GLU B 1 24 ? 7.035   -8.647  -18.091 1.00 25.38 ? 32  GLU B CA  1 
ATOM   875  C C   . GLU B 1 24 ? 6.260   -8.060  -16.919 1.00 26.33 ? 32  GLU B C   1 
ATOM   876  O O   . GLU B 1 24 ? 5.093   -7.689  -17.064 1.00 26.88 ? 32  GLU B O   1 
ATOM   877  C CB  . GLU B 1 24 ? 7.054   -10.169 -17.978 1.00 29.03 ? 32  GLU B CB  1 
ATOM   878  C CG  . GLU B 1 24 ? 7.840   -10.840 -19.087 1.00 32.48 ? 32  GLU B CG  1 
ATOM   879  C CD  . GLU B 1 24 ? 7.717   -12.347 -19.056 1.00 35.93 ? 32  GLU B CD  1 
ATOM   880  O OE1 . GLU B 1 24 ? 7.955   -12.948 -17.985 1.00 30.02 ? 32  GLU B OE1 1 
ATOM   881  O OE2 . GLU B 1 24 ? 7.381   -12.927 -20.111 1.00 40.58 ? 32  GLU B OE2 1 
ATOM   882  N N   . ILE B 1 25 ? 6.910   -7.976  -15.758 1.00 24.66 ? 33  ILE B N   1 
ATOM   883  C CA  . ILE B 1 25 ? 6.279   -7.426  -14.565 1.00 21.53 ? 33  ILE B CA  1 
ATOM   884  C C   . ILE B 1 25 ? 5.904   -5.959  -14.799 1.00 21.82 ? 33  ILE B C   1 
ATOM   885  O O   . ILE B 1 25 ? 4.799   -5.519  -14.466 1.00 20.10 ? 33  ILE B O   1 
ATOM   886  C CB  . ILE B 1 25 ? 7.224   -7.527  -13.352 1.00 21.66 ? 33  ILE B CB  1 
ATOM   887  C CG1 . ILE B 1 25 ? 7.440   -8.999  -12.988 1.00 21.34 ? 33  ILE B CG1 1 
ATOM   888  C CG2 . ILE B 1 25 ? 6.648   -6.770  -12.172 1.00 19.95 ? 33  ILE B CG2 1 
ATOM   889  C CD1 . ILE B 1 25 ? 8.561   -9.221  -11.982 1.00 16.49 ? 33  ILE B CD1 1 
ATOM   890  N N   . SER B 1 26 ? 6.833   -5.216  -15.385 1.00 21.92 ? 34  SER B N   1 
ATOM   891  C CA  . SER B 1 26 ? 6.639   -3.806  -15.689 1.00 23.50 ? 34  SER B CA  1 
ATOM   892  C C   . SER B 1 26 ? 5.420   -3.556  -16.571 1.00 26.32 ? 34  SER B C   1 
ATOM   893  O O   . SER B 1 26 ? 4.586   -2.705  -16.260 1.00 27.17 ? 34  SER B O   1 
ATOM   894  C CB  . SER B 1 26 ? 7.885   -3.245  -16.385 1.00 22.22 ? 34  SER B CB  1 
ATOM   895  O OG  . SER B 1 26 ? 7.683   -1.901  -16.778 1.00 21.05 ? 34  SER B OG  1 
ATOM   896  N N   . GLU B 1 27 ? 5.312   -4.293  -17.671 1.00 30.96 ? 35  GLU B N   1 
ATOM   897  C CA  . GLU B 1 27 ? 4.196   -4.110  -18.595 1.00 33.82 ? 35  GLU B CA  1 
ATOM   898  C C   . GLU B 1 27 ? 2.861   -4.643  -18.082 1.00 35.16 ? 35  GLU B C   1 
ATOM   899  O O   . GLU B 1 27 ? 1.804   -4.077  -18.373 1.00 36.38 ? 35  GLU B O   1 
ATOM   900  C CB  . GLU B 1 27 ? 4.533   -4.727  -19.959 1.00 35.46 ? 35  GLU B CB  1 
ATOM   901  C CG  . GLU B 1 27 ? 5.046   -6.147  -19.897 1.00 42.28 ? 35  GLU B CG  1 
ATOM   902  C CD  . GLU B 1 27 ? 5.425   -6.693  -21.266 1.00 44.83 ? 35  GLU B CD  1 
ATOM   903  O OE1 . GLU B 1 27 ? 6.328   -6.115  -21.916 1.00 44.91 ? 35  GLU B OE1 1 
ATOM   904  O OE2 . GLU B 1 27 ? 4.821   -7.706  -21.688 1.00 43.29 ? 35  GLU B OE2 1 
ATOM   905  N N   . ASN B 1 28 ? 2.894   -5.722  -17.312 1.00 35.25 ? 36  ASN B N   1 
ATOM   906  C CA  . ASN B 1 28 ? 1.665   -6.281  -16.773 1.00 33.95 ? 36  ASN B CA  1 
ATOM   907  C C   . ASN B 1 28 ? 1.108   -5.456  -15.623 1.00 34.49 ? 36  ASN B C   1 
ATOM   908  O O   . ASN B 1 28 ? -0.090  -5.471  -15.362 1.00 37.25 ? 36  ASN B O   1 
ATOM   909  C CB  . ASN B 1 28 ? 1.895   -7.704  -16.298 1.00 36.49 ? 36  ASN B CB  1 
ATOM   910  C CG  . ASN B 1 28 ? 1.940   -8.678  -17.434 1.00 40.16 ? 36  ASN B CG  1 
ATOM   911  O OD1 . ASN B 1 28 ? 1.027   -8.717  -18.255 1.00 43.87 ? 36  ASN B OD1 1 
ATOM   912  N ND2 . ASN B 1 28 ? 2.999   -9.474  -17.498 1.00 41.58 ? 36  ASN B ND2 1 
ATOM   913  N N   . THR B 1 29 ? 1.980   -4.733  -14.934 1.00 31.41 ? 37  THR B N   1 
ATOM   914  C CA  . THR B 1 29 ? 1.543   -3.923  -13.809 1.00 27.71 ? 37  THR B CA  1 
ATOM   915  C C   . THR B 1 29 ? 1.515   -2.448  -14.172 1.00 28.62 ? 37  THR B C   1 
ATOM   916  O O   . THR B 1 29 ? 1.021   -1.628  -13.406 1.00 30.78 ? 37  THR B O   1 
ATOM   917  C CB  . THR B 1 29 ? 2.470   -4.106  -12.590 1.00 26.13 ? 37  THR B CB  1 
ATOM   918  O OG1 . THR B 1 29 ? 3.797   -3.672  -12.929 1.00 19.81 ? 37  THR B OG1 1 
ATOM   919  C CG2 . THR B 1 29 ? 2.508   -5.572  -12.162 1.00 23.36 ? 37  THR B CG2 1 
ATOM   920  N N   . GLN B 1 30 ? 2.050   -2.119  -15.343 1.00 29.69 ? 38  GLN B N   1 
ATOM   921  C CA  . GLN B 1 30 ? 2.104   -0.740  -15.800 1.00 32.92 ? 38  GLN B CA  1 
ATOM   922  C C   . GLN B 1 30 ? 2.978   0.120   -14.899 1.00 32.23 ? 38  GLN B C   1 
ATOM   923  O O   . GLN B 1 30 ? 2.738   1.318   -14.742 1.00 33.70 ? 38  GLN B O   1 
ATOM   924  C CB  . GLN B 1 30 ? 0.697   -0.148  -15.886 1.00 38.43 ? 38  GLN B CB  1 
ATOM   925  C CG  . GLN B 1 30 ? -0.098  -0.672  -17.053 1.00 46.35 ? 38  GLN B CG  1 
ATOM   926  C CD  . GLN B 1 30 ? 0.655   -0.508  -18.361 1.00 54.17 ? 38  GLN B CD  1 
ATOM   927  O OE1 . GLN B 1 30 ? 1.034   0.604   -18.739 1.00 56.54 ? 38  GLN B OE1 1 
ATOM   928  N NE2 . GLN B 1 30 ? 0.880   -1.617  -19.061 1.00 57.03 ? 38  GLN B NE2 1 
ATOM   929  N N   . ILE B 1 31 ? 3.996   -0.502  -14.309 1.00 29.83 ? 39  ILE B N   1 
ATOM   930  C CA  . ILE B 1 31 ? 4.937   0.198   -13.442 1.00 26.70 ? 39  ILE B CA  1 
ATOM   931  C C   . ILE B 1 31 ? 6.228   0.406   -14.232 1.00 27.46 ? 39  ILE B C   1 
ATOM   932  O O   . ILE B 1 31 ? 6.705   -0.512  -14.907 1.00 25.58 ? 39  ILE B O   1 
ATOM   933  C CB  . ILE B 1 31 ? 5.245   -0.625  -12.169 1.00 24.50 ? 39  ILE B CB  1 
ATOM   934  C CG1 . ILE B 1 31 ? 3.960   -0.814  -11.356 1.00 24.52 ? 39  ILE B CG1 1 
ATOM   935  C CG2 . ILE B 1 31 ? 6.307   0.079   -11.329 1.00 24.63 ? 39  ILE B CG2 1 
ATOM   936  C CD1 . ILE B 1 31 ? 4.097   -1.755  -10.175 1.00 25.85 ? 39  ILE B CD1 1 
ATOM   937  N N   . PRO B 1 32 ? 6.806   1.623   -14.174 1.00 26.65 ? 40  PRO B N   1 
ATOM   938  C CA  . PRO B 1 32 ? 8.046   1.895   -14.903 1.00 25.68 ? 40  PRO B CA  1 
ATOM   939  C C   . PRO B 1 32 ? 9.141   0.878   -14.581 1.00 25.44 ? 40  PRO B C   1 
ATOM   940  O O   . PRO B 1 32 ? 9.312   0.468   -13.430 1.00 23.57 ? 40  PRO B O   1 
ATOM   941  C CB  . PRO B 1 32 ? 8.399   3.324   -14.481 1.00 24.33 ? 40  PRO B CB  1 
ATOM   942  C CG  . PRO B 1 32 ? 7.693   3.493   -13.167 1.00 29.20 ? 40  PRO B CG  1 
ATOM   943  C CD  . PRO B 1 32 ? 6.385   2.804   -13.404 1.00 25.83 ? 40  PRO B CD  1 
ATOM   944  N N   . TYR B 1 33 ? 9.860   0.467   -15.621 1.00 25.04 ? 41  TYR B N   1 
ATOM   945  C CA  . TYR B 1 33 ? 10.920  -0.525  -15.510 1.00 23.66 ? 41  TYR B CA  1 
ATOM   946  C C   . TYR B 1 33 ? 11.885  -0.307  -14.360 1.00 22.98 ? 41  TYR B C   1 
ATOM   947  O O   . TYR B 1 33 ? 12.123  -1.219  -13.567 1.00 22.55 ? 41  TYR B O   1 
ATOM   948  C CB  . TYR B 1 33 ? 11.704  -0.606  -16.824 1.00 24.35 ? 41  TYR B CB  1 
ATOM   949  C CG  . TYR B 1 33 ? 12.643  -1.796  -16.901 1.00 24.49 ? 41  TYR B CG  1 
ATOM   950  C CD1 . TYR B 1 33 ? 13.959  -1.714  -16.448 1.00 22.16 ? 41  TYR B CD1 1 
ATOM   951  C CD2 . TYR B 1 33 ? 12.201  -3.009  -17.414 1.00 24.72 ? 41  TYR B CD2 1 
ATOM   952  C CE1 . TYR B 1 33 ? 14.812  -2.820  -16.512 1.00 26.35 ? 41  TYR B CE1 1 
ATOM   953  C CE2 . TYR B 1 33 ? 13.040  -4.115  -17.478 1.00 26.66 ? 41  TYR B CE2 1 
ATOM   954  C CZ  . TYR B 1 33 ? 14.339  -4.017  -17.029 1.00 24.78 ? 41  TYR B CZ  1 
ATOM   955  O OH  . TYR B 1 33 ? 15.149  -5.131  -17.090 1.00 31.70 ? 41  TYR B OH  1 
ATOM   956  N N   . GLN B 1 34 ? 12.443  0.893   -14.263 1.00 20.87 ? 42  GLN B N   1 
ATOM   957  C CA  . GLN B 1 34 ? 13.392  1.177   -13.199 1.00 24.58 ? 42  GLN B CA  1 
ATOM   958  C C   . GLN B 1 34 ? 12.776  1.016   -11.821 1.00 21.90 ? 42  GLN B C   1 
ATOM   959  O O   . GLN B 1 34 ? 13.445  0.578   -10.885 1.00 21.65 ? 42  GLN B O   1 
ATOM   960  C CB  . GLN B 1 34 ? 13.964  2.593   -13.345 1.00 30.36 ? 42  GLN B CB  1 
ATOM   961  C CG  . GLN B 1 34 ? 15.130  2.692   -14.326 1.00 38.73 ? 42  GLN B CG  1 
ATOM   962  C CD  . GLN B 1 34 ? 16.262  1.703   -14.009 1.00 44.86 ? 42  GLN B CD  1 
ATOM   963  O OE1 . GLN B 1 34 ? 16.792  1.668   -12.888 1.00 43.46 ? 42  GLN B OE1 1 
ATOM   964  N NE2 . GLN B 1 34 ? 16.634  0.896   -15.004 1.00 40.89 ? 42  GLN B NE2 1 
ATOM   965  N N   . THR B 1 35 ? 11.500  1.364   -11.696 1.00 21.45 ? 43  THR B N   1 
ATOM   966  C CA  . THR B 1 35 ? 10.819  1.250   -10.414 1.00 20.90 ? 43  THR B CA  1 
ATOM   967  C C   . THR B 1 35 ? 10.672  -0.222  -10.059 1.00 17.96 ? 43  THR B C   1 
ATOM   968  O O   . THR B 1 35 ? 10.819  -0.607  -8.912  1.00 19.56 ? 43  THR B O   1 
ATOM   969  C CB  . THR B 1 35 ? 9.448   1.948   -10.453 1.00 20.93 ? 43  THR B CB  1 
ATOM   970  O OG1 . THR B 1 35 ? 9.649   3.355   -10.635 1.00 21.99 ? 43  THR B OG1 1 
ATOM   971  C CG2 . THR B 1 35 ? 8.686   1.730   -9.156  1.00 18.07 ? 43  THR B CG2 1 
ATOM   972  N N   . VAL B 1 36 ? 10.404  -1.045  -11.060 1.00 18.86 ? 44  VAL B N   1 
ATOM   973  C CA  . VAL B 1 36 ? 10.288  -2.477  -10.855 1.00 16.35 ? 44  VAL B CA  1 
ATOM   974  C C   . VAL B 1 36 ? 11.639  -3.016  -10.391 1.00 18.96 ? 44  VAL B C   1 
ATOM   975  O O   . VAL B 1 36 ? 11.711  -3.794  -9.433  1.00 18.69 ? 44  VAL B O   1 
ATOM   976  C CB  . VAL B 1 36 ? 9.871   -3.165  -12.164 1.00 19.47 ? 44  VAL B CB  1 
ATOM   977  C CG1 . VAL B 1 36 ? 9.965   -4.679  -12.024 1.00 15.88 ? 44  VAL B CG1 1 
ATOM   978  C CG2 . VAL B 1 36 ? 8.448   -2.751  -12.519 1.00 19.34 ? 44  VAL B CG2 1 
ATOM   979  N N   . ILE B 1 37 ? 12.713  -2.576  -11.052 1.00 18.47 ? 45  ILE B N   1 
ATOM   980  C CA  . ILE B 1 37 ? 14.061  -3.010  -10.696 1.00 18.37 ? 45  ILE B CA  1 
ATOM   981  C C   . ILE B 1 37 ? 14.399  -2.598  -9.262  1.00 19.27 ? 45  ILE B C   1 
ATOM   982  O O   . ILE B 1 37 ? 14.936  -3.392  -8.492  1.00 22.74 ? 45  ILE B O   1 
ATOM   983  C CB  . ILE B 1 37 ? 15.131  -2.416  -11.666 1.00 20.16 ? 45  ILE B CB  1 
ATOM   984  C CG1 . ILE B 1 37 ? 14.949  -2.992  -13.075 1.00 16.77 ? 45  ILE B CG1 1 
ATOM   985  C CG2 . ILE B 1 37 ? 16.539  -2.707  -11.155 1.00 17.00 ? 45  ILE B CG2 1 
ATOM   986  C CD1 . ILE B 1 37 ? 15.173  -4.499  -13.178 1.00 19.42 ? 45  ILE B CD1 1 
ATOM   987  N N   . GLN B 1 38 ? 14.083  -1.362  -8.893  1.00 19.59 ? 46  GLN B N   1 
ATOM   988  C CA  . GLN B 1 38 ? 14.384  -0.896  -7.547  1.00 19.82 ? 46  GLN B CA  1 
ATOM   989  C C   . GLN B 1 38 ? 13.667  -1.727  -6.489  1.00 20.38 ? 46  GLN B C   1 
ATOM   990  O O   . GLN B 1 38 ? 14.235  -2.029  -5.441  1.00 19.08 ? 46  GLN B O   1 
ATOM   991  C CB  . GLN B 1 38 ? 14.014  0.568   -7.404  1.00 22.40 ? 46  GLN B CB  1 
ATOM   992  C CG  . GLN B 1 38 ? 14.884  1.494   -8.216  1.00 32.58 ? 46  GLN B CG  1 
ATOM   993  C CD  . GLN B 1 38 ? 14.329  2.894   -8.248  1.00 39.15 ? 46  GLN B CD  1 
ATOM   994  O OE1 . GLN B 1 38 ? 13.881  3.412   -7.227  1.00 44.81 ? 46  GLN B OE1 1 
ATOM   995  N NE2 . GLN B 1 38 ? 14.355  3.522   -9.421  1.00 43.44 ? 46  GLN B NE2 1 
ATOM   996  N N   . ASN B 1 39 ? 12.423  -2.105  -6.767  1.00 20.01 ? 47  ASN B N   1 
ATOM   997  C CA  . ASN B 1 39 ? 11.648  -2.912  -5.833  1.00 18.76 ? 47  ASN B CA  1 
ATOM   998  C C   . ASN B 1 39 ? 12.093  -4.375  -5.854  1.00 17.57 ? 47  ASN B C   1 
ATOM   999  O O   . ASN B 1 39 ? 12.060  -5.054  -4.829  1.00 20.17 ? 47  ASN B O   1 
ATOM   1000 C CB  . ASN B 1 39 ? 10.162  -2.784  -6.160  1.00 22.27 ? 47  ASN B CB  1 
ATOM   1001 C CG  . ASN B 1 39 ? 9.589   -1.439  -5.735  1.00 25.28 ? 47  ASN B CG  1 
ATOM   1002 O OD1 . ASN B 1 39 ? 9.360   -1.197  -4.553  1.00 28.45 ? 47  ASN B OD1 1 
ATOM   1003 N ND2 . ASN B 1 39 ? 9.364   -0.557  -6.697  1.00 28.98 ? 47  ASN B ND2 1 
ATOM   1004 N N   . ILE B 1 40 ? 12.522  -4.850  -7.019  1.00 16.74 ? 48  ILE B N   1 
ATOM   1005 C CA  . ILE B 1 40 ? 13.009  -6.219  -7.174  1.00 16.46 ? 48  ILE B CA  1 
ATOM   1006 C C   . ILE B 1 40 ? 14.297  -6.385  -6.368  1.00 17.27 ? 48  ILE B C   1 
ATOM   1007 O O   . ILE B 1 40 ? 14.527  -7.435  -5.752  1.00 15.81 ? 48  ILE B O   1 
ATOM   1008 C CB  . ILE B 1 40 ? 13.301  -6.547  -8.659  1.00 16.88 ? 48  ILE B CB  1 
ATOM   1009 C CG1 . ILE B 1 40 ? 11.987  -6.725  -9.428  1.00 17.64 ? 48  ILE B CG1 1 
ATOM   1010 C CG2 . ILE B 1 40 ? 14.156  -7.815  -8.762  1.00 15.57 ? 48  ILE B CG2 1 
ATOM   1011 C CD1 . ILE B 1 40 ? 11.231  -7.978  -9.069  1.00 21.32 ? 48  ILE B CD1 1 
ATOM   1012 N N   . ARG B 1 41 ? 15.136  -5.354  -6.371  1.00 13.55 ? 49  ARG B N   1 
ATOM   1013 C CA  . ARG B 1 41 ? 16.380  -5.415  -5.620  1.00 19.71 ? 49  ARG B CA  1 
ATOM   1014 C C   . ARG B 1 41 ? 16.094  -5.504  -4.122  1.00 19.86 ? 49  ARG B C   1 
ATOM   1015 O O   . ARG B 1 41 ? 16.749  -6.251  -3.395  1.00 20.07 ? 49  ARG B O   1 
ATOM   1016 C CB  . ARG B 1 41 ? 17.248  -4.193  -5.918  1.00 19.12 ? 49  ARG B CB  1 
ATOM   1017 C CG  . ARG B 1 41 ? 17.850  -4.222  -7.307  1.00 19.80 ? 49  ARG B CG  1 
ATOM   1018 C CD  . ARG B 1 41 ? 18.665  -2.980  -7.548  1.00 20.09 ? 49  ARG B CD  1 
ATOM   1019 N NE  . ARG B 1 41 ? 19.268  -2.968  -8.874  1.00 19.84 ? 49  ARG B NE  1 
ATOM   1020 C CZ  . ARG B 1 41 ? 19.841  -1.896  -9.409  1.00 22.54 ? 49  ARG B CZ  1 
ATOM   1021 N NH1 . ARG B 1 41 ? 19.875  -0.763  -8.721  1.00 24.19 ? 49  ARG B NH1 1 
ATOM   1022 N NH2 . ARG B 1 41 ? 20.378  -1.954  -10.621 1.00 22.41 ? 49  ARG B NH2 1 
ATOM   1023 N N   . TRP B 1 42 ? 15.115  -4.741  -3.655  1.00 18.70 ? 50  TRP B N   1 
ATOM   1024 C CA  . TRP B 1 42 ? 14.768  -4.785  -2.244  1.00 19.49 ? 50  TRP B CA  1 
ATOM   1025 C C   . TRP B 1 42 ? 14.272  -6.186  -1.896  1.00 19.34 ? 50  TRP B C   1 
ATOM   1026 O O   . TRP B 1 42 ? 14.627  -6.738  -0.849  1.00 19.95 ? 50  TRP B O   1 
ATOM   1027 C CB  . TRP B 1 42 ? 13.681  -3.768  -1.926  1.00 19.73 ? 50  TRP B CB  1 
ATOM   1028 C CG  . TRP B 1 42 ? 13.332  -3.748  -0.485  1.00 21.71 ? 50  TRP B CG  1 
ATOM   1029 C CD1 . TRP B 1 42 ? 13.956  -3.036  0.500   1.00 20.10 ? 50  TRP B CD1 1 
ATOM   1030 C CD2 . TRP B 1 42 ? 12.296  -4.503  0.153   1.00 19.68 ? 50  TRP B CD2 1 
ATOM   1031 N NE1 . TRP B 1 42 ? 13.367  -3.300  1.714   1.00 23.26 ? 50  TRP B NE1 1 
ATOM   1032 C CE2 . TRP B 1 42 ? 12.347  -4.196  1.530   1.00 19.88 ? 50  TRP B CE2 1 
ATOM   1033 C CE3 . TRP B 1 42 ? 11.328  -5.407  -0.308  1.00 19.51 ? 50  TRP B CE3 1 
ATOM   1034 C CZ2 . TRP B 1 42 ? 11.465  -4.762  2.454   1.00 22.79 ? 50  TRP B CZ2 1 
ATOM   1035 C CZ3 . TRP B 1 42 ? 10.451  -5.968  0.608   1.00 21.70 ? 50  TRP B CZ3 1 
ATOM   1036 C CH2 . TRP B 1 42 ? 10.525  -5.642  1.977   1.00 23.68 ? 50  TRP B CH2 1 
ATOM   1037 N N   . LEU B 1 43 ? 13.461  -6.753  -2.787  1.00 17.95 ? 51  LEU B N   1 
ATOM   1038 C CA  . LEU B 1 43 ? 12.910  -8.093  -2.597  1.00 17.10 ? 51  LEU B CA  1 
ATOM   1039 C C   . LEU B 1 43 ? 14.015  -9.162  -2.616  1.00 15.11 ? 51  LEU B C   1 
ATOM   1040 O O   . LEU B 1 43 ? 13.932  -10.169 -1.914  1.00 17.63 ? 51  LEU B O   1 
ATOM   1041 C CB  . LEU B 1 43 ? 11.848  -8.385  -3.673  1.00 15.47 ? 51  LEU B CB  1 
ATOM   1042 C CG  . LEU B 1 43 ? 10.509  -7.632  -3.554  1.00 19.21 ? 51  LEU B CG  1 
ATOM   1043 C CD1 . LEU B 1 43 ? 9.622   -7.890  -4.759  1.00 16.89 ? 51  LEU B CD1 1 
ATOM   1044 C CD2 . LEU B 1 43 ? 9.797   -8.076  -2.280  1.00 18.44 ? 51  LEU B CD2 1 
ATOM   1045 N N   . LEU B 1 44 ? 15.055  -8.942  -3.408  1.00 13.18 ? 52  LEU B N   1 
ATOM   1046 C CA  . LEU B 1 44 ? 16.155  -9.903  -3.458  1.00 15.39 ? 52  LEU B CA  1 
ATOM   1047 C C   . LEU B 1 44 ? 16.983  -9.805  -2.171  1.00 15.83 ? 52  LEU B C   1 
ATOM   1048 O O   . LEU B 1 44 ? 17.380  -10.820 -1.602  1.00 12.38 ? 52  LEU B O   1 
ATOM   1049 C CB  . LEU B 1 44 ? 17.056  -9.633  -4.669  1.00 12.52 ? 52  LEU B CB  1 
ATOM   1050 C CG  . LEU B 1 44 ? 16.503  -10.019 -6.044  1.00 13.43 ? 52  LEU B CG  1 
ATOM   1051 C CD1 . LEU B 1 44 ? 17.378  -9.380  -7.126  1.00 11.86 ? 52  LEU B CD1 1 
ATOM   1052 C CD2 . LEU B 1 44 ? 16.463  -11.534 -6.192  1.00 11.75 ? 52  LEU B CD2 1 
ATOM   1053 N N   . ALA B 1 45 ? 17.227  -8.579  -1.716  1.00 16.34 ? 53  ALA B N   1 
ATOM   1054 C CA  . ALA B 1 45 ? 18.009  -8.362  -0.498  1.00 20.35 ? 53  ALA B CA  1 
ATOM   1055 C C   . ALA B 1 45 ? 17.329  -8.987  0.720   1.00 19.94 ? 53  ALA B C   1 
ATOM   1056 O O   . ALA B 1 45 ? 17.996  -9.520  1.603   1.00 24.76 ? 53  ALA B O   1 
ATOM   1057 C CB  . ALA B 1 45 ? 18.233  -6.860  -0.267  1.00 13.51 ? 53  ALA B CB  1 
ATOM   1058 N N   . GLU B 1 46 ? 16.004  -8.921  0.758   1.00 21.77 ? 54  GLU B N   1 
ATOM   1059 C CA  . GLU B 1 46 ? 15.229  -9.473  1.869   1.00 22.22 ? 54  GLU B CA  1 
ATOM   1060 C C   . GLU B 1 46 ? 14.980  -10.974 1.731   1.00 21.02 ? 54  GLU B C   1 
ATOM   1061 O O   . GLU B 1 46 ? 14.342  -11.579 2.587   1.00 17.65 ? 54  GLU B O   1 
ATOM   1062 C CB  . GLU B 1 46 ? 13.874  -8.765  1.966   1.00 24.18 ? 54  GLU B CB  1 
ATOM   1063 C CG  . GLU B 1 46 ? 13.988  -7.295  2.221   1.00 27.10 ? 54  GLU B CG  1 
ATOM   1064 C CD  . GLU B 1 46 ? 14.725  -7.022  3.500   1.00 33.55 ? 54  GLU B CD  1 
ATOM   1065 O OE1 . GLU B 1 46 ? 14.242  -7.479  4.559   1.00 37.45 ? 54  GLU B OE1 1 
ATOM   1066 O OE2 . GLU B 1 46 ? 15.781  -6.361  3.449   1.00 37.98 ? 54  GLU B OE2 1 
ATOM   1067 N N   . GLY B 1 47 ? 15.466  -11.571 0.650   1.00 17.82 ? 55  GLY B N   1 
ATOM   1068 C CA  . GLY B 1 47 ? 15.270  -12.999 0.467   1.00 19.96 ? 55  GLY B CA  1 
ATOM   1069 C C   . GLY B 1 47 ? 13.832  -13.398 0.166   1.00 22.22 ? 55  GLY B C   1 
ATOM   1070 O O   . GLY B 1 47 ? 13.470  -14.563 0.264   1.00 22.90 ? 55  GLY B O   1 
ATOM   1071 N N   . TYR B 1 48 ? 13.014  -12.419 -0.210  1.00 21.09 ? 56  TYR B N   1 
ATOM   1072 C CA  . TYR B 1 48 ? 11.613  -12.652 -0.538  1.00 19.01 ? 56  TYR B CA  1 
ATOM   1073 C C   . TYR B 1 48 ? 11.474  -13.182 -1.960  1.00 20.47 ? 56  TYR B C   1 
ATOM   1074 O O   . TYR B 1 48 ? 10.488  -13.836 -2.301  1.00 17.05 ? 56  TYR B O   1 
ATOM   1075 C CB  . TYR B 1 48 ? 10.846  -11.342 -0.410  1.00 18.56 ? 56  TYR B CB  1 
ATOM   1076 C CG  . TYR B 1 48 ? 10.662  -10.877 1.008   1.00 15.73 ? 56  TYR B CG  1 
ATOM   1077 C CD1 . TYR B 1 48 ? 10.637  -9.515  1.311   1.00 14.85 ? 56  TYR B CD1 1 
ATOM   1078 C CD2 . TYR B 1 48 ? 10.439  -11.791 2.040   1.00 14.56 ? 56  TYR B CD2 1 
ATOM   1079 C CE1 . TYR B 1 48 ? 10.386  -9.071  2.598   1.00 15.29 ? 56  TYR B CE1 1 
ATOM   1080 C CE2 . TYR B 1 48 ? 10.183  -11.352 3.347   1.00 18.17 ? 56  TYR B CE2 1 
ATOM   1081 C CZ  . TYR B 1 48 ? 10.160  -9.988  3.609   1.00 16.50 ? 56  TYR B CZ  1 
ATOM   1082 O OH  . TYR B 1 48 ? 9.904   -9.526  4.872   1.00 23.12 ? 56  TYR B OH  1 
ATOM   1083 N N   . VAL B 1 49 ? 12.469  -12.889 -2.790  1.00 20.65 ? 57  VAL B N   1 
ATOM   1084 C CA  . VAL B 1 49 ? 12.450  -13.343 -4.173  1.00 22.57 ? 57  VAL B CA  1 
ATOM   1085 C C   . VAL B 1 49 ? 13.843  -13.815 -4.607  1.00 20.96 ? 57  VAL B C   1 
ATOM   1086 O O   . VAL B 1 49 ? 14.854  -13.457 -3.981  1.00 19.36 ? 57  VAL B O   1 
ATOM   1087 C CB  . VAL B 1 49 ? 11.964  -12.184 -5.117  1.00 24.25 ? 57  VAL B CB  1 
ATOM   1088 C CG1 . VAL B 1 49 ? 12.066  -12.595 -6.566  1.00 26.16 ? 57  VAL B CG1 1 
ATOM   1089 C CG2 . VAL B 1 49 ? 10.503  -11.830 -4.806  1.00 26.16 ? 57  VAL B CG2 1 
ATOM   1090 N N   . VAL B 1 50 ? 13.886  -14.646 -5.649  1.00 19.93 ? 58  VAL B N   1 
ATOM   1091 C CA  . VAL B 1 50 ? 15.149  -15.123 -6.229  1.00 19.34 ? 58  VAL B CA  1 
ATOM   1092 C C   . VAL B 1 50 ? 15.002  -15.160 -7.740  1.00 20.05 ? 58  VAL B C   1 
ATOM   1093 O O   . VAL B 1 50 ? 13.897  -15.275 -8.258  1.00 19.62 ? 58  VAL B O   1 
ATOM   1094 C CB  . VAL B 1 50 ? 15.585  -16.542 -5.743  1.00 11.82 ? 58  VAL B CB  1 
ATOM   1095 C CG1 . VAL B 1 50 ? 16.031  -16.474 -4.308  1.00 12.33 ? 58  VAL B CG1 1 
ATOM   1096 C CG2 . VAL B 1 50 ? 14.461  -17.552 -5.928  1.00 9.96  ? 58  VAL B CG2 1 
ATOM   1097 N N   . LYS B 1 51 ? 16.113  -15.048 -8.455  1.00 23.27 ? 59  LYS B N   1 
ATOM   1098 C CA  . LYS B 1 51 ? 16.040  -15.084 -9.902  1.00 27.94 ? 59  LYS B CA  1 
ATOM   1099 C C   . LYS B 1 51 ? 16.300  -16.479 -10.445 1.00 31.56 ? 59  LYS B C   1 
ATOM   1100 O O   . LYS B 1 51 ? 16.923  -17.317 -9.787  1.00 29.61 ? 59  LYS B O   1 
ATOM   1101 C CB  . LYS B 1 51 ? 17.014  -14.079 -10.504 1.00 28.00 ? 59  LYS B CB  1 
ATOM   1102 C CG  . LYS B 1 51 ? 18.439  -14.267 -10.094 1.00 29.39 ? 59  LYS B CG  1 
ATOM   1103 C CD  . LYS B 1 51 ? 19.071  -12.930 -9.717  1.00 30.03 ? 59  LYS B CD  1 
ATOM   1104 C CE  . LYS B 1 51 ? 19.065  -11.935 -10.866 1.00 27.57 ? 59  LYS B CE  1 
ATOM   1105 N NZ  . LYS B 1 51 ? 19.792  -10.691 -10.485 1.00 26.65 ? 59  LYS B NZ  1 
ATOM   1106 N N   . GLU B 1 52 ? 15.780  -16.721 -11.642 1.00 34.39 ? 60  GLU B N   1 
ATOM   1107 C CA  . GLU B 1 52 ? 15.928  -17.995 -12.332 1.00 36.08 ? 60  GLU B CA  1 
ATOM   1108 C C   . GLU B 1 52 ? 16.148  -17.656 -13.787 1.00 36.79 ? 60  GLU B C   1 
ATOM   1109 O O   . GLU B 1 52 ? 15.232  -17.171 -14.446 1.00 36.38 ? 60  GLU B O   1 
ATOM   1110 C CB  . GLU B 1 52 ? 14.657  -18.837 -12.184 1.00 36.70 ? 60  GLU B CB  1 
ATOM   1111 C CG  . GLU B 1 52 ? 14.548  -19.966 -13.194 1.00 40.90 ? 60  GLU B CG  1 
ATOM   1112 C CD  . GLU B 1 52 ? 13.280  -20.785 -13.031 1.00 45.57 ? 60  GLU B CD  1 
ATOM   1113 O OE1 . GLU B 1 52 ? 12.821  -21.375 -14.035 1.00 48.15 ? 60  GLU B OE1 1 
ATOM   1114 O OE2 . GLU B 1 52 ? 12.751  -20.845 -11.901 1.00 45.76 ? 60  GLU B OE2 1 
ATOM   1115 N N   . GLN B 1 53 ? 17.357  -17.887 -14.290 1.00 40.82 ? 61  GLN B N   1 
ATOM   1116 C CA  . GLN B 1 53 ? 17.654  -17.575 -15.684 1.00 47.22 ? 61  GLN B CA  1 
ATOM   1117 C C   . GLN B 1 53 ? 17.701  -18.810 -16.578 1.00 49.70 ? 61  GLN B C   1 
ATOM   1118 O O   . GLN B 1 53 ? 18.196  -19.866 -16.177 1.00 48.40 ? 61  GLN B O   1 
ATOM   1119 C CB  . GLN B 1 53 ? 18.983  -16.818 -15.806 1.00 46.88 ? 61  GLN B CB  1 
ATOM   1120 C CG  . GLN B 1 53 ? 20.200  -17.606 -15.379 1.00 49.50 ? 61  GLN B CG  1 
ATOM   1121 C CD  . GLN B 1 53 ? 21.475  -17.112 -16.047 1.00 55.23 ? 61  GLN B CD  1 
ATOM   1122 O OE1 . GLN B 1 53 ? 21.768  -15.914 -16.045 1.00 56.35 ? 61  GLN B OE1 1 
ATOM   1123 N NE2 . GLN B 1 53 ? 22.241  -18.037 -16.624 1.00 54.19 ? 61  GLN B NE2 1 
ATOM   1124 N N   . LYS B 1 54 ? 17.177  -18.659 -17.794 1.00 54.38 ? 62  LYS B N   1 
ATOM   1125 C CA  . LYS B 1 54 ? 17.158  -19.734 -18.776 1.00 58.51 ? 62  LYS B CA  1 
ATOM   1126 C C   . LYS B 1 54 ? 18.098  -19.353 -19.907 1.00 59.20 ? 62  LYS B C   1 
ATOM   1127 O O   . LYS B 1 54 ? 17.754  -19.440 -21.083 1.00 61.35 ? 62  LYS B O   1 
ATOM   1128 C CB  . LYS B 1 54 ? 15.738  -19.943 -19.307 1.00 60.67 ? 62  LYS B CB  1 
ATOM   1129 C CG  . LYS B 1 54 ? 14.713  -20.169 -18.198 1.00 64.85 ? 62  LYS B CG  1 
ATOM   1130 C CD  . LYS B 1 54 ? 13.359  -20.608 -18.735 1.00 67.13 ? 62  LYS B CD  1 
ATOM   1131 C CE  . LYS B 1 54 ? 12.346  -20.741 -17.599 1.00 67.27 ? 62  LYS B CE  1 
ATOM   1132 N NZ  . LYS B 1 54 ? 11.009  -21.177 -18.091 1.00 66.77 ? 62  LYS B NZ  1 
ATOM   1133 N N   . GLY B 1 55 ? 19.294  -18.922 -19.527 1.00 59.37 ? 63  GLY B N   1 
ATOM   1134 C CA  . GLY B 1 55 ? 20.285  -18.523 -20.500 1.00 59.58 ? 63  GLY B CA  1 
ATOM   1135 C C   . GLY B 1 55 ? 20.526  -17.031 -20.429 1.00 60.90 ? 63  GLY B C   1 
ATOM   1136 O O   . GLY B 1 55 ? 21.327  -16.556 -19.629 1.00 60.81 ? 63  GLY B O   1 
ATOM   1137 N N   . GLU B 1 56 ? 19.818  -16.288 -21.270 1.00 62.09 ? 64  GLU B N   1 
ATOM   1138 C CA  . GLU B 1 56 ? 19.958  -14.841 -21.317 1.00 61.66 ? 64  GLU B CA  1 
ATOM   1139 C C   . GLU B 1 56 ? 18.864  -14.159 -20.508 1.00 56.95 ? 64  GLU B C   1 
ATOM   1140 O O   . GLU B 1 56 ? 19.088  -13.103 -19.917 1.00 56.51 ? 64  GLU B O   1 
ATOM   1141 C CB  . GLU B 1 56 ? 19.887  -14.353 -22.768 1.00 68.36 ? 64  GLU B CB  1 
ATOM   1142 C CG  . GLU B 1 56 ? 20.952  -14.930 -23.682 1.00 76.57 ? 64  GLU B CG  1 
ATOM   1143 C CD  . GLU B 1 56 ? 22.356  -14.483 -23.301 1.00 81.54 ? 64  GLU B CD  1 
ATOM   1144 O OE1 . GLU B 1 56 ? 22.819  -14.836 -22.193 1.00 82.33 ? 64  GLU B OE1 1 
ATOM   1145 O OE2 . GLU B 1 56 ? 22.993  -13.776 -24.116 1.00 85.14 ? 64  GLU B OE2 1 
ATOM   1146 N N   . GLU B 1 57 ? 17.682  -14.769 -20.487 1.00 52.43 ? 65  GLU B N   1 
ATOM   1147 C CA  . GLU B 1 57 ? 16.541  -14.218 -19.767 1.00 47.71 ? 65  GLU B CA  1 
ATOM   1148 C C   . GLU B 1 57 ? 16.627  -14.482 -18.261 1.00 42.82 ? 65  GLU B C   1 
ATOM   1149 O O   . GLU B 1 57 ? 17.059  -15.547 -17.830 1.00 41.70 ? 65  GLU B O   1 
ATOM   1150 C CB  . GLU B 1 57 ? 15.236  -14.804 -20.329 1.00 50.63 ? 65  GLU B CB  1 
ATOM   1151 C CG  . GLU B 1 57 ? 15.004  -14.545 -21.826 1.00 55.92 ? 65  GLU B CG  1 
ATOM   1152 C CD  . GLU B 1 57 ? 13.700  -15.161 -22.345 1.00 58.84 ? 65  GLU B CD  1 
ATOM   1153 O OE1 . GLU B 1 57 ? 13.529  -16.396 -22.224 1.00 59.31 ? 65  GLU B OE1 1 
ATOM   1154 O OE2 . GLU B 1 57 ? 12.845  -14.411 -22.872 1.00 59.16 ? 65  GLU B OE2 1 
ATOM   1155 N N   . ILE B 1 58 ? 16.210  -13.497 -17.472 1.00 38.10 ? 66  ILE B N   1 
ATOM   1156 C CA  . ILE B 1 58 ? 16.219  -13.600 -16.016 1.00 31.42 ? 66  ILE B CA  1 
ATOM   1157 C C   . ILE B 1 58 ? 14.802  -13.440 -15.487 1.00 28.87 ? 66  ILE B C   1 
ATOM   1158 O O   . ILE B 1 58 ? 14.182  -12.382 -15.630 1.00 27.30 ? 66  ILE B O   1 
ATOM   1159 C CB  . ILE B 1 58 ? 17.106  -12.512 -15.391 1.00 32.32 ? 66  ILE B CB  1 
ATOM   1160 C CG1 . ILE B 1 58 ? 18.533  -12.640 -15.929 1.00 34.73 ? 66  ILE B CG1 1 
ATOM   1161 C CG2 . ILE B 1 58 ? 17.096  -12.631 -13.872 1.00 29.51 ? 66  ILE B CG2 1 
ATOM   1162 C CD1 . ILE B 1 58 ? 19.428  -11.482 -15.558 1.00 38.33 ? 66  ILE B CD1 1 
ATOM   1163 N N   . TYR B 1 59 ? 14.283  -14.498 -14.879 1.00 25.90 ? 67  TYR B N   1 
ATOM   1164 C CA  . TYR B 1 59 ? 12.943  -14.479 -14.324 1.00 25.19 ? 67  TYR B CA  1 
ATOM   1165 C C   . TYR B 1 59 ? 13.021  -14.363 -12.816 1.00 25.86 ? 67  TYR B C   1 
ATOM   1166 O O   . TYR B 1 59 ? 14.044  -14.687 -12.219 1.00 27.14 ? 67  TYR B O   1 
ATOM   1167 C CB  . TYR B 1 59 ? 12.197  -15.767 -14.675 1.00 27.41 ? 67  TYR B CB  1 
ATOM   1168 C CG  . TYR B 1 59 ? 11.881  -15.926 -16.139 1.00 29.63 ? 67  TYR B CG  1 
ATOM   1169 C CD1 . TYR B 1 59 ? 12.890  -16.182 -17.067 1.00 30.85 ? 67  TYR B CD1 1 
ATOM   1170 C CD2 . TYR B 1 59 ? 10.568  -15.833 -16.597 1.00 28.88 ? 67  TYR B CD2 1 
ATOM   1171 C CE1 . TYR B 1 59 ? 12.599  -16.344 -18.414 1.00 33.96 ? 67  TYR B CE1 1 
ATOM   1172 C CE2 . TYR B 1 59 ? 10.265  -15.994 -17.938 1.00 34.56 ? 67  TYR B CE2 1 
ATOM   1173 C CZ  . TYR B 1 59 ? 11.286  -16.250 -18.844 1.00 34.74 ? 67  TYR B CZ  1 
ATOM   1174 O OH  . TYR B 1 59 ? 10.999  -16.416 -20.178 1.00 41.81 ? 67  TYR B OH  1 
ATOM   1175 N N   . TYR B 1 60 ? 11.931  -13.903 -12.207 1.00 22.04 ? 68  TYR B N   1 
ATOM   1176 C CA  . TYR B 1 60 ? 11.861  -13.753 -10.761 1.00 19.80 ? 68  TYR B CA  1 
ATOM   1177 C C   . TYR B 1 60 ? 10.696  -14.577 -10.200 1.00 20.59 ? 68  TYR B C   1 
ATOM   1178 O O   . TYR B 1 60 ? 9.644   -14.699 -10.829 1.00 18.42 ? 68  TYR B O   1 
ATOM   1179 C CB  . TYR B 1 60 ? 11.704  -12.273 -10.384 1.00 17.02 ? 68  TYR B CB  1 
ATOM   1180 C CG  . TYR B 1 60 ? 12.902  -11.427 -10.766 1.00 17.79 ? 68  TYR B CG  1 
ATOM   1181 C CD1 . TYR B 1 60 ? 12.936  -10.738 -11.976 1.00 16.91 ? 68  TYR B CD1 1 
ATOM   1182 C CD2 . TYR B 1 60 ? 14.025  -11.358 -9.937  1.00 16.68 ? 68  TYR B CD2 1 
ATOM   1183 C CE1 . TYR B 1 60 ? 14.056  -10.004 -12.359 1.00 19.73 ? 68  TYR B CE1 1 
ATOM   1184 C CE2 . TYR B 1 60 ? 15.156  -10.627 -10.312 1.00 18.09 ? 68  TYR B CE2 1 
ATOM   1185 C CZ  . TYR B 1 60 ? 15.163  -9.951  -11.527 1.00 22.57 ? 68  TYR B CZ  1 
ATOM   1186 O OH  . TYR B 1 60 ? 16.264  -9.224  -11.928 1.00 24.37 ? 68  TYR B OH  1 
ATOM   1187 N N   . LYS B 1 61 ? 10.888  -15.155 -9.021  1.00 20.15 ? 69  LYS B N   1 
ATOM   1188 C CA  . LYS B 1 61 ? 9.834   -15.959 -8.417  1.00 21.19 ? 69  LYS B CA  1 
ATOM   1189 C C   . LYS B 1 61 ? 9.902   -15.808 -6.919  1.00 22.71 ? 69  LYS B C   1 
ATOM   1190 O O   . LYS B 1 61 ? 10.969  -15.559 -6.361  1.00 25.64 ? 69  LYS B O   1 
ATOM   1191 C CB  . LYS B 1 61 ? 10.019  -17.436 -8.779  1.00 23.42 ? 69  LYS B CB  1 
ATOM   1192 C CG  . LYS B 1 61 ? 11.343  -18.019 -8.293  1.00 26.65 ? 69  LYS B CG  1 
ATOM   1193 C CD  . LYS B 1 61 ? 11.603  -19.417 -8.865  1.00 32.07 ? 69  LYS B CD  1 
ATOM   1194 C CE  . LYS B 1 61 ? 12.935  -20.000 -8.360  1.00 33.78 ? 69  LYS B CE  1 
ATOM   1195 N NZ  . LYS B 1 61 ? 13.349  -21.268 -9.043  1.00 34.79 ? 69  LYS B NZ  1 
ATOM   1196 N N   . LEU B 1 62 ? 8.761   -15.965 -6.267  1.00 20.90 ? 70  LEU B N   1 
ATOM   1197 C CA  . LEU B 1 62 ? 8.694   -15.854 -4.822  1.00 24.47 ? 70  LEU B CA  1 
ATOM   1198 C C   . LEU B 1 62 ? 9.343   -17.065 -4.151  1.00 23.44 ? 70  LEU B C   1 
ATOM   1199 O O   . LEU B 1 62 ? 9.215   -18.196 -4.626  1.00 27.91 ? 70  LEU B O   1 
ATOM   1200 C CB  . LEU B 1 62 ? 7.226   -15.736 -4.389  1.00 26.30 ? 70  LEU B CB  1 
ATOM   1201 C CG  . LEU B 1 62 ? 6.626   -14.362 -4.050  1.00 28.90 ? 70  LEU B CG  1 
ATOM   1202 C CD1 . LEU B 1 62 ? 7.252   -13.247 -4.877  1.00 28.91 ? 70  LEU B CD1 1 
ATOM   1203 C CD2 . LEU B 1 62 ? 5.122   -14.439 -4.278  1.00 23.91 ? 70  LEU B CD2 1 
ATOM   1204 N N   . THR B 1 63 ? 10.057  -16.829 -3.059  1.00 22.43 ? 71  THR B N   1 
ATOM   1205 C CA  . THR B 1 63 ? 10.675  -17.924 -2.318  1.00 18.45 ? 71  THR B CA  1 
ATOM   1206 C C   . THR B 1 63 ? 9.652   -18.313 -1.268  1.00 20.66 ? 71  THR B C   1 
ATOM   1207 O O   . THR B 1 63 ? 8.574   -17.720 -1.194  1.00 19.37 ? 71  THR B O   1 
ATOM   1208 C CB  . THR B 1 63 ? 11.938  -17.482 -1.576  1.00 17.46 ? 71  THR B CB  1 
ATOM   1209 O OG1 . THR B 1 63 ? 11.572  -16.558 -0.543  1.00 17.11 ? 71  THR B OG1 1 
ATOM   1210 C CG2 . THR B 1 63 ? 12.924  -16.805 -2.530  1.00 19.64 ? 71  THR B CG2 1 
ATOM   1211 N N   . ASP B 1 64 ? 9.986   -19.300 -0.446  1.00 22.20 ? 72  ASP B N   1 
ATOM   1212 C CA  . ASP B 1 64 ? 9.082   -19.731 0.604   1.00 21.72 ? 72  ASP B CA  1 
ATOM   1213 C C   . ASP B 1 64 ? 8.806   -18.600 1.595   1.00 19.80 ? 72  ASP B C   1 
ATOM   1214 O O   . ASP B 1 64 ? 7.653   -18.304 1.887   1.00 19.35 ? 72  ASP B O   1 
ATOM   1215 C CB  . ASP B 1 64 ? 9.659   -20.941 1.338   1.00 25.14 ? 72  ASP B CB  1 
ATOM   1216 C CG  . ASP B 1 64 ? 9.049   -22.256 0.864   1.00 33.78 ? 72  ASP B CG  1 
ATOM   1217 O OD1 . ASP B 1 64 ? 9.031   -22.517 -0.362  1.00 31.32 ? 72  ASP B OD1 1 
ATOM   1218 O OD2 . ASP B 1 64 ? 8.585   -23.028 1.733   1.00 39.88 ? 72  ASP B OD2 1 
ATOM   1219 N N   . LYS B 1 65 ? 9.847   -17.962 2.118   1.00 19.03 ? 73  LYS B N   1 
ATOM   1220 C CA  . LYS B 1 65 ? 9.593   -16.881 3.062   1.00 23.21 ? 73  LYS B CA  1 
ATOM   1221 C C   . LYS B 1 65 ? 8.872   -15.754 2.333   1.00 19.86 ? 73  LYS B C   1 
ATOM   1222 O O   . LYS B 1 65 ? 8.147   -14.978 2.951   1.00 18.53 ? 73  LYS B O   1 
ATOM   1223 C CB  . LYS B 1 65 ? 10.888  -16.362 3.702   1.00 21.52 ? 73  LYS B CB  1 
ATOM   1224 C CG  . LYS B 1 65 ? 11.806  -15.619 2.786   1.00 28.54 ? 73  LYS B CG  1 
ATOM   1225 C CD  . LYS B 1 65 ? 12.927  -14.942 3.566   1.00 25.03 ? 73  LYS B CD  1 
ATOM   1226 C CE  . LYS B 1 65 ? 12.379  -13.926 4.537   1.00 26.84 ? 73  LYS B CE  1 
ATOM   1227 N NZ  . LYS B 1 65 ? 13.482  -13.159 5.201   1.00 27.31 ? 73  LYS B NZ  1 
ATOM   1228 N N   . GLY B 1 66 ? 9.073   -15.690 1.018   1.00 19.29 ? 74  GLY B N   1 
ATOM   1229 C CA  . GLY B 1 66 ? 8.425   -14.677 0.202   1.00 20.14 ? 74  GLY B CA  1 
ATOM   1230 C C   . GLY B 1 66 ? 6.927   -14.915 0.189   1.00 20.12 ? 74  GLY B C   1 
ATOM   1231 O O   . GLY B 1 66 ? 6.132   -13.979 0.258   1.00 20.38 ? 74  GLY B O   1 
ATOM   1232 N N   . LYS B 1 67 ? 6.536   -16.179 0.113   1.00 21.05 ? 75  LYS B N   1 
ATOM   1233 C CA  . LYS B 1 67 ? 5.125   -16.534 0.107   1.00 21.97 ? 75  LYS B CA  1 
ATOM   1234 C C   . LYS B 1 67 ? 4.523   -16.352 1.503   1.00 21.03 ? 75  LYS B C   1 
ATOM   1235 O O   . LYS B 1 67 ? 3.351   -16.019 1.638   1.00 20.10 ? 75  LYS B O   1 
ATOM   1236 C CB  . LYS B 1 67 ? 4.953   -17.976 -0.374  1.00 24.68 ? 75  LYS B CB  1 
ATOM   1237 C CG  . LYS B 1 67 ? 5.412   -18.192 -1.803  1.00 27.58 ? 75  LYS B CG  1 
ATOM   1238 C CD  . LYS B 1 67 ? 5.352   -19.666 -2.174  1.00 33.25 ? 75  LYS B CD  1 
ATOM   1239 C CE  . LYS B 1 67 ? 5.918   -19.919 -3.565  1.00 36.81 ? 75  LYS B CE  1 
ATOM   1240 N NZ  . LYS B 1 67 ? 5.837   -21.360 -3.961  1.00 40.68 ? 75  LYS B NZ  1 
ATOM   1241 N N   . GLN B 1 68 ? 5.320   -16.559 2.543   1.00 19.75 ? 76  GLN B N   1 
ATOM   1242 C CA  . GLN B 1 68 ? 4.806   -16.376 3.893   1.00 23.32 ? 76  GLN B CA  1 
ATOM   1243 C C   . GLN B 1 68 ? 4.563   -14.885 4.119   1.00 21.28 ? 76  GLN B C   1 
ATOM   1244 O O   . GLN B 1 68 ? 3.620   -14.511 4.809   1.00 16.41 ? 76  GLN B O   1 
ATOM   1245 C CB  . GLN B 1 68 ? 5.794   -16.908 4.939   1.00 24.07 ? 76  GLN B CB  1 
ATOM   1246 C CG  . GLN B 1 68 ? 5.990   -18.415 4.928   1.00 29.71 ? 76  GLN B CG  1 
ATOM   1247 C CD  . GLN B 1 68 ? 7.140   -18.839 5.817   1.00 33.19 ? 76  GLN B CD  1 
ATOM   1248 O OE1 . GLN B 1 68 ? 7.205   -18.461 6.991   1.00 35.22 ? 76  GLN B OE1 1 
ATOM   1249 N NE2 . GLN B 1 68 ? 8.061   -19.625 5.264   1.00 34.27 ? 76  GLN B NE2 1 
ATOM   1250 N N   . MET B 1 69 ? 5.419   -14.048 3.523   1.00 20.17 ? 77  MET B N   1 
ATOM   1251 C CA  . MET B 1 69 ? 5.318   -12.589 3.638   1.00 19.06 ? 77  MET B CA  1 
ATOM   1252 C C   . MET B 1 69 ? 4.036   -12.108 2.967   1.00 20.37 ? 77  MET B C   1 
ATOM   1253 O O   . MET B 1 69 ? 3.318   -11.262 3.503   1.00 18.06 ? 77  MET B O   1 
ATOM   1254 C CB  . MET B 1 69 ? 6.540   -11.916 2.987   1.00 16.66 ? 77  MET B CB  1 
ATOM   1255 C CG  . MET B 1 69 ? 6.527   -10.370 2.914   1.00 18.27 ? 77  MET B CG  1 
ATOM   1256 S SD  . MET B 1 69 ? 5.654   -9.820  1.406   1.00 13.22 ? 77  MET B SD  1 
ATOM   1257 C CE  . MET B 1 69 ? 6.756   -10.392 0.095   1.00 17.42 ? 77  MET B CE  1 
ATOM   1258 N N   . ALA B 1 70 ? 3.761   -12.662 1.792   1.00 19.27 ? 78  ALA B N   1 
ATOM   1259 C CA  . ALA B 1 70 ? 2.580   -12.298 1.027   1.00 20.43 ? 78  ALA B CA  1 
ATOM   1260 C C   . ALA B 1 70 ? 1.320   -12.684 1.806   1.00 22.36 ? 78  ALA B C   1 
ATOM   1261 O O   . ALA B 1 70 ? 0.340   -11.937 1.824   1.00 21.69 ? 78  ALA B O   1 
ATOM   1262 C CB  . ALA B 1 70 ? 2.615   -12.995 -0.335  1.00 19.99 ? 78  ALA B CB  1 
ATOM   1263 N N   . THR B 1 71 ? 1.361   -13.848 2.450   1.00 20.13 ? 79  THR B N   1 
ATOM   1264 C CA  . THR B 1 71 ? 0.239   -14.322 3.255   1.00 18.05 ? 79  THR B CA  1 
ATOM   1265 C C   . THR B 1 71 ? -0.049  -13.319 4.371   1.00 19.28 ? 79  THR B C   1 
ATOM   1266 O O   . THR B 1 71 ? -1.197  -12.947 4.602   1.00 17.61 ? 79  THR B O   1 
ATOM   1267 C CB  . THR B 1 71 ? 0.555   -15.702 3.898   1.00 17.33 ? 79  THR B CB  1 
ATOM   1268 O OG1 . THR B 1 71 ? 0.521   -16.718 2.887   1.00 14.27 ? 79  THR B OG1 1 
ATOM   1269 C CG2 . THR B 1 71 ? -0.445  -16.032 5.004   1.00 8.97  ? 79  THR B CG2 1 
ATOM   1270 N N   . ALA B 1 72 ? 1.010   -12.897 5.060   1.00 18.47 ? 80  ALA B N   1 
ATOM   1271 C CA  . ALA B 1 72 ? 0.890   -11.936 6.150   1.00 21.19 ? 80  ALA B CA  1 
ATOM   1272 C C   . ALA B 1 72 ? 0.323   -10.608 5.646   1.00 20.98 ? 80  ALA B C   1 
ATOM   1273 O O   . ALA B 1 72 ? -0.541  -10.015 6.284   1.00 22.28 ? 80  ALA B O   1 
ATOM   1274 C CB  . ALA B 1 72 ? 2.258   -11.712 6.798   1.00 18.51 ? 80  ALA B CB  1 
ATOM   1275 N N   . GLU B 1 73 ? 0.814   -10.156 4.497   1.00 19.49 ? 81  GLU B N   1 
ATOM   1276 C CA  . GLU B 1 73 ? 0.366   -8.902  3.897   1.00 19.94 ? 81  GLU B CA  1 
ATOM   1277 C C   . GLU B 1 73 ? -1.087  -8.991  3.441   1.00 19.63 ? 81  GLU B C   1 
ATOM   1278 O O   . GLU B 1 73 ? -1.862  -8.048  3.599   1.00 14.74 ? 81  GLU B O   1 
ATOM   1279 C CB  . GLU B 1 73 ? 1.253   -8.559  2.689   1.00 19.82 ? 81  GLU B CB  1 
ATOM   1280 C CG  . GLU B 1 73 ? 2.674   -8.216  3.046   1.00 21.92 ? 81  GLU B CG  1 
ATOM   1281 C CD  . GLU B 1 73 ? 2.762   -7.044  4.004   1.00 25.24 ? 81  GLU B CD  1 
ATOM   1282 O OE1 . GLU B 1 73 ? 2.163   -5.989  3.704   1.00 26.09 ? 81  GLU B OE1 1 
ATOM   1283 O OE2 . GLU B 1 73 ? 3.431   -7.173  5.051   1.00 27.75 ? 81  GLU B OE2 1 
ATOM   1284 N N   . LEU B 1 74 ? -1.440  -10.134 2.864   1.00 18.97 ? 82  LEU B N   1 
ATOM   1285 C CA  . LEU B 1 74 ? -2.785  -10.364 2.370   1.00 20.67 ? 82  LEU B CA  1 
ATOM   1286 C C   . LEU B 1 74 ? -3.763  -10.292 3.544   1.00 20.53 ? 82  LEU B C   1 
ATOM   1287 O O   . LEU B 1 74 ? -4.900  -9.845  3.390   1.00 19.65 ? 82  LEU B O   1 
ATOM   1288 C CB  . LEU B 1 74 ? -2.833  -11.735 1.682   1.00 25.79 ? 82  LEU B CB  1 
ATOM   1289 C CG  . LEU B 1 74 ? -3.980  -12.112 0.742   1.00 30.89 ? 82  LEU B CG  1 
ATOM   1290 C CD1 . LEU B 1 74 ? -3.650  -13.445 0.057   1.00 37.94 ? 82  LEU B CD1 1 
ATOM   1291 C CD2 . LEU B 1 74 ? -5.274  -12.218 1.509   1.00 33.34 ? 82  LEU B CD2 1 
ATOM   1292 N N   . GLU B 1 75 ? -3.314  -10.719 4.722   1.00 22.07 ? 83  GLU B N   1 
ATOM   1293 C CA  . GLU B 1 75 ? -4.166  -10.671 5.903   1.00 22.45 ? 83  GLU B CA  1 
ATOM   1294 C C   . GLU B 1 75 ? -4.387  -9.210  6.304   1.00 22.09 ? 83  GLU B C   1 
ATOM   1295 O O   . GLU B 1 75 ? -5.482  -8.833  6.719   1.00 20.55 ? 83  GLU B O   1 
ATOM   1296 C CB  . GLU B 1 75 ? -3.539  -11.436 7.065   1.00 23.87 ? 83  GLU B CB  1 
ATOM   1297 C CG  . GLU B 1 75 ? -4.545  -11.777 8.144   1.00 36.06 ? 83  GLU B CG  1 
ATOM   1298 C CD  . GLU B 1 75 ? -4.118  -11.317 9.524   1.00 42.88 ? 83  GLU B CD  1 
ATOM   1299 O OE1 . GLU B 1 75 ? -3.009  -11.694 9.962   1.00 49.34 ? 83  GLU B OE1 1 
ATOM   1300 O OE2 . GLU B 1 75 ? -4.897  -10.588 10.175  1.00 47.33 ? 83  GLU B OE2 1 
ATOM   1301 N N   . LYS B 1 76 ? -3.347  -8.392  6.174   1.00 18.41 ? 84  LYS B N   1 
ATOM   1302 C CA  . LYS B 1 76 ? -3.464  -6.973  6.513   1.00 22.00 ? 84  LYS B CA  1 
ATOM   1303 C C   . LYS B 1 76 ? -4.480  -6.243  5.626   1.00 18.27 ? 84  LYS B C   1 
ATOM   1304 O O   . LYS B 1 76 ? -5.331  -5.519  6.133   1.00 18.87 ? 84  LYS B O   1 
ATOM   1305 C CB  . LYS B 1 76 ? -2.116  -6.261  6.382   1.00 19.51 ? 84  LYS B CB  1 
ATOM   1306 C CG  . LYS B 1 76 ? -1.054  -6.689  7.364   1.00 22.65 ? 84  LYS B CG  1 
ATOM   1307 C CD  . LYS B 1 76 ? 0.204   -5.866  7.112   1.00 28.14 ? 84  LYS B CD  1 
ATOM   1308 C CE  . LYS B 1 76 ? 1.421   -6.496  7.756   1.00 29.16 ? 84  LYS B CE  1 
ATOM   1309 N NZ  . LYS B 1 76 ? 2.653   -5.751  7.367   1.00 28.23 ? 84  LYS B NZ  1 
ATOM   1310 N N   . ILE B 1 77 ? -4.388  -6.420  4.311   1.00 17.21 ? 85  ILE B N   1 
ATOM   1311 C CA  . ILE B 1 77 ? -5.326  -5.742  3.413   1.00 21.56 ? 85  ILE B CA  1 
ATOM   1312 C C   . ILE B 1 77 ? -6.743  -6.260  3.635   1.00 25.48 ? 85  ILE B C   1 
ATOM   1313 O O   . ILE B 1 77 ? -7.707  -5.489  3.636   1.00 26.72 ? 85  ILE B O   1 
ATOM   1314 C CB  . ILE B 1 77 ? -4.928  -5.916  1.927   1.00 21.03 ? 85  ILE B CB  1 
ATOM   1315 C CG1 . ILE B 1 77 ? -4.963  -7.395  1.542   1.00 25.28 ? 85  ILE B CG1 1 
ATOM   1316 C CG2 . ILE B 1 77 ? -3.547  -5.299  1.686   1.00 19.27 ? 85  ILE B CG2 1 
ATOM   1317 C CD1 . ILE B 1 77 ? -4.562  -7.664  0.113   1.00 31.01 ? 85  ILE B CD1 1 
ATOM   1318 N N   . ARG B 1 78 ? -6.858  -7.569  3.839   1.00 25.75 ? 86  ARG B N   1 
ATOM   1319 C CA  . ARG B 1 78 ? -8.141  -8.205  4.108   1.00 26.51 ? 86  ARG B CA  1 
ATOM   1320 C C   . ARG B 1 78 ? -8.803  -7.487  5.288   1.00 27.91 ? 86  ARG B C   1 
ATOM   1321 O O   . ARG B 1 78 ? -9.977  -7.109  5.232   1.00 27.21 ? 86  ARG B O   1 
ATOM   1322 C CB  . ARG B 1 78 ? -7.905  -9.672  4.468   1.00 29.43 ? 86  ARG B CB  1 
ATOM   1323 C CG  . ARG B 1 78 ? -9.027  -10.341 5.230   1.00 32.52 ? 86  ARG B CG  1 
ATOM   1324 C CD  . ARG B 1 78 ? -9.983  -11.054 4.319   1.00 33.50 ? 86  ARG B CD  1 
ATOM   1325 N NE  . ARG B 1 78 ? -9.382  -12.217 3.668   1.00 34.19 ? 86  ARG B NE  1 
ATOM   1326 C CZ  . ARG B 1 78 ? -10.047 -13.021 2.839   1.00 35.30 ? 86  ARG B CZ  1 
ATOM   1327 N NH1 . ARG B 1 78 ? -11.327 -12.779 2.578   1.00 32.51 ? 86  ARG B NH1 1 
ATOM   1328 N NH2 . ARG B 1 78 ? -9.438  -14.052 2.258   1.00 29.31 ? 86  ARG B NH2 1 
ATOM   1329 N N   . LYS B 1 79 ? -8.026  -7.297  6.351   1.00 26.55 ? 87  LYS B N   1 
ATOM   1330 C CA  . LYS B 1 79 ? -8.499  -6.647  7.566   1.00 26.95 ? 87  LYS B CA  1 
ATOM   1331 C C   . LYS B 1 79 ? -8.906  -5.188  7.350   1.00 27.36 ? 87  LYS B C   1 
ATOM   1332 O O   . LYS B 1 79 ? -9.815  -4.699  8.009   1.00 26.44 ? 87  LYS B O   1 
ATOM   1333 C CB  . LYS B 1 79 ? -7.417  -6.733  8.643   1.00 28.99 ? 87  LYS B CB  1 
ATOM   1334 C CG  . LYS B 1 79 ? -7.865  -6.354  10.039  1.00 35.35 ? 87  LYS B CG  1 
ATOM   1335 C CD  . LYS B 1 79 ? -6.709  -6.512  11.043  1.00 39.83 ? 87  LYS B CD  1 
ATOM   1336 C CE  . LYS B 1 79 ? -6.151  -7.944  11.044  1.00 41.33 ? 87  LYS B CE  1 
ATOM   1337 N NZ  . LYS B 1 79 ? -5.029  -8.183  12.014  1.00 41.55 ? 87  LYS B NZ  1 
ATOM   1338 N N   . LEU B 1 80 ? -8.232  -4.489  6.440   1.00 27.24 ? 88  LEU B N   1 
ATOM   1339 C CA  . LEU B 1 80 ? -8.573  -3.092  6.167   1.00 29.45 ? 88  LEU B CA  1 
ATOM   1340 C C   . LEU B 1 80 ? -9.928  -2.977  5.490   1.00 29.05 ? 88  LEU B C   1 
ATOM   1341 O O   . LEU B 1 80 ? -10.703 -2.076  5.791   1.00 30.44 ? 88  LEU B O   1 
ATOM   1342 C CB  . LEU B 1 80 ? -7.517  -2.419  5.279   1.00 29.28 ? 88  LEU B CB  1 
ATOM   1343 C CG  . LEU B 1 80 ? -6.299  -1.802  5.969   1.00 32.01 ? 88  LEU B CG  1 
ATOM   1344 C CD1 . LEU B 1 80 ? -5.463  -1.070  4.929   1.00 33.85 ? 88  LEU B CD1 1 
ATOM   1345 C CD2 . LEU B 1 80 ? -6.742  -0.831  7.055   1.00 30.79 ? 88  LEU B CD2 1 
ATOM   1346 N N   . VAL B 1 81 ? -10.210 -3.892  4.573   1.00 30.80 ? 89  VAL B N   1 
ATOM   1347 C CA  . VAL B 1 81 ? -11.478 -3.868  3.864   1.00 32.81 ? 89  VAL B CA  1 
ATOM   1348 C C   . VAL B 1 81 ? -12.648 -4.024  4.827   1.00 36.14 ? 89  VAL B C   1 
ATOM   1349 O O   . VAL B 1 81 ? -13.765 -3.594  4.537   1.00 36.02 ? 89  VAL B O   1 
ATOM   1350 C CB  . VAL B 1 81 ? -11.523 -4.974  2.802   1.00 29.04 ? 89  VAL B CB  1 
ATOM   1351 C CG1 . VAL B 1 81 ? -12.850 -4.942  2.067   1.00 34.30 ? 89  VAL B CG1 1 
ATOM   1352 C CG2 . VAL B 1 81 ? -10.375 -4.783  1.834   1.00 24.20 ? 89  VAL B CG2 1 
ATOM   1353 N N   . GLU B 1 82 ? -12.390 -4.637  5.976   1.00 40.35 ? 90  GLU B N   1 
ATOM   1354 C CA  . GLU B 1 82 ? -13.438 -4.823  6.972   1.00 48.08 ? 90  GLU B CA  1 
ATOM   1355 C C   . GLU B 1 82 ? -13.951 -3.473  7.471   1.00 51.67 ? 90  GLU B C   1 
ATOM   1356 O O   . GLU B 1 82 ? -15.136 -3.161  7.218   1.00 52.28 ? 90  GLU B O   1 
ATOM   1357 C CB  . GLU B 1 82 ? -12.903 -5.637  8.150   1.00 51.87 ? 90  GLU B CB  1 
ATOM   1358 C CG  . GLU B 1 82 ? -12.731 -7.115  7.857   1.00 57.62 ? 90  GLU B CG  1 
ATOM   1359 C CD  . GLU B 1 82 ? -12.196 -7.877  9.054   1.00 62.12 ? 90  GLU B CD  1 
ATOM   1360 O OE1 . GLU B 1 82 ? -12.688 -7.634  10.179  1.00 63.03 ? 90  GLU B OE1 1 
ATOM   1361 O OE2 . GLU B 1 82 ? -11.288 -8.717  8.870   1.00 64.37 ? 90  GLU B OE2 1 
HETATM 1362 O O   . HOH C 2 .  ? 3.992   0.031   17.645  1.00 13.91 ? 101 HOH A O   1 
HETATM 1363 O O   . HOH C 2 .  ? -2.697  16.574  18.069  1.00 21.45 ? 102 HOH A O   1 
HETATM 1364 O O   . HOH C 2 .  ? -7.199  -16.871 -3.190  1.00 36.69 ? 103 HOH A O   1 
HETATM 1365 O O   . HOH C 2 .  ? 4.731   1.441   14.269  1.00 17.84 ? 104 HOH A O   1 
HETATM 1366 O O   . HOH C 2 .  ? -14.627 -4.887  -4.571  1.00 12.58 ? 105 HOH A O   1 
HETATM 1367 O O   . HOH C 2 .  ? 2.091   0.822   11.650  1.00 26.00 ? 106 HOH A O   1 
HETATM 1368 O O   . HOH C 2 .  ? -8.454  19.993  1.846   1.00 37.02 ? 107 HOH A O   1 
HETATM 1369 O O   . HOH C 2 .  ? 8.615   10.246  11.505  1.00 33.91 ? 108 HOH A O   1 
HETATM 1370 O O   . HOH C 2 .  ? 0.070   10.625  20.414  1.00 31.08 ? 109 HOH A O   1 
HETATM 1371 O O   . HOH C 2 .  ? 7.267   11.998  15.085  1.00 29.99 ? 110 HOH A O   1 
HETATM 1372 O O   . HOH C 2 .  ? 4.950   8.807   4.796   1.00 28.40 ? 111 HOH A O   1 
HETATM 1373 O O   . HOH C 2 .  ? -9.312  8.295   16.904  1.00 19.41 ? 112 HOH A O   1 
HETATM 1374 O O   . HOH C 2 .  ? -22.185 12.615  -0.803  1.00 33.91 ? 113 HOH A O   1 
HETATM 1375 O O   . HOH C 2 .  ? -12.564 18.161  -1.547  1.00 28.75 ? 114 HOH A O   1 
HETATM 1376 O O   . HOH C 2 .  ? 2.088   7.474   2.836   1.00 22.10 ? 115 HOH A O   1 
HETATM 1377 O O   . HOH C 2 .  ? 4.914   2.071   2.256   1.00 33.52 ? 116 HOH A O   1 
HETATM 1378 O O   . HOH C 2 .  ? -6.651  18.031  25.189  1.00 33.92 ? 117 HOH A O   1 
HETATM 1379 O O   . HOH C 2 .  ? -15.605 -0.613  2.348   1.00 41.89 ? 118 HOH A O   1 
HETATM 1380 O O   . HOH C 2 .  ? 2.017   14.988  21.112  1.00 39.00 ? 119 HOH A O   1 
HETATM 1381 O O   . HOH C 2 .  ? -14.023 11.616  7.893   1.00 26.88 ? 120 HOH A O   1 
HETATM 1382 O O   . HOH C 2 .  ? -8.344  -4.557  -7.740  1.00 32.95 ? 121 HOH A O   1 
HETATM 1383 O O   . HOH C 2 .  ? -17.154 17.117  1.929   1.00 32.93 ? 122 HOH A O   1 
HETATM 1384 O O   . HOH C 2 .  ? -17.480 22.930  10.273  1.00 56.78 ? 123 HOH A O   1 
HETATM 1385 O O   . HOH C 2 .  ? 5.114   17.855  14.825  1.00 53.21 ? 124 HOH A O   1 
HETATM 1386 O O   . HOH C 2 .  ? -10.825 10.436  17.060  1.00 36.52 ? 125 HOH A O   1 
HETATM 1387 O O   . HOH C 2 .  ? -9.039  3.089   17.030  1.00 43.23 ? 126 HOH A O   1 
HETATM 1388 O O   . HOH C 2 .  ? -5.781  0.852   13.674  1.00 56.13 ? 127 HOH A O   1 
HETATM 1389 O O   . HOH C 2 .  ? 3.925   15.102  1.326   1.00 38.32 ? 128 HOH A O   1 
HETATM 1390 O O   . HOH C 2 .  ? -11.651 -6.141  -11.352 1.00 48.93 ? 129 HOH A O   1 
HETATM 1391 O O   . HOH C 2 .  ? -10.073 -14.970 -1.856  1.00 50.50 ? 130 HOH A O   1 
HETATM 1392 O O   . HOH C 2 .  ? -12.214 8.215   -6.227  1.00 38.00 ? 131 HOH A O   1 
HETATM 1393 O O   . HOH C 2 .  ? -3.683  2.372   -4.040  1.00 33.53 ? 132 HOH A O   1 
HETATM 1394 O O   . HOH C 2 .  ? -14.885 22.219  2.632   1.00 59.27 ? 133 HOH A O   1 
HETATM 1395 O O   . HOH C 2 .  ? -4.564  11.643  -6.104  1.00 45.14 ? 134 HOH A O   1 
HETATM 1396 O O   . HOH C 2 .  ? -23.482 14.879  -0.647  1.00 47.74 ? 135 HOH A O   1 
HETATM 1397 O O   . HOH C 2 .  ? -6.958  13.267  23.122  1.00 52.05 ? 136 HOH A O   1 
HETATM 1398 O O   . HOH C 2 .  ? -6.053  2.217   10.160  1.00 33.30 ? 137 HOH A O   1 
HETATM 1399 O O   . HOH C 2 .  ? 0.286   9.398   23.056  1.00 33.07 ? 138 HOH A O   1 
HETATM 1400 O O   . HOH C 2 .  ? 3.514   -1.275  9.226   1.00 35.92 ? 139 HOH A O   1 
HETATM 1401 O O   . HOH C 2 .  ? -2.874  23.183  9.412   1.00 50.34 ? 140 HOH A O   1 
HETATM 1402 O O   . HOH C 2 .  ? -16.367 5.178   -4.240  1.00 28.22 ? 141 HOH A O   1 
HETATM 1403 O O   . HOH C 2 .  ? -17.851 7.588   11.093  1.00 45.94 ? 142 HOH A O   1 
HETATM 1404 O O   . HOH C 2 .  ? -16.139 24.912  21.058  1.00 41.80 ? 143 HOH A O   1 
HETATM 1405 O O   . HOH C 2 .  ? -12.869 10.938  -5.238  1.00 36.23 ? 144 HOH A O   1 
HETATM 1406 O O   . HOH C 2 .  ? 3.661   18.013  7.406   1.00 59.29 ? 145 HOH A O   1 
HETATM 1407 O O   . HOH C 2 .  ? -4.633  9.498   21.589  1.00 33.44 ? 146 HOH A O   1 
HETATM 1408 O O   . HOH C 2 .  ? -6.825  8.449   -8.096  1.00 59.09 ? 147 HOH A O   1 
HETATM 1409 O O   . HOH C 2 .  ? -1.060  14.092  22.843  1.00 64.08 ? 148 HOH A O   1 
HETATM 1410 O O   . HOH C 2 .  ? -19.853 5.185   11.778  1.00 50.55 ? 149 HOH A O   1 
HETATM 1411 O O   . HOH C 2 .  ? -7.068  26.921  12.586  1.00 41.72 ? 150 HOH A O   1 
HETATM 1412 O O   . HOH D 2 .  ? 14.290  -7.846  -18.885 1.00 25.43 ? 101 HOH B O   1 
HETATM 1413 O O   . HOH D 2 .  ? 18.652  -14.710 -7.120  1.00 12.11 ? 102 HOH B O   1 
HETATM 1414 O O   . HOH D 2 .  ? 16.895  -13.365 -2.547  1.00 17.25 ? 103 HOH B O   1 
HETATM 1415 O O   . HOH D 2 .  ? 9.311   -11.336 6.636   1.00 27.74 ? 104 HOH B O   1 
HETATM 1416 O O   . HOH D 2 .  ? 14.386  -9.871  -16.103 1.00 26.97 ? 105 HOH B O   1 
HETATM 1417 O O   . HOH D 2 .  ? -2.258  2.339   -6.681  1.00 24.49 ? 106 HOH B O   1 
HETATM 1418 O O   . HOH D 2 .  ? -13.078 -0.082  7.216   1.00 35.84 ? 107 HOH B O   1 
HETATM 1419 O O   . HOH D 2 .  ? -0.556  -10.517 9.014   1.00 29.30 ? 108 HOH B O   1 
HETATM 1420 O O   . HOH D 2 .  ? -0.615  -18.419 -5.141  1.00 34.17 ? 109 HOH B O   1 
HETATM 1421 O O   . HOH D 2 .  ? 5.088   -4.609  6.743   1.00 40.69 ? 110 HOH B O   1 
HETATM 1422 O O   . HOH D 2 .  ? -0.625  -7.138  -10.127 1.00 28.52 ? 111 HOH B O   1 
HETATM 1423 O O   . HOH D 2 .  ? 6.690   -17.224 -7.460  1.00 27.75 ? 112 HOH B O   1 
HETATM 1424 O O   . HOH D 2 .  ? -15.566 -0.236  6.811   1.00 44.52 ? 113 HOH B O   1 
HETATM 1425 O O   . HOH D 2 .  ? 7.323   5.094   -10.470 1.00 35.54 ? 114 HOH B O   1 
HETATM 1426 O O   . HOH D 2 .  ? 4.314   -11.792 -16.701 1.00 31.30 ? 115 HOH B O   1 
HETATM 1427 O O   . HOH D 2 .  ? 11.313  -22.327 -3.721  1.00 59.54 ? 116 HOH B O   1 
HETATM 1428 O O   . HOH D 2 .  ? 5.541   -14.352 -16.702 1.00 39.79 ? 117 HOH B O   1 
HETATM 1429 O O   . HOH D 2 .  ? 8.257   -1.388  -19.517 1.00 37.24 ? 118 HOH B O   1 
HETATM 1430 O O   . HOH D 2 .  ? 2.302   -19.045 3.220   1.00 37.76 ? 119 HOH B O   1 
HETATM 1431 O O   . HOH D 2 .  ? 11.867  3.030   -15.902 1.00 32.24 ? 120 HOH B O   1 
HETATM 1432 O O   . HOH D 2 .  ? 13.729  -10.590 6.061   1.00 51.35 ? 121 HOH B O   1 
HETATM 1433 O O   . HOH D 2 .  ? 8.800   -6.886  -23.960 1.00 55.67 ? 122 HOH B O   1 
HETATM 1434 O O   . HOH D 2 .  ? 19.899  -7.806  -9.433  1.00 32.16 ? 123 HOH B O   1 
HETATM 1435 O O   . HOH D 2 .  ? 16.424  -21.778 -16.572 1.00 44.81 ? 124 HOH B O   1 
HETATM 1436 O O   . HOH D 2 .  ? 15.395  -16.949 0.774   1.00 29.63 ? 125 HOH B O   1 
HETATM 1437 O O   . HOH D 2 .  ? 7.752   -8.621  7.841   1.00 40.35 ? 126 HOH B O   1 
HETATM 1438 O O   . HOH D 2 .  ? 5.893   -20.547 -14.274 1.00 42.28 ? 127 HOH B O   1 
HETATM 1439 O O   . HOH D 2 .  ? -4.046  -6.967  -10.456 1.00 47.09 ? 128 HOH B O   1 
HETATM 1440 O O   . HOH D 2 .  ? 9.203   2.442   -5.087  1.00 31.67 ? 129 HOH B O   1 
HETATM 1441 O O   . HOH D 2 .  ? 10.108  -22.838 -20.176 1.00 59.21 ? 130 HOH B O   1 
HETATM 1442 O O   . HOH D 2 .  ? -9.993  -11.241 8.343   1.00 34.42 ? 131 HOH B O   1 
HETATM 1443 O O   . HOH D 2 .  ? 19.476  -5.733  -10.840 1.00 39.97 ? 132 HOH B O   1 
HETATM 1444 O O   . HOH D 2 .  ? 8.473   -25.184 3.324   1.00 58.67 ? 133 HOH B O   1 
HETATM 1445 O O   . HOH D 2 .  ? 17.878  -6.903  5.226   1.00 45.70 ? 134 HOH B O   1 
HETATM 1446 O O   . HOH D 2 .  ? 20.125  -16.706 -8.573  1.00 45.58 ? 135 HOH B O   1 
HETATM 1447 O O   . HOH D 2 .  ? 18.742  0.341   -5.964  1.00 29.86 ? 136 HOH B O   1 
HETATM 1448 O O   . HOH D 2 .  ? 8.830   -8.801  -21.963 1.00 40.58 ? 137 HOH B O   1 
HETATM 1449 O O   . HOH D 2 .  ? 4.378   -20.961 -6.966  1.00 47.64 ? 138 HOH B O   1 
HETATM 1450 O O   . HOH D 2 .  ? 3.163   -22.749 -4.426  1.00 51.48 ? 139 HOH B O   1 
HETATM 1451 O O   . HOH D 2 .  ? 2.838   3.967   -2.562  1.00 51.18 ? 140 HOH B O   1 
HETATM 1452 O O   . HOH D 2 .  ? 12.620  -20.846 -0.897  1.00 30.05 ? 141 HOH B O   1 
HETATM 1453 O O   . HOH D 2 .  ? 16.571  -0.671  -4.335  1.00 28.58 ? 142 HOH B O   1 
HETATM 1454 O O   . HOH D 2 .  ? 0.925   -3.730  5.151   1.00 82.17 ? 143 HOH B O   1 
HETATM 1455 O O   . HOH D 2 .  ? 9.226   -21.777 -12.100 1.00 48.22 ? 144 HOH B O   1 
HETATM 1456 O O   . HOH D 2 .  ? 9.910   -3.004  -20.379 1.00 36.53 ? 145 HOH B O   1 
HETATM 1457 O O   . HOH D 2 .  ? -2.153  -7.993  10.606  1.00 55.34 ? 146 HOH B O   1 
HETATM 1458 O O   . HOH D 2 .  ? -7.391  -11.198 8.525   1.00 37.35 ? 147 HOH B O   1 
HETATM 1459 O O   . HOH D 2 .  ? 16.103  -9.054  8.050   1.00 36.66 ? 148 HOH B O   1 
HETATM 1460 O O   . HOH D 2 .  ? -14.203 -10.058 2.359   1.00 43.56 ? 149 HOH B O   1 
HETATM 1461 O O   . HOH D 2 .  ? 24.624  -12.745 -22.254 1.00 45.31 ? 150 HOH B O   1 
# 
